data_3JQ5
# 
_entry.id   3JQ5 
# 
_audit_conform.dict_name       mmcif_pdbx.dic 
_audit_conform.dict_version    5.397 
_audit_conform.dict_location   http://mmcif.pdb.org/dictionaries/ascii/mmcif_pdbx.dic 
# 
loop_
_database_2.database_id 
_database_2.database_code 
_database_2.pdbx_database_accession 
_database_2.pdbx_DOI 
PDB   3JQ5         pdb_00003jq5 10.2210/pdb3jq5/pdb 
RCSB  RCSB055018   ?            ?                   
WWPDB D_1000055018 ?            ?                   
# 
loop_
_pdbx_audit_revision_history.ordinal 
_pdbx_audit_revision_history.data_content_type 
_pdbx_audit_revision_history.major_revision 
_pdbx_audit_revision_history.minor_revision 
_pdbx_audit_revision_history.revision_date 
1 'Structure model' 1 0 2009-09-29 
2 'Structure model' 1 1 2011-07-13 
3 'Structure model' 1 2 2023-11-01 
4 'Structure model' 1 3 2024-10-30 
# 
_pdbx_audit_revision_details.ordinal             1 
_pdbx_audit_revision_details.revision_ordinal    1 
_pdbx_audit_revision_details.data_content_type   'Structure model' 
_pdbx_audit_revision_details.provider            repository 
_pdbx_audit_revision_details.type                'Initial release' 
_pdbx_audit_revision_details.description         ? 
_pdbx_audit_revision_details.details             ? 
# 
loop_
_pdbx_audit_revision_group.ordinal 
_pdbx_audit_revision_group.revision_ordinal 
_pdbx_audit_revision_group.data_content_type 
_pdbx_audit_revision_group.group 
1 2 'Structure model' 'Version format compliance' 
2 3 'Structure model' 'Data collection'           
3 3 'Structure model' 'Database references'       
4 3 'Structure model' 'Derived calculations'      
5 3 'Structure model' 'Refinement description'    
6 4 'Structure model' 'Structure summary'         
# 
loop_
_pdbx_audit_revision_category.ordinal 
_pdbx_audit_revision_category.revision_ordinal 
_pdbx_audit_revision_category.data_content_type 
_pdbx_audit_revision_category.category 
1 3 'Structure model' chem_comp_atom                
2 3 'Structure model' chem_comp_bond                
3 3 'Structure model' database_2                    
4 3 'Structure model' pdbx_initial_refinement_model 
5 3 'Structure model' pdbx_struct_conn_angle        
6 3 'Structure model' struct_conn                   
7 3 'Structure model' struct_site                   
8 4 'Structure model' pdbx_entry_details            
9 4 'Structure model' pdbx_modification_feature     
# 
loop_
_pdbx_audit_revision_item.ordinal 
_pdbx_audit_revision_item.revision_ordinal 
_pdbx_audit_revision_item.data_content_type 
_pdbx_audit_revision_item.item 
1  3 'Structure model' '_database_2.pdbx_DOI'                         
2  3 'Structure model' '_database_2.pdbx_database_accession'          
3  3 'Structure model' '_pdbx_struct_conn_angle.ptnr1_auth_asym_id'   
4  3 'Structure model' '_pdbx_struct_conn_angle.ptnr1_auth_comp_id'   
5  3 'Structure model' '_pdbx_struct_conn_angle.ptnr1_auth_seq_id'    
6  3 'Structure model' '_pdbx_struct_conn_angle.ptnr1_label_asym_id'  
7  3 'Structure model' '_pdbx_struct_conn_angle.ptnr1_label_atom_id'  
8  3 'Structure model' '_pdbx_struct_conn_angle.ptnr1_label_comp_id'  
9  3 'Structure model' '_pdbx_struct_conn_angle.ptnr1_label_seq_id'   
10 3 'Structure model' '_pdbx_struct_conn_angle.ptnr3_auth_asym_id'   
11 3 'Structure model' '_pdbx_struct_conn_angle.ptnr3_auth_comp_id'   
12 3 'Structure model' '_pdbx_struct_conn_angle.ptnr3_auth_seq_id'    
13 3 'Structure model' '_pdbx_struct_conn_angle.ptnr3_label_asym_id'  
14 3 'Structure model' '_pdbx_struct_conn_angle.ptnr3_label_atom_id'  
15 3 'Structure model' '_pdbx_struct_conn_angle.ptnr3_label_comp_id'  
16 3 'Structure model' '_pdbx_struct_conn_angle.ptnr3_label_seq_id'   
17 3 'Structure model' '_pdbx_struct_conn_angle.value'                
18 3 'Structure model' '_struct_conn.pdbx_dist_value'                 
19 3 'Structure model' '_struct_conn.ptnr1_auth_asym_id'              
20 3 'Structure model' '_struct_conn.ptnr1_auth_comp_id'              
21 3 'Structure model' '_struct_conn.ptnr1_auth_seq_id'               
22 3 'Structure model' '_struct_conn.ptnr1_label_asym_id'             
23 3 'Structure model' '_struct_conn.ptnr1_label_atom_id'             
24 3 'Structure model' '_struct_conn.ptnr1_label_comp_id'             
25 3 'Structure model' '_struct_conn.ptnr1_label_seq_id'              
26 3 'Structure model' '_struct_conn.ptnr2_auth_asym_id'              
27 3 'Structure model' '_struct_conn.ptnr2_auth_comp_id'              
28 3 'Structure model' '_struct_conn.ptnr2_auth_seq_id'               
29 3 'Structure model' '_struct_conn.ptnr2_label_asym_id'             
30 3 'Structure model' '_struct_conn.ptnr2_label_atom_id'             
31 3 'Structure model' '_struct_conn.ptnr2_label_comp_id'             
32 3 'Structure model' '_struct_conn.ptnr2_label_seq_id'              
33 3 'Structure model' '_struct_site.pdbx_auth_asym_id'               
34 3 'Structure model' '_struct_site.pdbx_auth_comp_id'               
35 3 'Structure model' '_struct_site.pdbx_auth_seq_id'                
36 4 'Structure model' '_pdbx_entry_details.has_protein_modification' 
# 
_pdbx_database_status.status_code                     REL 
_pdbx_database_status.entry_id                        3JQ5 
_pdbx_database_status.recvd_initial_deposition_date   2009-09-06 
_pdbx_database_status.deposit_site                    RCSB 
_pdbx_database_status.process_site                    PDBJ 
_pdbx_database_status.status_code_sf                  REL 
_pdbx_database_status.status_code_mr                  ? 
_pdbx_database_status.SG_entry                        ? 
_pdbx_database_status.pdb_format_compatible           Y 
_pdbx_database_status.status_code_cs                  ? 
_pdbx_database_status.status_code_nmr_data            ? 
_pdbx_database_status.methods_development_category    ? 
# 
loop_
_pdbx_database_related.db_name 
_pdbx_database_related.db_id 
_pdbx_database_related.details 
_pdbx_database_related.content_type 
PDB 1MF4 . unspecified 
PDB 3JQL . unspecified 
# 
loop_
_audit_author.name 
_audit_author.pdbx_ordinal 
'Mirza, Z.'      1 
'Vikram, G.'     2 
'Singh, N.'      3 
'Sinha, M.'      4 
'Bhushan, A.'    5 
'Sharma, S.'     6 
'Srinivasan, A.' 7 
'Kaur, P.'       8 
'Singh, T.P.'    9 
# 
_citation.id                        primary 
_citation.title                     
;Phospholipase A2 Prevents the Aggregation of Amyloid Beta Peptides: Crystal Structure of the Complex of Phospholipase A2 with Octapeptide Fragment of Amyloid Beta Peptide, Asp-Ala-Glu-Phe-Arg-His-Asp-Ser at 2 A Resolution
;
_citation.journal_abbrev            'To be Published' 
_citation.journal_volume            ? 
_citation.page_first                ? 
_citation.page_last                 ? 
_citation.year                      ? 
_citation.journal_id_ASTM           ? 
_citation.country                   ? 
_citation.journal_id_ISSN           ? 
_citation.journal_id_CSD            0353 
_citation.book_publisher            ? 
_citation.pdbx_database_id_PubMed   ? 
_citation.pdbx_database_id_DOI      ? 
# 
loop_
_citation_author.citation_id 
_citation_author.name 
_citation_author.ordinal 
_citation_author.identifier_ORCID 
primary 'Mirza, Z.'      1 ? 
primary 'Vikram, G.'     2 ? 
primary 'Singh, N.'      3 ? 
primary 'Sinha, M.'      4 ? 
primary 'Bhushan, A.'    5 ? 
primary 'Sharma, S.'     6 ? 
primary 'Srinivasan, A.' 7 ? 
primary 'Kaur, P.'       8 ? 
primary 'Singh, T.P.'    9 ? 
# 
loop_
_entity.id 
_entity.type 
_entity.src_method 
_entity.pdbx_description 
_entity.formula_weight 
_entity.pdbx_number_of_molecules 
_entity.pdbx_ec 
_entity.pdbx_mutation 
_entity.pdbx_fragment 
_entity.details 
1 polymer     nat 'Phospholipase A2 isoform 3' 13128.515 1  3.1.1.4 ? ? ? 
2 polymer     syn 'Amyloid Beta Peptide'       977.975   1  ?       ? ? ? 
3 non-polymer syn 'CALCIUM ION'                40.078    1  ?       ? ? ? 
4 water       nat water                        18.015    99 ?       ? ? ? 
# 
_entity_name_com.entity_id   1 
_entity_name_com.name        'Phosphatidylcholine 2-acylhydrolase' 
# 
loop_
_entity_poly.entity_id 
_entity_poly.type 
_entity_poly.nstd_linkage 
_entity_poly.nstd_monomer 
_entity_poly.pdbx_seq_one_letter_code 
_entity_poly.pdbx_seq_one_letter_code_can 
_entity_poly.pdbx_strand_id 
_entity_poly.pdbx_target_identifier 
1 'polypeptide(L)' no no 
;NLYQFKNMIQCTVPSRSWADFADYGCYCGKGGSGTPVDDLDRCCQTHDNCYNEAENISGCRPYFKTYSYECTQGTLTCKG
DNNACAASVCDCDRLAAICFAGAPYNDANYNIDLKARCN
;
;NLYQFKNMIQCTVPSRSWADFADYGCYCGKGGSGTPVDDLDRCCQTHDNCYNEAENISGCRPYFKTYSYECTQGTLTCKG
DNNACAASVCDCDRLAAICFAGAPYNDANYNIDLKARCN
;
A ? 
2 'polypeptide(L)' no no DAEFRHDS DAEFRHDS B ? 
# 
loop_
_pdbx_entity_nonpoly.entity_id 
_pdbx_entity_nonpoly.name 
_pdbx_entity_nonpoly.comp_id 
3 'CALCIUM ION' CA  
4 water         HOH 
# 
loop_
_entity_poly_seq.entity_id 
_entity_poly_seq.num 
_entity_poly_seq.mon_id 
_entity_poly_seq.hetero 
1 1   ASN n 
1 2   LEU n 
1 3   TYR n 
1 4   GLN n 
1 5   PHE n 
1 6   LYS n 
1 7   ASN n 
1 8   MET n 
1 9   ILE n 
1 10  GLN n 
1 11  CYS n 
1 12  THR n 
1 13  VAL n 
1 14  PRO n 
1 15  SER n 
1 16  ARG n 
1 17  SER n 
1 18  TRP n 
1 19  ALA n 
1 20  ASP n 
1 21  PHE n 
1 22  ALA n 
1 23  ASP n 
1 24  TYR n 
1 25  GLY n 
1 26  CYS n 
1 27  TYR n 
1 28  CYS n 
1 29  GLY n 
1 30  LYS n 
1 31  GLY n 
1 32  GLY n 
1 33  SER n 
1 34  GLY n 
1 35  THR n 
1 36  PRO n 
1 37  VAL n 
1 38  ASP n 
1 39  ASP n 
1 40  LEU n 
1 41  ASP n 
1 42  ARG n 
1 43  CYS n 
1 44  CYS n 
1 45  GLN n 
1 46  THR n 
1 47  HIS n 
1 48  ASP n 
1 49  ASN n 
1 50  CYS n 
1 51  TYR n 
1 52  ASN n 
1 53  GLU n 
1 54  ALA n 
1 55  GLU n 
1 56  ASN n 
1 57  ILE n 
1 58  SER n 
1 59  GLY n 
1 60  CYS n 
1 61  ARG n 
1 62  PRO n 
1 63  TYR n 
1 64  PHE n 
1 65  LYS n 
1 66  THR n 
1 67  TYR n 
1 68  SER n 
1 69  TYR n 
1 70  GLU n 
1 71  CYS n 
1 72  THR n 
1 73  GLN n 
1 74  GLY n 
1 75  THR n 
1 76  LEU n 
1 77  THR n 
1 78  CYS n 
1 79  LYS n 
1 80  GLY n 
1 81  ASP n 
1 82  ASN n 
1 83  ASN n 
1 84  ALA n 
1 85  CYS n 
1 86  ALA n 
1 87  ALA n 
1 88  SER n 
1 89  VAL n 
1 90  CYS n 
1 91  ASP n 
1 92  CYS n 
1 93  ASP n 
1 94  ARG n 
1 95  LEU n 
1 96  ALA n 
1 97  ALA n 
1 98  ILE n 
1 99  CYS n 
1 100 PHE n 
1 101 ALA n 
1 102 GLY n 
1 103 ALA n 
1 104 PRO n 
1 105 TYR n 
1 106 ASN n 
1 107 ASP n 
1 108 ALA n 
1 109 ASN n 
1 110 TYR n 
1 111 ASN n 
1 112 ILE n 
1 113 ASP n 
1 114 LEU n 
1 115 LYS n 
1 116 ALA n 
1 117 ARG n 
1 118 CYS n 
1 119 ASN n 
2 1   ASP n 
2 2   ALA n 
2 3   GLU n 
2 4   PHE n 
2 5   ARG n 
2 6   HIS n 
2 7   ASP n 
2 8   SER n 
# 
_entity_src_nat.entity_id                  1 
_entity_src_nat.pdbx_src_id                1 
_entity_src_nat.pdbx_alt_source_flag       sample 
_entity_src_nat.pdbx_beg_seq_num           ? 
_entity_src_nat.pdbx_end_seq_num           ? 
_entity_src_nat.common_name                'Andaman cobra' 
_entity_src_nat.pdbx_organism_scientific   'Naja sagittifera' 
_entity_src_nat.pdbx_ncbi_taxonomy_id      195058 
_entity_src_nat.genus                      ? 
_entity_src_nat.species                    ? 
_entity_src_nat.strain                     ? 
_entity_src_nat.tissue                     ? 
_entity_src_nat.tissue_fraction            ? 
_entity_src_nat.pdbx_secretion             ? 
_entity_src_nat.pdbx_fragment              ? 
_entity_src_nat.pdbx_variant               ? 
_entity_src_nat.pdbx_cell_line             ? 
_entity_src_nat.pdbx_atcc                  ? 
_entity_src_nat.pdbx_cellular_location     ? 
_entity_src_nat.pdbx_organ                 ? 
_entity_src_nat.pdbx_organelle             ? 
_entity_src_nat.pdbx_cell                  ? 
_entity_src_nat.pdbx_plasmid_name          ? 
_entity_src_nat.pdbx_plasmid_details       ? 
_entity_src_nat.details                    ? 
# 
_pdbx_entity_src_syn.entity_id              2 
_pdbx_entity_src_syn.pdbx_src_id            1 
_pdbx_entity_src_syn.pdbx_alt_source_flag   sample 
_pdbx_entity_src_syn.pdbx_beg_seq_num       ? 
_pdbx_entity_src_syn.pdbx_end_seq_num       ? 
_pdbx_entity_src_syn.organism_scientific    ? 
_pdbx_entity_src_syn.organism_common_name   ? 
_pdbx_entity_src_syn.ncbi_taxonomy_id       ? 
_pdbx_entity_src_syn.details                'Peptide synthesis' 
# 
loop_
_chem_comp.id 
_chem_comp.type 
_chem_comp.mon_nstd_flag 
_chem_comp.name 
_chem_comp.pdbx_synonyms 
_chem_comp.formula 
_chem_comp.formula_weight 
ALA 'L-peptide linking' y ALANINE         ? 'C3 H7 N O2'     89.093  
ARG 'L-peptide linking' y ARGININE        ? 'C6 H15 N4 O2 1' 175.209 
ASN 'L-peptide linking' y ASPARAGINE      ? 'C4 H8 N2 O3'    132.118 
ASP 'L-peptide linking' y 'ASPARTIC ACID' ? 'C4 H7 N O4'     133.103 
CA  non-polymer         . 'CALCIUM ION'   ? 'Ca 2'           40.078  
CYS 'L-peptide linking' y CYSTEINE        ? 'C3 H7 N O2 S'   121.158 
GLN 'L-peptide linking' y GLUTAMINE       ? 'C5 H10 N2 O3'   146.144 
GLU 'L-peptide linking' y 'GLUTAMIC ACID' ? 'C5 H9 N O4'     147.129 
GLY 'peptide linking'   y GLYCINE         ? 'C2 H5 N O2'     75.067  
HIS 'L-peptide linking' y HISTIDINE       ? 'C6 H10 N3 O2 1' 156.162 
HOH non-polymer         . WATER           ? 'H2 O'           18.015  
ILE 'L-peptide linking' y ISOLEUCINE      ? 'C6 H13 N O2'    131.173 
LEU 'L-peptide linking' y LEUCINE         ? 'C6 H13 N O2'    131.173 
LYS 'L-peptide linking' y LYSINE          ? 'C6 H15 N2 O2 1' 147.195 
MET 'L-peptide linking' y METHIONINE      ? 'C5 H11 N O2 S'  149.211 
PHE 'L-peptide linking' y PHENYLALANINE   ? 'C9 H11 N O2'    165.189 
PRO 'L-peptide linking' y PROLINE         ? 'C5 H9 N O2'     115.130 
SER 'L-peptide linking' y SERINE          ? 'C3 H7 N O3'     105.093 
THR 'L-peptide linking' y THREONINE       ? 'C4 H9 N O3'     119.119 
TRP 'L-peptide linking' y TRYPTOPHAN      ? 'C11 H12 N2 O2'  204.225 
TYR 'L-peptide linking' y TYROSINE        ? 'C9 H11 N O3'    181.189 
VAL 'L-peptide linking' y VALINE          ? 'C5 H11 N O2'    117.146 
# 
loop_
_pdbx_poly_seq_scheme.asym_id 
_pdbx_poly_seq_scheme.entity_id 
_pdbx_poly_seq_scheme.seq_id 
_pdbx_poly_seq_scheme.mon_id 
_pdbx_poly_seq_scheme.ndb_seq_num 
_pdbx_poly_seq_scheme.pdb_seq_num 
_pdbx_poly_seq_scheme.auth_seq_num 
_pdbx_poly_seq_scheme.pdb_mon_id 
_pdbx_poly_seq_scheme.auth_mon_id 
_pdbx_poly_seq_scheme.pdb_strand_id 
_pdbx_poly_seq_scheme.pdb_ins_code 
_pdbx_poly_seq_scheme.hetero 
A 1 1   ASN 1   1   1   ASN ASN A . n 
A 1 2   LEU 2   2   2   LEU LEU A . n 
A 1 3   TYR 3   3   3   TYR TYR A . n 
A 1 4   GLN 4   4   4   GLN GLN A . n 
A 1 5   PHE 5   5   5   PHE PHE A . n 
A 1 6   LYS 6   6   6   LYS LYS A . n 
A 1 7   ASN 7   7   7   ASN ASN A . n 
A 1 8   MET 8   8   8   MET MET A . n 
A 1 9   ILE 9   9   9   ILE ILE A . n 
A 1 10  GLN 10  10  10  GLN GLN A . n 
A 1 11  CYS 11  11  11  CYS CYS A . n 
A 1 12  THR 12  12  12  THR THR A . n 
A 1 13  VAL 13  13  13  VAL VAL A . n 
A 1 14  PRO 14  14  14  PRO PRO A . n 
A 1 15  SER 15  15  15  SER SER A . n 
A 1 16  ARG 16  17  17  ARG ARG A . n 
A 1 17  SER 17  18  18  SER SER A . n 
A 1 18  TRP 18  19  19  TRP TRP A . n 
A 1 19  ALA 19  20  20  ALA ALA A . n 
A 1 20  ASP 20  21  21  ASP ASP A . n 
A 1 21  PHE 21  22  22  PHE PHE A . n 
A 1 22  ALA 22  23  23  ALA ALA A . n 
A 1 23  ASP 23  24  24  ASP ASP A . n 
A 1 24  TYR 24  25  25  TYR TYR A . n 
A 1 25  GLY 25  26  26  GLY GLY A . n 
A 1 26  CYS 26  27  27  CYS CYS A . n 
A 1 27  TYR 27  28  28  TYR TYR A . n 
A 1 28  CYS 28  29  29  CYS CYS A . n 
A 1 29  GLY 29  30  30  GLY GLY A . n 
A 1 30  LYS 30  31  31  LYS LYS A . n 
A 1 31  GLY 31  32  32  GLY GLY A . n 
A 1 32  GLY 32  33  33  GLY GLY A . n 
A 1 33  SER 33  34  34  SER SER A . n 
A 1 34  GLY 34  35  35  GLY GLY A . n 
A 1 35  THR 35  36  36  THR THR A . n 
A 1 36  PRO 36  37  37  PRO PRO A . n 
A 1 37  VAL 37  38  38  VAL VAL A . n 
A 1 38  ASP 38  39  39  ASP ASP A . n 
A 1 39  ASP 39  40  40  ASP ASP A . n 
A 1 40  LEU 40  41  41  LEU LEU A . n 
A 1 41  ASP 41  42  42  ASP ASP A . n 
A 1 42  ARG 42  43  43  ARG ARG A . n 
A 1 43  CYS 43  44  44  CYS CYS A . n 
A 1 44  CYS 44  45  45  CYS CYS A . n 
A 1 45  GLN 45  46  46  GLN GLN A . n 
A 1 46  THR 46  47  47  THR THR A . n 
A 1 47  HIS 47  48  48  HIS HIS A . n 
A 1 48  ASP 48  49  49  ASP ASP A . n 
A 1 49  ASN 49  50  50  ASN ASN A . n 
A 1 50  CYS 50  51  51  CYS CYS A . n 
A 1 51  TYR 51  52  52  TYR TYR A . n 
A 1 52  ASN 52  53  53  ASN ASN A . n 
A 1 53  GLU 53  54  54  GLU GLU A . n 
A 1 54  ALA 54  55  55  ALA ALA A . n 
A 1 55  GLU 55  56  56  GLU GLU A . n 
A 1 56  ASN 56  57  57  ASN ASN A . n 
A 1 57  ILE 57  58  58  ILE ILE A . n 
A 1 58  SER 58  59  59  SER SER A . n 
A 1 59  GLY 59  60  60  GLY GLY A . n 
A 1 60  CYS 60  61  61  CYS CYS A . n 
A 1 61  ARG 61  62  62  ARG ARG A . n 
A 1 62  PRO 62  63  63  PRO PRO A . n 
A 1 63  TYR 63  64  64  TYR TYR A . n 
A 1 64  PHE 64  65  65  PHE PHE A . n 
A 1 65  LYS 65  66  66  LYS LYS A . n 
A 1 66  THR 66  67  67  THR THR A . n 
A 1 67  TYR 67  68  68  TYR TYR A . n 
A 1 68  SER 68  69  69  SER SER A . n 
A 1 69  TYR 69  70  70  TYR TYR A . n 
A 1 70  GLU 70  71  71  GLU GLU A . n 
A 1 71  CYS 71  72  72  CYS CYS A . n 
A 1 72  THR 72  73  73  THR THR A . n 
A 1 73  GLN 73  74  74  GLN GLN A . n 
A 1 74  GLY 74  75  75  GLY GLY A . n 
A 1 75  THR 75  76  76  THR THR A . n 
A 1 76  LEU 76  77  77  LEU LEU A . n 
A 1 77  THR 77  78  78  THR THR A . n 
A 1 78  CYS 78  79  79  CYS CYS A . n 
A 1 79  LYS 79  80  80  LYS LYS A . n 
A 1 80  GLY 80  81  81  GLY GLY A . n 
A 1 81  ASP 81  82  82  ASP ASP A . n 
A 1 82  ASN 82  83  83  ASN ASN A . n 
A 1 83  ASN 83  84  84  ASN ASN A . n 
A 1 84  ALA 84  85  85  ALA ALA A . n 
A 1 85  CYS 85  86  86  CYS CYS A . n 
A 1 86  ALA 86  87  87  ALA ALA A . n 
A 1 87  ALA 87  88  88  ALA ALA A . n 
A 1 88  SER 88  89  89  SER SER A . n 
A 1 89  VAL 89  90  90  VAL VAL A . n 
A 1 90  CYS 90  91  91  CYS CYS A . n 
A 1 91  ASP 91  92  92  ASP ASP A . n 
A 1 92  CYS 92  93  93  CYS CYS A . n 
A 1 93  ASP 93  94  94  ASP ASP A . n 
A 1 94  ARG 94  95  95  ARG ARG A . n 
A 1 95  LEU 95  96  96  LEU LEU A . n 
A 1 96  ALA 96  97  97  ALA ALA A . n 
A 1 97  ALA 97  98  98  ALA ALA A . n 
A 1 98  ILE 98  99  99  ILE ILE A . n 
A 1 99  CYS 99  100 100 CYS CYS A . n 
A 1 100 PHE 100 101 101 PHE PHE A . n 
A 1 101 ALA 101 102 102 ALA ALA A . n 
A 1 102 GLY 102 103 103 GLY GLY A . n 
A 1 103 ALA 103 104 104 ALA ALA A . n 
A 1 104 PRO 104 105 105 PRO PRO A . n 
A 1 105 TYR 105 106 106 TYR TYR A . n 
A 1 106 ASN 106 107 107 ASN ASN A . n 
A 1 107 ASP 107 108 108 ASP ASP A . n 
A 1 108 ALA 108 109 109 ALA ALA A . n 
A 1 109 ASN 109 110 110 ASN ASN A . n 
A 1 110 TYR 110 111 111 TYR TYR A . n 
A 1 111 ASN 111 112 112 ASN ASN A . n 
A 1 112 ILE 112 113 113 ILE ILE A . n 
A 1 113 ASP 113 114 114 ASP ASP A . n 
A 1 114 LEU 114 115 115 LEU LEU A . n 
A 1 115 LYS 115 116 116 LYS LYS A . n 
A 1 116 ALA 116 117 117 ALA ALA A . n 
A 1 117 ARG 117 118 118 ARG ARG A . n 
A 1 118 CYS 118 119 119 CYS CYS A . n 
A 1 119 ASN 119 120 120 ASN ASN A . n 
B 2 1   ASP 1   1   1   ASP ASP B . n 
B 2 2   ALA 2   2   2   ALA ALA B . n 
B 2 3   GLU 3   3   3   GLU GLU B . n 
B 2 4   PHE 4   4   4   PHE PHE B . n 
B 2 5   ARG 5   5   5   ARG ARG B . n 
B 2 6   HIS 6   6   6   HIS HIS B . n 
B 2 7   ASP 7   7   7   ASP ASP B . n 
B 2 8   SER 8   8   8   SER SER B . n 
# 
loop_
_pdbx_nonpoly_scheme.asym_id 
_pdbx_nonpoly_scheme.entity_id 
_pdbx_nonpoly_scheme.mon_id 
_pdbx_nonpoly_scheme.ndb_seq_num 
_pdbx_nonpoly_scheme.pdb_seq_num 
_pdbx_nonpoly_scheme.auth_seq_num 
_pdbx_nonpoly_scheme.pdb_mon_id 
_pdbx_nonpoly_scheme.auth_mon_id 
_pdbx_nonpoly_scheme.pdb_strand_id 
_pdbx_nonpoly_scheme.pdb_ins_code 
C 3 CA  1  201 201 CA  CA  A . 
D 4 HOH 1  202 202 HOH HOH A . 
D 4 HOH 2  203 203 HOH HOH A . 
D 4 HOH 3  204 204 HOH HOH A . 
D 4 HOH 4  205 205 HOH HOH A . 
D 4 HOH 5  206 206 HOH HOH A . 
D 4 HOH 6  207 207 HOH HOH A . 
D 4 HOH 7  208 208 HOH HOH A . 
D 4 HOH 8  209 209 HOH HOH A . 
D 4 HOH 9  210 210 HOH HOH A . 
D 4 HOH 10 211 211 HOH HOH A . 
D 4 HOH 11 212 212 HOH HOH A . 
D 4 HOH 12 213 213 HOH HOH A . 
D 4 HOH 13 214 214 HOH HOH A . 
D 4 HOH 14 215 215 HOH HOH A . 
D 4 HOH 15 216 216 HOH HOH A . 
D 4 HOH 16 217 217 HOH HOH A . 
D 4 HOH 17 218 218 HOH HOH A . 
D 4 HOH 18 219 219 HOH HOH A . 
D 4 HOH 19 220 220 HOH HOH A . 
D 4 HOH 20 221 221 HOH HOH A . 
D 4 HOH 21 222 222 HOH HOH A . 
D 4 HOH 22 223 223 HOH HOH A . 
D 4 HOH 23 224 224 HOH HOH A . 
D 4 HOH 24 225 225 HOH HOH A . 
D 4 HOH 25 226 226 HOH HOH A . 
D 4 HOH 26 227 227 HOH HOH A . 
D 4 HOH 27 228 228 HOH HOH A . 
D 4 HOH 28 229 229 HOH HOH A . 
D 4 HOH 29 230 230 HOH HOH A . 
D 4 HOH 30 231 231 HOH HOH A . 
D 4 HOH 31 232 232 HOH HOH A . 
D 4 HOH 32 233 233 HOH HOH A . 
D 4 HOH 33 234 234 HOH HOH A . 
D 4 HOH 34 235 235 HOH HOH A . 
D 4 HOH 35 236 236 HOH HOH A . 
D 4 HOH 36 238 238 HOH HOH A . 
D 4 HOH 37 239 239 HOH HOH A . 
D 4 HOH 38 240 240 HOH HOH A . 
D 4 HOH 39 241 241 HOH HOH A . 
D 4 HOH 40 242 242 HOH HOH A . 
D 4 HOH 41 243 243 HOH HOH A . 
D 4 HOH 42 244 244 HOH HOH A . 
D 4 HOH 43 245 245 HOH HOH A . 
D 4 HOH 44 246 246 HOH HOH A . 
D 4 HOH 45 247 247 HOH HOH A . 
D 4 HOH 46 248 248 HOH HOH A . 
D 4 HOH 47 249 249 HOH HOH A . 
D 4 HOH 48 250 250 HOH HOH A . 
D 4 HOH 49 251 251 HOH HOH A . 
D 4 HOH 50 252 252 HOH HOH A . 
D 4 HOH 51 253 253 HOH HOH A . 
D 4 HOH 52 254 254 HOH HOH A . 
D 4 HOH 53 255 255 HOH HOH A . 
D 4 HOH 54 256 256 HOH HOH A . 
D 4 HOH 55 258 258 HOH HOH A . 
D 4 HOH 56 259 259 HOH HOH A . 
D 4 HOH 57 260 260 HOH HOH A . 
D 4 HOH 58 261 261 HOH HOH A . 
D 4 HOH 59 262 262 HOH HOH A . 
D 4 HOH 60 263 263 HOH HOH A . 
D 4 HOH 61 264 264 HOH HOH A . 
D 4 HOH 62 265 265 HOH HOH A . 
D 4 HOH 63 266 266 HOH HOH A . 
D 4 HOH 64 267 267 HOH HOH A . 
D 4 HOH 65 268 268 HOH HOH A . 
D 4 HOH 66 269 269 HOH HOH A . 
D 4 HOH 67 270 270 HOH HOH A . 
D 4 HOH 68 271 271 HOH HOH A . 
D 4 HOH 69 272 272 HOH HOH A . 
D 4 HOH 70 273 273 HOH HOH A . 
D 4 HOH 71 275 275 HOH HOH A . 
D 4 HOH 72 276 276 HOH HOH A . 
D 4 HOH 73 277 277 HOH HOH A . 
D 4 HOH 74 278 278 HOH HOH A . 
D 4 HOH 75 279 279 HOH HOH A . 
D 4 HOH 76 280 280 HOH HOH A . 
D 4 HOH 77 281 281 HOH HOH A . 
D 4 HOH 78 282 282 HOH HOH A . 
D 4 HOH 79 283 283 HOH HOH A . 
D 4 HOH 80 284 284 HOH HOH A . 
D 4 HOH 81 285 285 HOH HOH A . 
D 4 HOH 82 286 286 HOH HOH A . 
D 4 HOH 83 287 287 HOH HOH A . 
D 4 HOH 84 288 288 HOH HOH A . 
D 4 HOH 85 289 289 HOH HOH A . 
D 4 HOH 86 290 290 HOH HOH A . 
D 4 HOH 87 291 291 HOH HOH A . 
D 4 HOH 88 292 292 HOH HOH A . 
D 4 HOH 89 294 294 HOH HOH A . 
D 4 HOH 90 295 295 HOH HOH A . 
D 4 HOH 91 296 296 HOH HOH A . 
D 4 HOH 92 297 297 HOH HOH A . 
D 4 HOH 93 298 298 HOH HOH A . 
D 4 HOH 94 299 299 HOH HOH A . 
D 4 HOH 95 301 301 HOH HOH A . 
D 4 HOH 96 302 302 HOH HOH A . 
D 4 HOH 97 303 303 HOH HOH A . 
D 4 HOH 98 304 304 HOH HOH A . 
D 4 HOH 99 305 305 HOH HOH A . 
# 
loop_
_software.name 
_software.classification 
_software.version 
_software.citation_id 
_software.pdbx_ordinal 
DENZO     'data reduction' .        ? 1 
MOLREP    phasing          .        ? 2 
REFMAC    refinement       5.2.0019 ? 3 
AUTOMAR   'data reduction' .        ? 4 
SCALEPACK 'data scaling'   .        ? 5 
# 
_cell.entry_id           3JQ5 
_cell.length_a           42.795 
_cell.length_b           42.795 
_cell.length_c           65.832 
_cell.angle_alpha        90.00 
_cell.angle_beta         90.00 
_cell.angle_gamma        90.00 
_cell.Z_PDB              4 
_cell.pdbx_unique_axis   ? 
_cell.length_a_esd       ? 
_cell.length_b_esd       ? 
_cell.length_c_esd       ? 
_cell.angle_alpha_esd    ? 
_cell.angle_beta_esd     ? 
_cell.angle_gamma_esd    ? 
# 
_symmetry.entry_id                         3JQ5 
_symmetry.space_group_name_H-M             'P 41' 
_symmetry.pdbx_full_space_group_name_H-M   ? 
_symmetry.cell_setting                     ? 
_symmetry.Int_Tables_number                76 
_symmetry.space_group_name_Hall            ? 
# 
_exptl.entry_id          3JQ5 
_exptl.method            'X-RAY DIFFRACTION' 
_exptl.crystals_number   1 
# 
_exptl_crystal.id                    1 
_exptl_crystal.density_meas          ? 
_exptl_crystal.density_Matthews      2.14 
_exptl_crystal.density_percent_sol   42.43 
_exptl_crystal.description           ? 
_exptl_crystal.F_000                 ? 
_exptl_crystal.preparation           ? 
# 
_exptl_crystal_grow.crystal_id      1 
_exptl_crystal_grow.method          'VAPOR DIFFUSION, HANGING DROP' 
_exptl_crystal_grow.temp            290 
_exptl_crystal_grow.temp_details    ? 
_exptl_crystal_grow.pH              6.0 
_exptl_crystal_grow.pdbx_details    'calcium chloride, sodium phosphate, PH6.0, VAPOR DIFFUSION, HANGING DROP, temperature 290K' 
_exptl_crystal_grow.pdbx_pH_range   . 
# 
_diffrn.id                     1 
_diffrn.ambient_temp           300 
_diffrn.ambient_temp_details   ? 
_diffrn.crystal_id             1 
# 
_diffrn_detector.diffrn_id              1 
_diffrn_detector.detector               'IMAGE PLATE' 
_diffrn_detector.type                   MARRESEARCH 
_diffrn_detector.pdbx_collection_date   2009-01-13 
_diffrn_detector.details                MIRROR 
# 
_diffrn_radiation.diffrn_id                        1 
_diffrn_radiation.wavelength_id                    1 
_diffrn_radiation.pdbx_monochromatic_or_laue_m_l   M 
_diffrn_radiation.monochromator                    GRAPHITE 
_diffrn_radiation.pdbx_diffrn_protocol             'SINGLE WAVELENGTH' 
_diffrn_radiation.pdbx_scattering_type             x-ray 
# 
_diffrn_radiation_wavelength.id           1 
_diffrn_radiation_wavelength.wavelength   1.5418 
_diffrn_radiation_wavelength.wt           1.0 
# 
_diffrn_source.diffrn_id                   1 
_diffrn_source.source                      'ROTATING ANODE' 
_diffrn_source.type                        'RIGAKU RU300' 
_diffrn_source.pdbx_synchrotron_site       ? 
_diffrn_source.pdbx_synchrotron_beamline   ? 
_diffrn_source.pdbx_wavelength             ? 
_diffrn_source.pdbx_wavelength_list        1.5418 
# 
_reflns.entry_id                     3JQ5 
_reflns.observed_criterion_sigma_I   0.0 
_reflns.observed_criterion_sigma_F   0.0 
_reflns.d_resolution_low             20.0 
_reflns.d_resolution_high            2.03 
_reflns.number_obs                   7735 
_reflns.number_all                   7735 
_reflns.percent_possible_obs         98.7 
_reflns.pdbx_Rmerge_I_obs            ? 
_reflns.pdbx_Rsym_value              0.070 
_reflns.pdbx_netI_over_sigmaI        11.1 
_reflns.B_iso_Wilson_estimate        ? 
_reflns.pdbx_redundancy              ? 
_reflns.R_free_details               ? 
_reflns.limit_h_max                  ? 
_reflns.limit_h_min                  ? 
_reflns.limit_k_max                  ? 
_reflns.limit_k_min                  ? 
_reflns.limit_l_max                  ? 
_reflns.limit_l_min                  ? 
_reflns.observed_criterion_F_max     ? 
_reflns.observed_criterion_F_min     ? 
_reflns.pdbx_chi_squared             ? 
_reflns.pdbx_scaling_rejects         ? 
_reflns.pdbx_diffrn_id               1 
_reflns.pdbx_ordinal                 1 
# 
_reflns_shell.d_res_high             2.03 
_reflns_shell.d_res_low              2.06 
_reflns_shell.percent_possible_all   87.7 
_reflns_shell.Rmerge_I_obs           ? 
_reflns_shell.pdbx_Rsym_value        0.188 
_reflns_shell.meanI_over_sigI_obs    4.6 
_reflns_shell.pdbx_redundancy        ? 
_reflns_shell.percent_possible_obs   ? 
_reflns_shell.number_unique_all      ? 
_reflns_shell.number_measured_all    ? 
_reflns_shell.number_measured_obs    ? 
_reflns_shell.number_unique_obs      ? 
_reflns_shell.pdbx_chi_squared       ? 
_reflns_shell.pdbx_diffrn_id         ? 
_reflns_shell.pdbx_ordinal           1 
# 
_refine.entry_id                                 3JQ5 
_refine.ls_number_reflns_obs                     7256 
_refine.ls_number_reflns_all                     7735 
_refine.pdbx_ls_sigma_I                          0.0 
_refine.pdbx_ls_sigma_F                          0.0 
_refine.pdbx_data_cutoff_high_absF               ? 
_refine.pdbx_data_cutoff_low_absF                ? 
_refine.pdbx_data_cutoff_high_rms_absF           ? 
_refine.ls_d_res_low                             20.00 
_refine.ls_d_res_high                            2.03 
_refine.ls_percent_reflns_obs                    98.86 
_refine.ls_R_factor_obs                          0.18458 
_refine.ls_R_factor_all                          ? 
_refine.ls_R_factor_R_work                       0.18188 
_refine.ls_R_factor_R_free                       0.22063 
_refine.ls_R_factor_R_free_error                 ? 
_refine.ls_R_factor_R_free_error_details         ? 
_refine.ls_percent_reflns_R_free                 4.6 
_refine.ls_number_reflns_R_free                  351 
_refine.ls_number_parameters                     ? 
_refine.ls_number_restraints                     ? 
_refine.occupancy_min                            ? 
_refine.occupancy_max                            ? 
_refine.correlation_coeff_Fo_to_Fc               0.945 
_refine.correlation_coeff_Fo_to_Fc_free          0.897 
_refine.B_iso_mean                               24.881 
_refine.aniso_B[1][1]                            -0.50 
_refine.aniso_B[2][2]                            -0.50 
_refine.aniso_B[3][3]                            1.00 
_refine.aniso_B[1][2]                            0.00 
_refine.aniso_B[1][3]                            0.00 
_refine.aniso_B[2][3]                            0.00 
_refine.solvent_model_details                    MASK 
_refine.solvent_model_param_ksol                 ? 
_refine.solvent_model_param_bsol                 ? 
_refine.pdbx_solvent_vdw_probe_radii             1.20 
_refine.pdbx_solvent_ion_probe_radii             0.80 
_refine.pdbx_solvent_shrinkage_radii             0.80 
_refine.pdbx_ls_cross_valid_method               THROUGHOUT 
_refine.details                                  'HYDROGENS HAVE BEEN ADDED IN THE RIDING POSITIONS' 
_refine.pdbx_starting_model                      'PDB ENTRY 1MF4' 
_refine.pdbx_method_to_determine_struct          'MOLECULAR REPLACEMENT' 
_refine.pdbx_isotropic_thermal_model             ? 
_refine.pdbx_stereochemistry_target_values       'MAXIMUM LIKELIHOOD' 
_refine.pdbx_stereochem_target_val_spec_case     ? 
_refine.pdbx_R_Free_selection_details            RANDOM 
_refine.pdbx_overall_ESU_R                       0.229 
_refine.pdbx_overall_ESU_R_Free                  0.192 
_refine.overall_SU_ML                            0.118 
_refine.overall_SU_B                             4.101 
_refine.ls_redundancy_reflns_obs                 ? 
_refine.B_iso_min                                ? 
_refine.B_iso_max                                ? 
_refine.overall_SU_R_Cruickshank_DPI             ? 
_refine.overall_SU_R_free                        ? 
_refine.ls_wR_factor_R_free                      ? 
_refine.ls_wR_factor_R_work                      ? 
_refine.overall_FOM_free_R_set                   ? 
_refine.overall_FOM_work_R_set                   ? 
_refine.pdbx_refine_id                           'X-RAY DIFFRACTION' 
_refine.pdbx_overall_phase_error                 ? 
_refine.pdbx_diffrn_id                           1 
_refine.pdbx_TLS_residual_ADP_flag               ? 
_refine.pdbx_overall_SU_R_free_Cruickshank_DPI   ? 
_refine.pdbx_overall_SU_R_Blow_DPI               ? 
_refine.pdbx_overall_SU_R_free_Blow_DPI          ? 
# 
_refine_hist.pdbx_refine_id                   'X-RAY DIFFRACTION' 
_refine_hist.cycle_id                         LAST 
_refine_hist.pdbx_number_atoms_protein        977 
_refine_hist.pdbx_number_atoms_nucleic_acid   0 
_refine_hist.pdbx_number_atoms_ligand         1 
_refine_hist.number_atoms_solvent             99 
_refine_hist.number_atoms_total               1077 
_refine_hist.d_res_high                       2.03 
_refine_hist.d_res_low                        20.00 
# 
loop_
_refine_ls_restr.type 
_refine_ls_restr.dev_ideal 
_refine_ls_restr.dev_ideal_target 
_refine_ls_restr.weight 
_refine_ls_restr.number 
_refine_ls_restr.pdbx_refine_id 
_refine_ls_restr.pdbx_restraint_function 
r_bond_refined_d         0.009  0.021  ? 1003 'X-RAY DIFFRACTION' ? 
r_angle_refined_deg      1.137  1.924  ? 1360 'X-RAY DIFFRACTION' ? 
r_dihedral_angle_1_deg   5.061  5.000  ? 124  'X-RAY DIFFRACTION' ? 
r_dihedral_angle_2_deg   37.818 24.727 ? 55   'X-RAY DIFFRACTION' ? 
r_dihedral_angle_3_deg   15.480 15.000 ? 147  'X-RAY DIFFRACTION' ? 
r_dihedral_angle_4_deg   14.415 15.000 ? 6    'X-RAY DIFFRACTION' ? 
r_chiral_restr           0.084  0.200  ? 137  'X-RAY DIFFRACTION' ? 
r_gen_planes_refined     0.003  0.020  ? 799  'X-RAY DIFFRACTION' ? 
r_nbd_refined            0.218  0.200  ? 455  'X-RAY DIFFRACTION' ? 
r_nbtor_refined          0.303  0.200  ? 666  'X-RAY DIFFRACTION' ? 
r_xyhbond_nbd_refined    0.132  0.200  ? 88   'X-RAY DIFFRACTION' ? 
r_metal_ion_refined      0.103  0.200  ? 2    'X-RAY DIFFRACTION' ? 
r_symmetry_vdw_refined   0.283  0.200  ? 50   'X-RAY DIFFRACTION' ? 
r_symmetry_hbond_refined 0.453  0.200  ? 22   'X-RAY DIFFRACTION' ? 
r_mcbond_it              0.739  1.500  ? 645  'X-RAY DIFFRACTION' ? 
r_mcangle_it             1.412  2.000  ? 993  'X-RAY DIFFRACTION' ? 
r_scbond_it              1.908  3.000  ? 416  'X-RAY DIFFRACTION' ? 
r_scangle_it             2.770  4.500  ? 367  'X-RAY DIFFRACTION' ? 
# 
_refine_ls_shell.pdbx_total_number_of_bins_used   20 
_refine_ls_shell.d_res_high                       2.030 
_refine_ls_shell.d_res_low                        2.083 
_refine_ls_shell.number_reflns_R_work             490 
_refine_ls_shell.R_factor_R_work                  0.198 
_refine_ls_shell.percent_reflns_obs               92.48 
_refine_ls_shell.R_factor_R_free                  0.368 
_refine_ls_shell.R_factor_R_free_error            ? 
_refine_ls_shell.percent_reflns_R_free            ? 
_refine_ls_shell.number_reflns_R_free             14 
_refine_ls_shell.number_reflns_all                ? 
_refine_ls_shell.R_factor_all                     ? 
_refine_ls_shell.number_reflns_obs                ? 
_refine_ls_shell.redundancy_reflns_obs            ? 
_refine_ls_shell.pdbx_refine_id                   'X-RAY DIFFRACTION' 
# 
_struct.entry_id                  3JQ5 
_struct.title                     
;Phospholipase A2 Prevents the Aggregation of Amyloid Beta Peptides: Crystal Structure of the Complex of Phospholipase A2 with Octapeptide Fragment of Amyloid Beta Peptide, Asp-Ala-Glu-Phe-Arg-His-Asp-Ser at 2 A Resolution
;
_struct.pdbx_model_details        ? 
_struct.pdbx_CASP_flag            ? 
_struct.pdbx_model_type_details   ? 
# 
_struct_keywords.entry_id        3JQ5 
_struct_keywords.pdbx_keywords   HYDROLASE 
_struct_keywords.text            
'PHOSPHOLIPASE A2, OCTAPEPTIDE, AMYLOID BETA, HYDROLASE, Disulfide bond, Lipid degradation, Metal-binding, Secreted' 
# 
loop_
_struct_asym.id 
_struct_asym.pdbx_blank_PDB_chainid_flag 
_struct_asym.pdbx_modified 
_struct_asym.entity_id 
_struct_asym.details 
A N N 1 ? 
B N N 2 ? 
C N N 3 ? 
D N N 4 ? 
# 
loop_
_struct_ref.id 
_struct_ref.db_name 
_struct_ref.db_code 
_struct_ref.pdbx_db_accession 
_struct_ref.entity_id 
_struct_ref.pdbx_seq_one_letter_code 
_struct_ref.pdbx_align_begin 
_struct_ref.pdbx_db_isoform 
1 UNP PA23_NAJSG P60045 1 
;NLYQFKNMIQCTVPSRSWQDFADYGCYCGKGGSGTPVDDLDRCCQVHDNCYNEAENISGCRPYFKTYSYECTQGTLTCKG
DNNACAASVCDCDRLAAICFAGAPYNDANYNIDLKARCN
;
8 ? 
2 PDB 3JQ5       3JQ5   2 DAEFRHDS 1 ? 
# 
loop_
_struct_ref_seq.align_id 
_struct_ref_seq.ref_id 
_struct_ref_seq.pdbx_PDB_id_code 
_struct_ref_seq.pdbx_strand_id 
_struct_ref_seq.seq_align_beg 
_struct_ref_seq.pdbx_seq_align_beg_ins_code 
_struct_ref_seq.seq_align_end 
_struct_ref_seq.pdbx_seq_align_end_ins_code 
_struct_ref_seq.pdbx_db_accession 
_struct_ref_seq.db_align_beg 
_struct_ref_seq.pdbx_db_align_beg_ins_code 
_struct_ref_seq.db_align_end 
_struct_ref_seq.pdbx_db_align_end_ins_code 
_struct_ref_seq.pdbx_auth_seq_align_beg 
_struct_ref_seq.pdbx_auth_seq_align_end 
1 1 3JQ5 A 1 ? 119 ? P60045 8 ? 126 ? 1 120 
2 2 3JQ5 B 1 ? 8   ? 3JQ5   1 ? 8   ? 1 8   
# 
loop_
_struct_ref_seq_dif.align_id 
_struct_ref_seq_dif.pdbx_pdb_id_code 
_struct_ref_seq_dif.mon_id 
_struct_ref_seq_dif.pdbx_pdb_strand_id 
_struct_ref_seq_dif.seq_num 
_struct_ref_seq_dif.pdbx_pdb_ins_code 
_struct_ref_seq_dif.pdbx_seq_db_name 
_struct_ref_seq_dif.pdbx_seq_db_accession_code 
_struct_ref_seq_dif.db_mon_id 
_struct_ref_seq_dif.pdbx_seq_db_seq_num 
_struct_ref_seq_dif.details 
_struct_ref_seq_dif.pdbx_auth_seq_num 
_struct_ref_seq_dif.pdbx_ordinal 
1 3JQ5 ALA A 19 ? UNP P60045 GLN 26 'SEE REMARK 999' 20 1 
1 3JQ5 THR A 46 ? UNP P60045 VAL 53 'SEE REMARK 999' 47 2 
# 
_pdbx_struct_assembly.id                   1 
_pdbx_struct_assembly.details              author_and_software_defined_assembly 
_pdbx_struct_assembly.method_details       PISA 
_pdbx_struct_assembly.oligomeric_details   dimeric 
_pdbx_struct_assembly.oligomeric_count     2 
# 
loop_
_pdbx_struct_assembly_prop.biol_id 
_pdbx_struct_assembly_prop.type 
_pdbx_struct_assembly_prop.value 
_pdbx_struct_assembly_prop.details 
1 'ABSA (A^2)' 1190 ? 
1 MORE         -17  ? 
1 'SSA (A^2)'  6920 ? 
# 
_pdbx_struct_assembly_gen.assembly_id       1 
_pdbx_struct_assembly_gen.oper_expression   1 
_pdbx_struct_assembly_gen.asym_id_list      A,B,C,D 
# 
_pdbx_struct_oper_list.id                   1 
_pdbx_struct_oper_list.type                 'identity operation' 
_pdbx_struct_oper_list.name                 1_555 
_pdbx_struct_oper_list.symmetry_operation   x,y,z 
_pdbx_struct_oper_list.matrix[1][1]         1.0000000000 
_pdbx_struct_oper_list.matrix[1][2]         0.0000000000 
_pdbx_struct_oper_list.matrix[1][3]         0.0000000000 
_pdbx_struct_oper_list.vector[1]            0.0000000000 
_pdbx_struct_oper_list.matrix[2][1]         0.0000000000 
_pdbx_struct_oper_list.matrix[2][2]         1.0000000000 
_pdbx_struct_oper_list.matrix[2][3]         0.0000000000 
_pdbx_struct_oper_list.vector[2]            0.0000000000 
_pdbx_struct_oper_list.matrix[3][1]         0.0000000000 
_pdbx_struct_oper_list.matrix[3][2]         0.0000000000 
_pdbx_struct_oper_list.matrix[3][3]         1.0000000000 
_pdbx_struct_oper_list.vector[3]            0.0000000000 
# 
_struct_biol.id        1 
_struct_biol.details   ? 
# 
loop_
_struct_conf.conf_type_id 
_struct_conf.id 
_struct_conf.pdbx_PDB_helix_id 
_struct_conf.beg_label_comp_id 
_struct_conf.beg_label_asym_id 
_struct_conf.beg_label_seq_id 
_struct_conf.pdbx_beg_PDB_ins_code 
_struct_conf.end_label_comp_id 
_struct_conf.end_label_asym_id 
_struct_conf.end_label_seq_id 
_struct_conf.pdbx_end_PDB_ins_code 
_struct_conf.beg_auth_comp_id 
_struct_conf.beg_auth_asym_id 
_struct_conf.beg_auth_seq_id 
_struct_conf.end_auth_comp_id 
_struct_conf.end_auth_asym_id 
_struct_conf.end_auth_seq_id 
_struct_conf.pdbx_PDB_helix_class 
_struct_conf.details 
_struct_conf.pdbx_PDB_helix_length 
HELX_P HELX_P1 1 ASN A 1   ? VAL A 13  ? ASN A 1   VAL A 13  1 ? 13 
HELX_P HELX_P2 2 SER A 17  ? ALA A 22  ? SER A 18  ALA A 23  5 ? 6  
HELX_P HELX_P3 3 ASP A 38  ? GLU A 55  ? ASP A 39  GLU A 56  1 ? 18 
HELX_P HELX_P4 4 ASN A 83  ? ALA A 103 ? ASN A 84  ALA A 104 1 ? 21 
HELX_P HELX_P5 5 ASN A 106 ? TYR A 110 ? ASN A 107 TYR A 111 5 ? 5  
HELX_P HELX_P6 6 ASP A 113 ? CYS A 118 ? ASP A 114 CYS A 119 1 ? 6  
# 
_struct_conf_type.id          HELX_P 
_struct_conf_type.criteria    ? 
_struct_conf_type.reference   ? 
# 
loop_
_struct_conn.id 
_struct_conn.conn_type_id 
_struct_conn.pdbx_leaving_atom_flag 
_struct_conn.pdbx_PDB_id 
_struct_conn.ptnr1_label_asym_id 
_struct_conn.ptnr1_label_comp_id 
_struct_conn.ptnr1_label_seq_id 
_struct_conn.ptnr1_label_atom_id 
_struct_conn.pdbx_ptnr1_label_alt_id 
_struct_conn.pdbx_ptnr1_PDB_ins_code 
_struct_conn.pdbx_ptnr1_standard_comp_id 
_struct_conn.ptnr1_symmetry 
_struct_conn.ptnr2_label_asym_id 
_struct_conn.ptnr2_label_comp_id 
_struct_conn.ptnr2_label_seq_id 
_struct_conn.ptnr2_label_atom_id 
_struct_conn.pdbx_ptnr2_label_alt_id 
_struct_conn.pdbx_ptnr2_PDB_ins_code 
_struct_conn.ptnr1_auth_asym_id 
_struct_conn.ptnr1_auth_comp_id 
_struct_conn.ptnr1_auth_seq_id 
_struct_conn.ptnr2_auth_asym_id 
_struct_conn.ptnr2_auth_comp_id 
_struct_conn.ptnr2_auth_seq_id 
_struct_conn.ptnr2_symmetry 
_struct_conn.pdbx_ptnr3_label_atom_id 
_struct_conn.pdbx_ptnr3_label_seq_id 
_struct_conn.pdbx_ptnr3_label_comp_id 
_struct_conn.pdbx_ptnr3_label_asym_id 
_struct_conn.pdbx_ptnr3_label_alt_id 
_struct_conn.pdbx_ptnr3_PDB_ins_code 
_struct_conn.details 
_struct_conn.pdbx_dist_value 
_struct_conn.pdbx_value_order 
_struct_conn.pdbx_role 
disulf1 disulf ? ? A CYS 11 SG  ? ? ? 1_555 A CYS 71  SG ? ? A CYS 11  A CYS 72  1_555 ? ? ? ? ? ? ? 1.997 ? ? 
disulf2 disulf ? ? A CYS 26 SG  ? ? ? 1_555 A CYS 118 SG ? ? A CYS 27  A CYS 119 1_555 ? ? ? ? ? ? ? 2.019 ? ? 
disulf3 disulf ? ? A CYS 28 SG  ? ? ? 1_555 A CYS 44  SG ? ? A CYS 29  A CYS 45  1_555 ? ? ? ? ? ? ? 2.208 ? ? 
disulf4 disulf ? ? A CYS 43 SG  ? ? ? 1_555 A CYS 99  SG ? ? A CYS 44  A CYS 100 1_555 ? ? ? ? ? ? ? 2.030 ? ? 
disulf5 disulf ? ? A CYS 50 SG  ? ? ? 1_555 A CYS 92  SG ? ? A CYS 51  A CYS 93  1_555 ? ? ? ? ? ? ? 1.927 ? ? 
disulf6 disulf ? ? A CYS 60 SG  ? ? ? 1_555 A CYS 85  SG ? ? A CYS 61  A CYS 86  1_555 ? ? ? ? ? ? ? 2.002 ? ? 
disulf7 disulf ? ? A CYS 78 SG  ? ? ? 1_555 A CYS 90  SG ? ? A CYS 79  A CYS 91  1_555 ? ? ? ? ? ? ? 2.036 ? ? 
metalc1 metalc ? ? A TYR 27 O   ? ? ? 1_555 C CA  .   CA ? ? A TYR 28  A CA  201 1_555 ? ? ? ? ? ? ? 2.528 ? ? 
metalc2 metalc ? ? A GLY 29 O   ? ? ? 1_555 C CA  .   CA ? ? A GLY 30  A CA  201 1_555 ? ? ? ? ? ? ? 2.948 ? ? 
metalc3 metalc ? ? A GLY 31 O   ? ? ? 1_555 C CA  .   CA ? ? A GLY 32  A CA  201 1_555 ? ? ? ? ? ? ? 2.294 ? ? 
metalc4 metalc ? ? A ASP 48 OD1 ? ? ? 1_555 C CA  .   CA ? ? A ASP 49  A CA  201 1_555 ? ? ? ? ? ? ? 2.793 ? ? 
metalc5 metalc ? ? A ASP 48 OD2 ? ? ? 1_555 C CA  .   CA ? ? A ASP 49  A CA  201 1_555 ? ? ? ? ? ? ? 2.521 ? ? 
metalc6 metalc ? ? C CA  .  CA  ? ? ? 1_555 D HOH .   O  ? ? A CA  201 A HOH 244 1_555 ? ? ? ? ? ? ? 2.349 ? ? 
metalc7 metalc ? ? C CA  .  CA  ? ? ? 1_555 B SER 8   OG ? ? A CA  201 B SER 8   1_555 ? ? ? ? ? ? ? 2.515 ? ? 
# 
loop_
_struct_conn_type.id 
_struct_conn_type.criteria 
_struct_conn_type.reference 
disulf ? ? 
metalc ? ? 
# 
loop_
_pdbx_struct_conn_angle.id 
_pdbx_struct_conn_angle.ptnr1_label_atom_id 
_pdbx_struct_conn_angle.ptnr1_label_alt_id 
_pdbx_struct_conn_angle.ptnr1_label_asym_id 
_pdbx_struct_conn_angle.ptnr1_label_comp_id 
_pdbx_struct_conn_angle.ptnr1_label_seq_id 
_pdbx_struct_conn_angle.ptnr1_auth_atom_id 
_pdbx_struct_conn_angle.ptnr1_auth_asym_id 
_pdbx_struct_conn_angle.ptnr1_auth_comp_id 
_pdbx_struct_conn_angle.ptnr1_auth_seq_id 
_pdbx_struct_conn_angle.ptnr1_PDB_ins_code 
_pdbx_struct_conn_angle.ptnr1_symmetry 
_pdbx_struct_conn_angle.ptnr2_label_atom_id 
_pdbx_struct_conn_angle.ptnr2_label_alt_id 
_pdbx_struct_conn_angle.ptnr2_label_asym_id 
_pdbx_struct_conn_angle.ptnr2_label_comp_id 
_pdbx_struct_conn_angle.ptnr2_label_seq_id 
_pdbx_struct_conn_angle.ptnr2_auth_atom_id 
_pdbx_struct_conn_angle.ptnr2_auth_asym_id 
_pdbx_struct_conn_angle.ptnr2_auth_comp_id 
_pdbx_struct_conn_angle.ptnr2_auth_seq_id 
_pdbx_struct_conn_angle.ptnr2_PDB_ins_code 
_pdbx_struct_conn_angle.ptnr2_symmetry 
_pdbx_struct_conn_angle.ptnr3_label_atom_id 
_pdbx_struct_conn_angle.ptnr3_label_alt_id 
_pdbx_struct_conn_angle.ptnr3_label_asym_id 
_pdbx_struct_conn_angle.ptnr3_label_comp_id 
_pdbx_struct_conn_angle.ptnr3_label_seq_id 
_pdbx_struct_conn_angle.ptnr3_auth_atom_id 
_pdbx_struct_conn_angle.ptnr3_auth_asym_id 
_pdbx_struct_conn_angle.ptnr3_auth_comp_id 
_pdbx_struct_conn_angle.ptnr3_auth_seq_id 
_pdbx_struct_conn_angle.ptnr3_PDB_ins_code 
_pdbx_struct_conn_angle.ptnr3_symmetry 
_pdbx_struct_conn_angle.value 
_pdbx_struct_conn_angle.value_esd 
1  O   ? A TYR 27 ? A TYR 28  ? 1_555 CA ? C CA . ? A CA 201 ? 1_555 O   ? A GLY 29 ? A GLY 30  ? 1_555 97.9  ? 
2  O   ? A TYR 27 ? A TYR 28  ? 1_555 CA ? C CA . ? A CA 201 ? 1_555 O   ? A GLY 31 ? A GLY 32  ? 1_555 76.0  ? 
3  O   ? A GLY 29 ? A GLY 30  ? 1_555 CA ? C CA . ? A CA 201 ? 1_555 O   ? A GLY 31 ? A GLY 32  ? 1_555 101.6 ? 
4  O   ? A TYR 27 ? A TYR 28  ? 1_555 CA ? C CA . ? A CA 201 ? 1_555 OD1 ? A ASP 48 ? A ASP 49  ? 1_555 86.3  ? 
5  O   ? A GLY 29 ? A GLY 30  ? 1_555 CA ? C CA . ? A CA 201 ? 1_555 OD1 ? A ASP 48 ? A ASP 49  ? 1_555 122.5 ? 
6  O   ? A GLY 31 ? A GLY 32  ? 1_555 CA ? C CA . ? A CA 201 ? 1_555 OD1 ? A ASP 48 ? A ASP 49  ? 1_555 134.5 ? 
7  O   ? A TYR 27 ? A TYR 28  ? 1_555 CA ? C CA . ? A CA 201 ? 1_555 OD2 ? A ASP 48 ? A ASP 49  ? 1_555 69.2  ? 
8  O   ? A GLY 29 ? A GLY 30  ? 1_555 CA ? C CA . ? A CA 201 ? 1_555 OD2 ? A ASP 48 ? A ASP 49  ? 1_555 163.3 ? 
9  O   ? A GLY 31 ? A GLY 32  ? 1_555 CA ? C CA . ? A CA 201 ? 1_555 OD2 ? A ASP 48 ? A ASP 49  ? 1_555 85.9  ? 
10 OD1 ? A ASP 48 ? A ASP 49  ? 1_555 CA ? C CA . ? A CA 201 ? 1_555 OD2 ? A ASP 48 ? A ASP 49  ? 1_555 48.6  ? 
11 O   ? A TYR 27 ? A TYR 28  ? 1_555 CA ? C CA . ? A CA 201 ? 1_555 O   ? D HOH .  ? A HOH 244 ? 1_555 146.3 ? 
12 O   ? A GLY 29 ? A GLY 30  ? 1_555 CA ? C CA . ? A CA 201 ? 1_555 O   ? D HOH .  ? A HOH 244 ? 1_555 96.0  ? 
13 O   ? A GLY 31 ? A GLY 32  ? 1_555 CA ? C CA . ? A CA 201 ? 1_555 O   ? D HOH .  ? A HOH 244 ? 1_555 71.2  ? 
14 OD1 ? A ASP 48 ? A ASP 49  ? 1_555 CA ? C CA . ? A CA 201 ? 1_555 O   ? D HOH .  ? A HOH 244 ? 1_555 111.3 ? 
15 OD2 ? A ASP 48 ? A ASP 49  ? 1_555 CA ? C CA . ? A CA 201 ? 1_555 O   ? D HOH .  ? A HOH 244 ? 1_555 100.5 ? 
16 O   ? A TYR 27 ? A TYR 28  ? 1_555 CA ? C CA . ? A CA 201 ? 1_555 OG  ? B SER 8  ? B SER 8   ? 1_555 83.4  ? 
17 O   ? A GLY 29 ? A GLY 30  ? 1_555 CA ? C CA . ? A CA 201 ? 1_555 OG  ? B SER 8  ? B SER 8   ? 1_555 56.6  ? 
18 O   ? A GLY 31 ? A GLY 32  ? 1_555 CA ? C CA . ? A CA 201 ? 1_555 OG  ? B SER 8  ? B SER 8   ? 1_555 147.6 ? 
19 OD1 ? A ASP 48 ? A ASP 49  ? 1_555 CA ? C CA . ? A CA 201 ? 1_555 OG  ? B SER 8  ? B SER 8   ? 1_555 67.2  ? 
20 OD2 ? A ASP 48 ? A ASP 49  ? 1_555 CA ? C CA . ? A CA 201 ? 1_555 OG  ? B SER 8  ? B SER 8   ? 1_555 109.9 ? 
21 O   ? D HOH .  ? A HOH 244 ? 1_555 CA ? C CA . ? A CA 201 ? 1_555 OG  ? B SER 8  ? B SER 8   ? 1_555 129.5 ? 
# 
loop_
_pdbx_modification_feature.ordinal 
_pdbx_modification_feature.label_comp_id 
_pdbx_modification_feature.label_asym_id 
_pdbx_modification_feature.label_seq_id 
_pdbx_modification_feature.label_alt_id 
_pdbx_modification_feature.modified_residue_label_comp_id 
_pdbx_modification_feature.modified_residue_label_asym_id 
_pdbx_modification_feature.modified_residue_label_seq_id 
_pdbx_modification_feature.modified_residue_label_alt_id 
_pdbx_modification_feature.auth_comp_id 
_pdbx_modification_feature.auth_asym_id 
_pdbx_modification_feature.auth_seq_id 
_pdbx_modification_feature.PDB_ins_code 
_pdbx_modification_feature.symmetry 
_pdbx_modification_feature.modified_residue_auth_comp_id 
_pdbx_modification_feature.modified_residue_auth_asym_id 
_pdbx_modification_feature.modified_residue_auth_seq_id 
_pdbx_modification_feature.modified_residue_PDB_ins_code 
_pdbx_modification_feature.modified_residue_symmetry 
_pdbx_modification_feature.comp_id_linking_atom 
_pdbx_modification_feature.modified_residue_id_linking_atom 
_pdbx_modification_feature.modified_residue_id 
_pdbx_modification_feature.ref_pcm_id 
_pdbx_modification_feature.ref_comp_id 
_pdbx_modification_feature.type 
_pdbx_modification_feature.category 
1 CYS A 11 ? CYS A 71  ? CYS A 11 ? 1_555 CYS A 72  ? 1_555 SG SG . . . None 'Disulfide bridge' 
2 CYS A 26 ? CYS A 118 ? CYS A 27 ? 1_555 CYS A 119 ? 1_555 SG SG . . . None 'Disulfide bridge' 
3 CYS A 28 ? CYS A 44  ? CYS A 29 ? 1_555 CYS A 45  ? 1_555 SG SG . . . None 'Disulfide bridge' 
4 CYS A 43 ? CYS A 99  ? CYS A 44 ? 1_555 CYS A 100 ? 1_555 SG SG . . . None 'Disulfide bridge' 
5 CYS A 50 ? CYS A 92  ? CYS A 51 ? 1_555 CYS A 93  ? 1_555 SG SG . . . None 'Disulfide bridge' 
6 CYS A 60 ? CYS A 85  ? CYS A 61 ? 1_555 CYS A 86  ? 1_555 SG SG . . . None 'Disulfide bridge' 
7 CYS A 78 ? CYS A 90  ? CYS A 79 ? 1_555 CYS A 91  ? 1_555 SG SG . . . None 'Disulfide bridge' 
# 
_struct_sheet.id               A 
_struct_sheet.type             ? 
_struct_sheet.number_strands   2 
_struct_sheet.details          ? 
# 
_struct_sheet_order.sheet_id     A 
_struct_sheet_order.range_id_1   1 
_struct_sheet_order.range_id_2   2 
_struct_sheet_order.offset       ? 
_struct_sheet_order.sense        anti-parallel 
# 
loop_
_struct_sheet_range.sheet_id 
_struct_sheet_range.id 
_struct_sheet_range.beg_label_comp_id 
_struct_sheet_range.beg_label_asym_id 
_struct_sheet_range.beg_label_seq_id 
_struct_sheet_range.pdbx_beg_PDB_ins_code 
_struct_sheet_range.end_label_comp_id 
_struct_sheet_range.end_label_asym_id 
_struct_sheet_range.end_label_seq_id 
_struct_sheet_range.pdbx_end_PDB_ins_code 
_struct_sheet_range.beg_auth_comp_id 
_struct_sheet_range.beg_auth_asym_id 
_struct_sheet_range.beg_auth_seq_id 
_struct_sheet_range.end_auth_comp_id 
_struct_sheet_range.end_auth_asym_id 
_struct_sheet_range.end_auth_seq_id 
A 1 TYR A 69 ? THR A 72 ? TYR A 70 THR A 73 
A 2 THR A 75 ? CYS A 78 ? THR A 76 CYS A 79 
# 
_pdbx_struct_sheet_hbond.sheet_id                A 
_pdbx_struct_sheet_hbond.range_id_1              1 
_pdbx_struct_sheet_hbond.range_id_2              2 
_pdbx_struct_sheet_hbond.range_1_label_atom_id   N 
_pdbx_struct_sheet_hbond.range_1_label_comp_id   GLU 
_pdbx_struct_sheet_hbond.range_1_label_asym_id   A 
_pdbx_struct_sheet_hbond.range_1_label_seq_id    70 
_pdbx_struct_sheet_hbond.range_1_PDB_ins_code    ? 
_pdbx_struct_sheet_hbond.range_1_auth_atom_id    N 
_pdbx_struct_sheet_hbond.range_1_auth_comp_id    GLU 
_pdbx_struct_sheet_hbond.range_1_auth_asym_id    A 
_pdbx_struct_sheet_hbond.range_1_auth_seq_id     71 
_pdbx_struct_sheet_hbond.range_2_label_atom_id   O 
_pdbx_struct_sheet_hbond.range_2_label_comp_id   THR 
_pdbx_struct_sheet_hbond.range_2_label_asym_id   A 
_pdbx_struct_sheet_hbond.range_2_label_seq_id    77 
_pdbx_struct_sheet_hbond.range_2_PDB_ins_code    ? 
_pdbx_struct_sheet_hbond.range_2_auth_atom_id    O 
_pdbx_struct_sheet_hbond.range_2_auth_comp_id    THR 
_pdbx_struct_sheet_hbond.range_2_auth_asym_id    A 
_pdbx_struct_sheet_hbond.range_2_auth_seq_id     78 
# 
_struct_site.id                   AC1 
_struct_site.pdbx_evidence_code   Software 
_struct_site.pdbx_auth_asym_id    A 
_struct_site.pdbx_auth_comp_id    CA 
_struct_site.pdbx_auth_seq_id     201 
_struct_site.pdbx_auth_ins_code   ? 
_struct_site.pdbx_num_residues    6 
_struct_site.details              'BINDING SITE FOR RESIDUE CA A 201' 
# 
loop_
_struct_site_gen.id 
_struct_site_gen.site_id 
_struct_site_gen.pdbx_num_res 
_struct_site_gen.label_comp_id 
_struct_site_gen.label_asym_id 
_struct_site_gen.label_seq_id 
_struct_site_gen.pdbx_auth_ins_code 
_struct_site_gen.auth_comp_id 
_struct_site_gen.auth_asym_id 
_struct_site_gen.auth_seq_id 
_struct_site_gen.label_atom_id 
_struct_site_gen.label_alt_id 
_struct_site_gen.symmetry 
_struct_site_gen.details 
1 AC1 6 TYR A 27 ? TYR A 28  . ? 1_555 ? 
2 AC1 6 GLY A 29 ? GLY A 30  . ? 1_555 ? 
3 AC1 6 GLY A 31 ? GLY A 32  . ? 1_555 ? 
4 AC1 6 ASP A 48 ? ASP A 49  . ? 1_555 ? 
5 AC1 6 HOH D .  ? HOH A 244 . ? 1_555 ? 
6 AC1 6 SER B 8  ? SER B 8   . ? 1_555 ? 
# 
_pdbx_entry_details.entry_id                   3JQ5 
_pdbx_entry_details.compound_details           ? 
_pdbx_entry_details.source_details             ? 
_pdbx_entry_details.nonpolymer_details         ? 
_pdbx_entry_details.sequence_details           
;IN CHAIN A, RESIDUE NUMBER 16 IS SIMPLY SKIPPED. 
THE AUTHORS BELIEVE THAT THE SEQRES IS CORRECT AND THESE 
MUTATIONS ARE PRESENT IN THE DEPOSITED SEQUENCE.
;
_pdbx_entry_details.has_ligand_of_interest     ? 
_pdbx_entry_details.has_protein_modification   Y 
# 
loop_
_pdbx_validate_rmsd_angle.id 
_pdbx_validate_rmsd_angle.PDB_model_num 
_pdbx_validate_rmsd_angle.auth_atom_id_1 
_pdbx_validate_rmsd_angle.auth_asym_id_1 
_pdbx_validate_rmsd_angle.auth_comp_id_1 
_pdbx_validate_rmsd_angle.auth_seq_id_1 
_pdbx_validate_rmsd_angle.PDB_ins_code_1 
_pdbx_validate_rmsd_angle.label_alt_id_1 
_pdbx_validate_rmsd_angle.auth_atom_id_2 
_pdbx_validate_rmsd_angle.auth_asym_id_2 
_pdbx_validate_rmsd_angle.auth_comp_id_2 
_pdbx_validate_rmsd_angle.auth_seq_id_2 
_pdbx_validate_rmsd_angle.PDB_ins_code_2 
_pdbx_validate_rmsd_angle.label_alt_id_2 
_pdbx_validate_rmsd_angle.auth_atom_id_3 
_pdbx_validate_rmsd_angle.auth_asym_id_3 
_pdbx_validate_rmsd_angle.auth_comp_id_3 
_pdbx_validate_rmsd_angle.auth_seq_id_3 
_pdbx_validate_rmsd_angle.PDB_ins_code_3 
_pdbx_validate_rmsd_angle.label_alt_id_3 
_pdbx_validate_rmsd_angle.angle_value 
_pdbx_validate_rmsd_angle.angle_target_value 
_pdbx_validate_rmsd_angle.angle_deviation 
_pdbx_validate_rmsd_angle.angle_standard_deviation 
_pdbx_validate_rmsd_angle.linker_flag 
1 1 C A SER 15 ? ? N A ARG 17 ? ? CA A ARG 17 ? ? 98.61  121.70 -23.09 2.50 Y 
2 1 O B ARG 5  ? ? C B ARG 5  ? ? N  B HIS 6  ? ? 134.06 122.70 11.36  1.60 Y 
# 
loop_
_pdbx_validate_torsion.id 
_pdbx_validate_torsion.PDB_model_num 
_pdbx_validate_torsion.auth_comp_id 
_pdbx_validate_torsion.auth_asym_id 
_pdbx_validate_torsion.auth_seq_id 
_pdbx_validate_torsion.PDB_ins_code 
_pdbx_validate_torsion.label_alt_id 
_pdbx_validate_torsion.phi 
_pdbx_validate_torsion.psi 
1 1 ASP A 24 ? ? -151.34 74.53   
2 1 ASP A 39 ? ? -163.58 -167.95 
3 1 HIS B 6  ? ? 88.17   -169.99 
4 1 ASP B 7  ? ? -151.37 19.14   
# 
loop_
_chem_comp_atom.comp_id 
_chem_comp_atom.atom_id 
_chem_comp_atom.type_symbol 
_chem_comp_atom.pdbx_aromatic_flag 
_chem_comp_atom.pdbx_stereo_config 
_chem_comp_atom.pdbx_ordinal 
ALA N    N  N N 1   
ALA CA   C  N S 2   
ALA C    C  N N 3   
ALA O    O  N N 4   
ALA CB   C  N N 5   
ALA OXT  O  N N 6   
ALA H    H  N N 7   
ALA H2   H  N N 8   
ALA HA   H  N N 9   
ALA HB1  H  N N 10  
ALA HB2  H  N N 11  
ALA HB3  H  N N 12  
ALA HXT  H  N N 13  
ARG N    N  N N 14  
ARG CA   C  N S 15  
ARG C    C  N N 16  
ARG O    O  N N 17  
ARG CB   C  N N 18  
ARG CG   C  N N 19  
ARG CD   C  N N 20  
ARG NE   N  N N 21  
ARG CZ   C  N N 22  
ARG NH1  N  N N 23  
ARG NH2  N  N N 24  
ARG OXT  O  N N 25  
ARG H    H  N N 26  
ARG H2   H  N N 27  
ARG HA   H  N N 28  
ARG HB2  H  N N 29  
ARG HB3  H  N N 30  
ARG HG2  H  N N 31  
ARG HG3  H  N N 32  
ARG HD2  H  N N 33  
ARG HD3  H  N N 34  
ARG HE   H  N N 35  
ARG HH11 H  N N 36  
ARG HH12 H  N N 37  
ARG HH21 H  N N 38  
ARG HH22 H  N N 39  
ARG HXT  H  N N 40  
ASN N    N  N N 41  
ASN CA   C  N S 42  
ASN C    C  N N 43  
ASN O    O  N N 44  
ASN CB   C  N N 45  
ASN CG   C  N N 46  
ASN OD1  O  N N 47  
ASN ND2  N  N N 48  
ASN OXT  O  N N 49  
ASN H    H  N N 50  
ASN H2   H  N N 51  
ASN HA   H  N N 52  
ASN HB2  H  N N 53  
ASN HB3  H  N N 54  
ASN HD21 H  N N 55  
ASN HD22 H  N N 56  
ASN HXT  H  N N 57  
ASP N    N  N N 58  
ASP CA   C  N S 59  
ASP C    C  N N 60  
ASP O    O  N N 61  
ASP CB   C  N N 62  
ASP CG   C  N N 63  
ASP OD1  O  N N 64  
ASP OD2  O  N N 65  
ASP OXT  O  N N 66  
ASP H    H  N N 67  
ASP H2   H  N N 68  
ASP HA   H  N N 69  
ASP HB2  H  N N 70  
ASP HB3  H  N N 71  
ASP HD2  H  N N 72  
ASP HXT  H  N N 73  
CA  CA   CA N N 74  
CYS N    N  N N 75  
CYS CA   C  N R 76  
CYS C    C  N N 77  
CYS O    O  N N 78  
CYS CB   C  N N 79  
CYS SG   S  N N 80  
CYS OXT  O  N N 81  
CYS H    H  N N 82  
CYS H2   H  N N 83  
CYS HA   H  N N 84  
CYS HB2  H  N N 85  
CYS HB3  H  N N 86  
CYS HG   H  N N 87  
CYS HXT  H  N N 88  
GLN N    N  N N 89  
GLN CA   C  N S 90  
GLN C    C  N N 91  
GLN O    O  N N 92  
GLN CB   C  N N 93  
GLN CG   C  N N 94  
GLN CD   C  N N 95  
GLN OE1  O  N N 96  
GLN NE2  N  N N 97  
GLN OXT  O  N N 98  
GLN H    H  N N 99  
GLN H2   H  N N 100 
GLN HA   H  N N 101 
GLN HB2  H  N N 102 
GLN HB3  H  N N 103 
GLN HG2  H  N N 104 
GLN HG3  H  N N 105 
GLN HE21 H  N N 106 
GLN HE22 H  N N 107 
GLN HXT  H  N N 108 
GLU N    N  N N 109 
GLU CA   C  N S 110 
GLU C    C  N N 111 
GLU O    O  N N 112 
GLU CB   C  N N 113 
GLU CG   C  N N 114 
GLU CD   C  N N 115 
GLU OE1  O  N N 116 
GLU OE2  O  N N 117 
GLU OXT  O  N N 118 
GLU H    H  N N 119 
GLU H2   H  N N 120 
GLU HA   H  N N 121 
GLU HB2  H  N N 122 
GLU HB3  H  N N 123 
GLU HG2  H  N N 124 
GLU HG3  H  N N 125 
GLU HE2  H  N N 126 
GLU HXT  H  N N 127 
GLY N    N  N N 128 
GLY CA   C  N N 129 
GLY C    C  N N 130 
GLY O    O  N N 131 
GLY OXT  O  N N 132 
GLY H    H  N N 133 
GLY H2   H  N N 134 
GLY HA2  H  N N 135 
GLY HA3  H  N N 136 
GLY HXT  H  N N 137 
HIS N    N  N N 138 
HIS CA   C  N S 139 
HIS C    C  N N 140 
HIS O    O  N N 141 
HIS CB   C  N N 142 
HIS CG   C  Y N 143 
HIS ND1  N  Y N 144 
HIS CD2  C  Y N 145 
HIS CE1  C  Y N 146 
HIS NE2  N  Y N 147 
HIS OXT  O  N N 148 
HIS H    H  N N 149 
HIS H2   H  N N 150 
HIS HA   H  N N 151 
HIS HB2  H  N N 152 
HIS HB3  H  N N 153 
HIS HD1  H  N N 154 
HIS HD2  H  N N 155 
HIS HE1  H  N N 156 
HIS HE2  H  N N 157 
HIS HXT  H  N N 158 
HOH O    O  N N 159 
HOH H1   H  N N 160 
HOH H2   H  N N 161 
ILE N    N  N N 162 
ILE CA   C  N S 163 
ILE C    C  N N 164 
ILE O    O  N N 165 
ILE CB   C  N S 166 
ILE CG1  C  N N 167 
ILE CG2  C  N N 168 
ILE CD1  C  N N 169 
ILE OXT  O  N N 170 
ILE H    H  N N 171 
ILE H2   H  N N 172 
ILE HA   H  N N 173 
ILE HB   H  N N 174 
ILE HG12 H  N N 175 
ILE HG13 H  N N 176 
ILE HG21 H  N N 177 
ILE HG22 H  N N 178 
ILE HG23 H  N N 179 
ILE HD11 H  N N 180 
ILE HD12 H  N N 181 
ILE HD13 H  N N 182 
ILE HXT  H  N N 183 
LEU N    N  N N 184 
LEU CA   C  N S 185 
LEU C    C  N N 186 
LEU O    O  N N 187 
LEU CB   C  N N 188 
LEU CG   C  N N 189 
LEU CD1  C  N N 190 
LEU CD2  C  N N 191 
LEU OXT  O  N N 192 
LEU H    H  N N 193 
LEU H2   H  N N 194 
LEU HA   H  N N 195 
LEU HB2  H  N N 196 
LEU HB3  H  N N 197 
LEU HG   H  N N 198 
LEU HD11 H  N N 199 
LEU HD12 H  N N 200 
LEU HD13 H  N N 201 
LEU HD21 H  N N 202 
LEU HD22 H  N N 203 
LEU HD23 H  N N 204 
LEU HXT  H  N N 205 
LYS N    N  N N 206 
LYS CA   C  N S 207 
LYS C    C  N N 208 
LYS O    O  N N 209 
LYS CB   C  N N 210 
LYS CG   C  N N 211 
LYS CD   C  N N 212 
LYS CE   C  N N 213 
LYS NZ   N  N N 214 
LYS OXT  O  N N 215 
LYS H    H  N N 216 
LYS H2   H  N N 217 
LYS HA   H  N N 218 
LYS HB2  H  N N 219 
LYS HB3  H  N N 220 
LYS HG2  H  N N 221 
LYS HG3  H  N N 222 
LYS HD2  H  N N 223 
LYS HD3  H  N N 224 
LYS HE2  H  N N 225 
LYS HE3  H  N N 226 
LYS HZ1  H  N N 227 
LYS HZ2  H  N N 228 
LYS HZ3  H  N N 229 
LYS HXT  H  N N 230 
MET N    N  N N 231 
MET CA   C  N S 232 
MET C    C  N N 233 
MET O    O  N N 234 
MET CB   C  N N 235 
MET CG   C  N N 236 
MET SD   S  N N 237 
MET CE   C  N N 238 
MET OXT  O  N N 239 
MET H    H  N N 240 
MET H2   H  N N 241 
MET HA   H  N N 242 
MET HB2  H  N N 243 
MET HB3  H  N N 244 
MET HG2  H  N N 245 
MET HG3  H  N N 246 
MET HE1  H  N N 247 
MET HE2  H  N N 248 
MET HE3  H  N N 249 
MET HXT  H  N N 250 
PHE N    N  N N 251 
PHE CA   C  N S 252 
PHE C    C  N N 253 
PHE O    O  N N 254 
PHE CB   C  N N 255 
PHE CG   C  Y N 256 
PHE CD1  C  Y N 257 
PHE CD2  C  Y N 258 
PHE CE1  C  Y N 259 
PHE CE2  C  Y N 260 
PHE CZ   C  Y N 261 
PHE OXT  O  N N 262 
PHE H    H  N N 263 
PHE H2   H  N N 264 
PHE HA   H  N N 265 
PHE HB2  H  N N 266 
PHE HB3  H  N N 267 
PHE HD1  H  N N 268 
PHE HD2  H  N N 269 
PHE HE1  H  N N 270 
PHE HE2  H  N N 271 
PHE HZ   H  N N 272 
PHE HXT  H  N N 273 
PRO N    N  N N 274 
PRO CA   C  N S 275 
PRO C    C  N N 276 
PRO O    O  N N 277 
PRO CB   C  N N 278 
PRO CG   C  N N 279 
PRO CD   C  N N 280 
PRO OXT  O  N N 281 
PRO H    H  N N 282 
PRO HA   H  N N 283 
PRO HB2  H  N N 284 
PRO HB3  H  N N 285 
PRO HG2  H  N N 286 
PRO HG3  H  N N 287 
PRO HD2  H  N N 288 
PRO HD3  H  N N 289 
PRO HXT  H  N N 290 
SER N    N  N N 291 
SER CA   C  N S 292 
SER C    C  N N 293 
SER O    O  N N 294 
SER CB   C  N N 295 
SER OG   O  N N 296 
SER OXT  O  N N 297 
SER H    H  N N 298 
SER H2   H  N N 299 
SER HA   H  N N 300 
SER HB2  H  N N 301 
SER HB3  H  N N 302 
SER HG   H  N N 303 
SER HXT  H  N N 304 
THR N    N  N N 305 
THR CA   C  N S 306 
THR C    C  N N 307 
THR O    O  N N 308 
THR CB   C  N R 309 
THR OG1  O  N N 310 
THR CG2  C  N N 311 
THR OXT  O  N N 312 
THR H    H  N N 313 
THR H2   H  N N 314 
THR HA   H  N N 315 
THR HB   H  N N 316 
THR HG1  H  N N 317 
THR HG21 H  N N 318 
THR HG22 H  N N 319 
THR HG23 H  N N 320 
THR HXT  H  N N 321 
TRP N    N  N N 322 
TRP CA   C  N S 323 
TRP C    C  N N 324 
TRP O    O  N N 325 
TRP CB   C  N N 326 
TRP CG   C  Y N 327 
TRP CD1  C  Y N 328 
TRP CD2  C  Y N 329 
TRP NE1  N  Y N 330 
TRP CE2  C  Y N 331 
TRP CE3  C  Y N 332 
TRP CZ2  C  Y N 333 
TRP CZ3  C  Y N 334 
TRP CH2  C  Y N 335 
TRP OXT  O  N N 336 
TRP H    H  N N 337 
TRP H2   H  N N 338 
TRP HA   H  N N 339 
TRP HB2  H  N N 340 
TRP HB3  H  N N 341 
TRP HD1  H  N N 342 
TRP HE1  H  N N 343 
TRP HE3  H  N N 344 
TRP HZ2  H  N N 345 
TRP HZ3  H  N N 346 
TRP HH2  H  N N 347 
TRP HXT  H  N N 348 
TYR N    N  N N 349 
TYR CA   C  N S 350 
TYR C    C  N N 351 
TYR O    O  N N 352 
TYR CB   C  N N 353 
TYR CG   C  Y N 354 
TYR CD1  C  Y N 355 
TYR CD2  C  Y N 356 
TYR CE1  C  Y N 357 
TYR CE2  C  Y N 358 
TYR CZ   C  Y N 359 
TYR OH   O  N N 360 
TYR OXT  O  N N 361 
TYR H    H  N N 362 
TYR H2   H  N N 363 
TYR HA   H  N N 364 
TYR HB2  H  N N 365 
TYR HB3  H  N N 366 
TYR HD1  H  N N 367 
TYR HD2  H  N N 368 
TYR HE1  H  N N 369 
TYR HE2  H  N N 370 
TYR HH   H  N N 371 
TYR HXT  H  N N 372 
VAL N    N  N N 373 
VAL CA   C  N S 374 
VAL C    C  N N 375 
VAL O    O  N N 376 
VAL CB   C  N N 377 
VAL CG1  C  N N 378 
VAL CG2  C  N N 379 
VAL OXT  O  N N 380 
VAL H    H  N N 381 
VAL H2   H  N N 382 
VAL HA   H  N N 383 
VAL HB   H  N N 384 
VAL HG11 H  N N 385 
VAL HG12 H  N N 386 
VAL HG13 H  N N 387 
VAL HG21 H  N N 388 
VAL HG22 H  N N 389 
VAL HG23 H  N N 390 
VAL HXT  H  N N 391 
# 
loop_
_chem_comp_bond.comp_id 
_chem_comp_bond.atom_id_1 
_chem_comp_bond.atom_id_2 
_chem_comp_bond.value_order 
_chem_comp_bond.pdbx_aromatic_flag 
_chem_comp_bond.pdbx_stereo_config 
_chem_comp_bond.pdbx_ordinal 
ALA N   CA   sing N N 1   
ALA N   H    sing N N 2   
ALA N   H2   sing N N 3   
ALA CA  C    sing N N 4   
ALA CA  CB   sing N N 5   
ALA CA  HA   sing N N 6   
ALA C   O    doub N N 7   
ALA C   OXT  sing N N 8   
ALA CB  HB1  sing N N 9   
ALA CB  HB2  sing N N 10  
ALA CB  HB3  sing N N 11  
ALA OXT HXT  sing N N 12  
ARG N   CA   sing N N 13  
ARG N   H    sing N N 14  
ARG N   H2   sing N N 15  
ARG CA  C    sing N N 16  
ARG CA  CB   sing N N 17  
ARG CA  HA   sing N N 18  
ARG C   O    doub N N 19  
ARG C   OXT  sing N N 20  
ARG CB  CG   sing N N 21  
ARG CB  HB2  sing N N 22  
ARG CB  HB3  sing N N 23  
ARG CG  CD   sing N N 24  
ARG CG  HG2  sing N N 25  
ARG CG  HG3  sing N N 26  
ARG CD  NE   sing N N 27  
ARG CD  HD2  sing N N 28  
ARG CD  HD3  sing N N 29  
ARG NE  CZ   sing N N 30  
ARG NE  HE   sing N N 31  
ARG CZ  NH1  sing N N 32  
ARG CZ  NH2  doub N N 33  
ARG NH1 HH11 sing N N 34  
ARG NH1 HH12 sing N N 35  
ARG NH2 HH21 sing N N 36  
ARG NH2 HH22 sing N N 37  
ARG OXT HXT  sing N N 38  
ASN N   CA   sing N N 39  
ASN N   H    sing N N 40  
ASN N   H2   sing N N 41  
ASN CA  C    sing N N 42  
ASN CA  CB   sing N N 43  
ASN CA  HA   sing N N 44  
ASN C   O    doub N N 45  
ASN C   OXT  sing N N 46  
ASN CB  CG   sing N N 47  
ASN CB  HB2  sing N N 48  
ASN CB  HB3  sing N N 49  
ASN CG  OD1  doub N N 50  
ASN CG  ND2  sing N N 51  
ASN ND2 HD21 sing N N 52  
ASN ND2 HD22 sing N N 53  
ASN OXT HXT  sing N N 54  
ASP N   CA   sing N N 55  
ASP N   H    sing N N 56  
ASP N   H2   sing N N 57  
ASP CA  C    sing N N 58  
ASP CA  CB   sing N N 59  
ASP CA  HA   sing N N 60  
ASP C   O    doub N N 61  
ASP C   OXT  sing N N 62  
ASP CB  CG   sing N N 63  
ASP CB  HB2  sing N N 64  
ASP CB  HB3  sing N N 65  
ASP CG  OD1  doub N N 66  
ASP CG  OD2  sing N N 67  
ASP OD2 HD2  sing N N 68  
ASP OXT HXT  sing N N 69  
CYS N   CA   sing N N 70  
CYS N   H    sing N N 71  
CYS N   H2   sing N N 72  
CYS CA  C    sing N N 73  
CYS CA  CB   sing N N 74  
CYS CA  HA   sing N N 75  
CYS C   O    doub N N 76  
CYS C   OXT  sing N N 77  
CYS CB  SG   sing N N 78  
CYS CB  HB2  sing N N 79  
CYS CB  HB3  sing N N 80  
CYS SG  HG   sing N N 81  
CYS OXT HXT  sing N N 82  
GLN N   CA   sing N N 83  
GLN N   H    sing N N 84  
GLN N   H2   sing N N 85  
GLN CA  C    sing N N 86  
GLN CA  CB   sing N N 87  
GLN CA  HA   sing N N 88  
GLN C   O    doub N N 89  
GLN C   OXT  sing N N 90  
GLN CB  CG   sing N N 91  
GLN CB  HB2  sing N N 92  
GLN CB  HB3  sing N N 93  
GLN CG  CD   sing N N 94  
GLN CG  HG2  sing N N 95  
GLN CG  HG3  sing N N 96  
GLN CD  OE1  doub N N 97  
GLN CD  NE2  sing N N 98  
GLN NE2 HE21 sing N N 99  
GLN NE2 HE22 sing N N 100 
GLN OXT HXT  sing N N 101 
GLU N   CA   sing N N 102 
GLU N   H    sing N N 103 
GLU N   H2   sing N N 104 
GLU CA  C    sing N N 105 
GLU CA  CB   sing N N 106 
GLU CA  HA   sing N N 107 
GLU C   O    doub N N 108 
GLU C   OXT  sing N N 109 
GLU CB  CG   sing N N 110 
GLU CB  HB2  sing N N 111 
GLU CB  HB3  sing N N 112 
GLU CG  CD   sing N N 113 
GLU CG  HG2  sing N N 114 
GLU CG  HG3  sing N N 115 
GLU CD  OE1  doub N N 116 
GLU CD  OE2  sing N N 117 
GLU OE2 HE2  sing N N 118 
GLU OXT HXT  sing N N 119 
GLY N   CA   sing N N 120 
GLY N   H    sing N N 121 
GLY N   H2   sing N N 122 
GLY CA  C    sing N N 123 
GLY CA  HA2  sing N N 124 
GLY CA  HA3  sing N N 125 
GLY C   O    doub N N 126 
GLY C   OXT  sing N N 127 
GLY OXT HXT  sing N N 128 
HIS N   CA   sing N N 129 
HIS N   H    sing N N 130 
HIS N   H2   sing N N 131 
HIS CA  C    sing N N 132 
HIS CA  CB   sing N N 133 
HIS CA  HA   sing N N 134 
HIS C   O    doub N N 135 
HIS C   OXT  sing N N 136 
HIS CB  CG   sing N N 137 
HIS CB  HB2  sing N N 138 
HIS CB  HB3  sing N N 139 
HIS CG  ND1  sing Y N 140 
HIS CG  CD2  doub Y N 141 
HIS ND1 CE1  doub Y N 142 
HIS ND1 HD1  sing N N 143 
HIS CD2 NE2  sing Y N 144 
HIS CD2 HD2  sing N N 145 
HIS CE1 NE2  sing Y N 146 
HIS CE1 HE1  sing N N 147 
HIS NE2 HE2  sing N N 148 
HIS OXT HXT  sing N N 149 
HOH O   H1   sing N N 150 
HOH O   H2   sing N N 151 
ILE N   CA   sing N N 152 
ILE N   H    sing N N 153 
ILE N   H2   sing N N 154 
ILE CA  C    sing N N 155 
ILE CA  CB   sing N N 156 
ILE CA  HA   sing N N 157 
ILE C   O    doub N N 158 
ILE C   OXT  sing N N 159 
ILE CB  CG1  sing N N 160 
ILE CB  CG2  sing N N 161 
ILE CB  HB   sing N N 162 
ILE CG1 CD1  sing N N 163 
ILE CG1 HG12 sing N N 164 
ILE CG1 HG13 sing N N 165 
ILE CG2 HG21 sing N N 166 
ILE CG2 HG22 sing N N 167 
ILE CG2 HG23 sing N N 168 
ILE CD1 HD11 sing N N 169 
ILE CD1 HD12 sing N N 170 
ILE CD1 HD13 sing N N 171 
ILE OXT HXT  sing N N 172 
LEU N   CA   sing N N 173 
LEU N   H    sing N N 174 
LEU N   H2   sing N N 175 
LEU CA  C    sing N N 176 
LEU CA  CB   sing N N 177 
LEU CA  HA   sing N N 178 
LEU C   O    doub N N 179 
LEU C   OXT  sing N N 180 
LEU CB  CG   sing N N 181 
LEU CB  HB2  sing N N 182 
LEU CB  HB3  sing N N 183 
LEU CG  CD1  sing N N 184 
LEU CG  CD2  sing N N 185 
LEU CG  HG   sing N N 186 
LEU CD1 HD11 sing N N 187 
LEU CD1 HD12 sing N N 188 
LEU CD1 HD13 sing N N 189 
LEU CD2 HD21 sing N N 190 
LEU CD2 HD22 sing N N 191 
LEU CD2 HD23 sing N N 192 
LEU OXT HXT  sing N N 193 
LYS N   CA   sing N N 194 
LYS N   H    sing N N 195 
LYS N   H2   sing N N 196 
LYS CA  C    sing N N 197 
LYS CA  CB   sing N N 198 
LYS CA  HA   sing N N 199 
LYS C   O    doub N N 200 
LYS C   OXT  sing N N 201 
LYS CB  CG   sing N N 202 
LYS CB  HB2  sing N N 203 
LYS CB  HB3  sing N N 204 
LYS CG  CD   sing N N 205 
LYS CG  HG2  sing N N 206 
LYS CG  HG3  sing N N 207 
LYS CD  CE   sing N N 208 
LYS CD  HD2  sing N N 209 
LYS CD  HD3  sing N N 210 
LYS CE  NZ   sing N N 211 
LYS CE  HE2  sing N N 212 
LYS CE  HE3  sing N N 213 
LYS NZ  HZ1  sing N N 214 
LYS NZ  HZ2  sing N N 215 
LYS NZ  HZ3  sing N N 216 
LYS OXT HXT  sing N N 217 
MET N   CA   sing N N 218 
MET N   H    sing N N 219 
MET N   H2   sing N N 220 
MET CA  C    sing N N 221 
MET CA  CB   sing N N 222 
MET CA  HA   sing N N 223 
MET C   O    doub N N 224 
MET C   OXT  sing N N 225 
MET CB  CG   sing N N 226 
MET CB  HB2  sing N N 227 
MET CB  HB3  sing N N 228 
MET CG  SD   sing N N 229 
MET CG  HG2  sing N N 230 
MET CG  HG3  sing N N 231 
MET SD  CE   sing N N 232 
MET CE  HE1  sing N N 233 
MET CE  HE2  sing N N 234 
MET CE  HE3  sing N N 235 
MET OXT HXT  sing N N 236 
PHE N   CA   sing N N 237 
PHE N   H    sing N N 238 
PHE N   H2   sing N N 239 
PHE CA  C    sing N N 240 
PHE CA  CB   sing N N 241 
PHE CA  HA   sing N N 242 
PHE C   O    doub N N 243 
PHE C   OXT  sing N N 244 
PHE CB  CG   sing N N 245 
PHE CB  HB2  sing N N 246 
PHE CB  HB3  sing N N 247 
PHE CG  CD1  doub Y N 248 
PHE CG  CD2  sing Y N 249 
PHE CD1 CE1  sing Y N 250 
PHE CD1 HD1  sing N N 251 
PHE CD2 CE2  doub Y N 252 
PHE CD2 HD2  sing N N 253 
PHE CE1 CZ   doub Y N 254 
PHE CE1 HE1  sing N N 255 
PHE CE2 CZ   sing Y N 256 
PHE CE2 HE2  sing N N 257 
PHE CZ  HZ   sing N N 258 
PHE OXT HXT  sing N N 259 
PRO N   CA   sing N N 260 
PRO N   CD   sing N N 261 
PRO N   H    sing N N 262 
PRO CA  C    sing N N 263 
PRO CA  CB   sing N N 264 
PRO CA  HA   sing N N 265 
PRO C   O    doub N N 266 
PRO C   OXT  sing N N 267 
PRO CB  CG   sing N N 268 
PRO CB  HB2  sing N N 269 
PRO CB  HB3  sing N N 270 
PRO CG  CD   sing N N 271 
PRO CG  HG2  sing N N 272 
PRO CG  HG3  sing N N 273 
PRO CD  HD2  sing N N 274 
PRO CD  HD3  sing N N 275 
PRO OXT HXT  sing N N 276 
SER N   CA   sing N N 277 
SER N   H    sing N N 278 
SER N   H2   sing N N 279 
SER CA  C    sing N N 280 
SER CA  CB   sing N N 281 
SER CA  HA   sing N N 282 
SER C   O    doub N N 283 
SER C   OXT  sing N N 284 
SER CB  OG   sing N N 285 
SER CB  HB2  sing N N 286 
SER CB  HB3  sing N N 287 
SER OG  HG   sing N N 288 
SER OXT HXT  sing N N 289 
THR N   CA   sing N N 290 
THR N   H    sing N N 291 
THR N   H2   sing N N 292 
THR CA  C    sing N N 293 
THR CA  CB   sing N N 294 
THR CA  HA   sing N N 295 
THR C   O    doub N N 296 
THR C   OXT  sing N N 297 
THR CB  OG1  sing N N 298 
THR CB  CG2  sing N N 299 
THR CB  HB   sing N N 300 
THR OG1 HG1  sing N N 301 
THR CG2 HG21 sing N N 302 
THR CG2 HG22 sing N N 303 
THR CG2 HG23 sing N N 304 
THR OXT HXT  sing N N 305 
TRP N   CA   sing N N 306 
TRP N   H    sing N N 307 
TRP N   H2   sing N N 308 
TRP CA  C    sing N N 309 
TRP CA  CB   sing N N 310 
TRP CA  HA   sing N N 311 
TRP C   O    doub N N 312 
TRP C   OXT  sing N N 313 
TRP CB  CG   sing N N 314 
TRP CB  HB2  sing N N 315 
TRP CB  HB3  sing N N 316 
TRP CG  CD1  doub Y N 317 
TRP CG  CD2  sing Y N 318 
TRP CD1 NE1  sing Y N 319 
TRP CD1 HD1  sing N N 320 
TRP CD2 CE2  doub Y N 321 
TRP CD2 CE3  sing Y N 322 
TRP NE1 CE2  sing Y N 323 
TRP NE1 HE1  sing N N 324 
TRP CE2 CZ2  sing Y N 325 
TRP CE3 CZ3  doub Y N 326 
TRP CE3 HE3  sing N N 327 
TRP CZ2 CH2  doub Y N 328 
TRP CZ2 HZ2  sing N N 329 
TRP CZ3 CH2  sing Y N 330 
TRP CZ3 HZ3  sing N N 331 
TRP CH2 HH2  sing N N 332 
TRP OXT HXT  sing N N 333 
TYR N   CA   sing N N 334 
TYR N   H    sing N N 335 
TYR N   H2   sing N N 336 
TYR CA  C    sing N N 337 
TYR CA  CB   sing N N 338 
TYR CA  HA   sing N N 339 
TYR C   O    doub N N 340 
TYR C   OXT  sing N N 341 
TYR CB  CG   sing N N 342 
TYR CB  HB2  sing N N 343 
TYR CB  HB3  sing N N 344 
TYR CG  CD1  doub Y N 345 
TYR CG  CD2  sing Y N 346 
TYR CD1 CE1  sing Y N 347 
TYR CD1 HD1  sing N N 348 
TYR CD2 CE2  doub Y N 349 
TYR CD2 HD2  sing N N 350 
TYR CE1 CZ   doub Y N 351 
TYR CE1 HE1  sing N N 352 
TYR CE2 CZ   sing Y N 353 
TYR CE2 HE2  sing N N 354 
TYR CZ  OH   sing N N 355 
TYR OH  HH   sing N N 356 
TYR OXT HXT  sing N N 357 
VAL N   CA   sing N N 358 
VAL N   H    sing N N 359 
VAL N   H2   sing N N 360 
VAL CA  C    sing N N 361 
VAL CA  CB   sing N N 362 
VAL CA  HA   sing N N 363 
VAL C   O    doub N N 364 
VAL C   OXT  sing N N 365 
VAL CB  CG1  sing N N 366 
VAL CB  CG2  sing N N 367 
VAL CB  HB   sing N N 368 
VAL CG1 HG11 sing N N 369 
VAL CG1 HG12 sing N N 370 
VAL CG1 HG13 sing N N 371 
VAL CG2 HG21 sing N N 372 
VAL CG2 HG22 sing N N 373 
VAL CG2 HG23 sing N N 374 
VAL OXT HXT  sing N N 375 
# 
_pdbx_initial_refinement_model.id               1 
_pdbx_initial_refinement_model.entity_id_list   ? 
_pdbx_initial_refinement_model.type             'experimental model' 
_pdbx_initial_refinement_model.source_name      PDB 
_pdbx_initial_refinement_model.accession_code   1MF4 
_pdbx_initial_refinement_model.details          'PDB ENTRY 1MF4' 
# 
_atom_sites.entry_id                    3JQ5 
_atom_sites.fract_transf_matrix[1][1]   0.01386364 
_atom_sites.fract_transf_matrix[1][2]   0.01880644 
_atom_sites.fract_transf_matrix[1][3]   0.00036618 
_atom_sites.fract_transf_matrix[2][1]   -0.00697808 
_atom_sites.fract_transf_matrix[2][2]   0.00471969 
_atom_sites.fract_transf_matrix[2][3]   0.02179559 
_atom_sites.fract_transf_matrix[3][1]   0.01135512 
_atom_sites.fract_transf_matrix[3][2]   -0.00847725 
_atom_sites.fract_transf_matrix[3][3]   0.00547115 
_atom_sites.fract_transf_vector[1]      0.228845 
_atom_sites.fract_transf_vector[2]      0.452140 
_atom_sites.fract_transf_vector[3]      0.008193 
# 
loop_
_atom_type.symbol 
C  
CA 
N  
O  
S  
# 
loop_
_atom_site.group_PDB 
_atom_site.id 
_atom_site.type_symbol 
_atom_site.label_atom_id 
_atom_site.label_alt_id 
_atom_site.label_comp_id 
_atom_site.label_asym_id 
_atom_site.label_entity_id 
_atom_site.label_seq_id 
_atom_site.pdbx_PDB_ins_code 
_atom_site.Cartn_x 
_atom_site.Cartn_y 
_atom_site.Cartn_z 
_atom_site.occupancy 
_atom_site.B_iso_or_equiv 
_atom_site.pdbx_formal_charge 
_atom_site.auth_seq_id 
_atom_site.auth_comp_id 
_atom_site.auth_asym_id 
_atom_site.auth_atom_id 
_atom_site.pdbx_PDB_model_num 
ATOM   1    N  N   . ASN A 1 1   ? 5.084   -6.610  6.462   1.00 13.70 ? 1   ASN A N   1 
ATOM   2    C  CA  . ASN A 1 1   ? 5.984   -6.509  5.276   1.00 14.10 ? 1   ASN A CA  1 
ATOM   3    C  C   . ASN A 1 1   ? 5.212   -6.447  3.955   1.00 13.92 ? 1   ASN A C   1 
ATOM   4    O  O   . ASN A 1 1   ? 3.978   -6.483  3.950   1.00 13.93 ? 1   ASN A O   1 
ATOM   5    C  CB  . ASN A 1 1   ? 7.006   -7.658  5.271   1.00 14.05 ? 1   ASN A CB  1 
ATOM   6    C  CG  . ASN A 1 1   ? 6.355   -9.030  5.376   1.00 15.83 ? 1   ASN A CG  1 
ATOM   7    O  OD1 . ASN A 1 1   ? 5.519   -9.402  4.553   1.00 13.75 ? 1   ASN A OD1 1 
ATOM   8    N  ND2 . ASN A 1 1   ? 6.755   -9.795  6.385   1.00 18.09 ? 1   ASN A ND2 1 
ATOM   9    N  N   . LEU A 1 2   ? 5.945   -6.352  2.846   1.00 14.25 ? 2   LEU A N   1 
ATOM   10   C  CA  . LEU A 1 2   ? 5.343   -6.245  1.512   1.00 15.17 ? 2   LEU A CA  1 
ATOM   11   C  C   . LEU A 1 2   ? 4.598   -7.500  1.057   1.00 14.66 ? 2   LEU A C   1 
ATOM   12   O  O   . LEU A 1 2   ? 3.643   -7.403  0.286   1.00 14.93 ? 2   LEU A O   1 
ATOM   13   C  CB  . LEU A 1 2   ? 6.386   -5.822  0.472   1.00 15.69 ? 2   LEU A CB  1 
ATOM   14   C  CG  . LEU A 1 2   ? 6.373   -4.361  0.004   1.00 19.25 ? 2   LEU A CG  1 
ATOM   15   C  CD1 . LEU A 1 2   ? 6.439   -3.360  1.156   1.00 20.96 ? 2   LEU A CD1 1 
ATOM   16   C  CD2 . LEU A 1 2   ? 7.507   -4.117  -0.975  1.00 20.72 ? 2   LEU A CD2 1 
ATOM   17   N  N   . TYR A 1 3   ? 5.040   -8.667  1.526   1.00 14.86 ? 3   TYR A N   1 
ATOM   18   C  CA  . TYR A 1 3   ? 4.336   -9.924  1.263   1.00 15.06 ? 3   TYR A CA  1 
ATOM   19   C  C   . TYR A 1 3   ? 2.970   -9.923  1.949   1.00 14.26 ? 3   TYR A C   1 
ATOM   20   O  O   . TYR A 1 3   ? 1.981   -10.389 1.380   1.00 13.53 ? 3   TYR A O   1 
ATOM   21   C  CB  . TYR A 1 3   ? 5.175   -11.126 1.720   1.00 15.74 ? 3   TYR A CB  1 
ATOM   22   C  CG  . TYR A 1 3   ? 4.441   -12.455 1.708   1.00 18.08 ? 3   TYR A CG  1 
ATOM   23   C  CD1 . TYR A 1 3   ? 4.235   -13.151 0.516   1.00 19.19 ? 3   TYR A CD1 1 
ATOM   24   C  CD2 . TYR A 1 3   ? 3.962   -13.019 2.892   1.00 19.37 ? 3   TYR A CD2 1 
ATOM   25   C  CE1 . TYR A 1 3   ? 3.563   -14.371 0.503   1.00 19.57 ? 3   TYR A CE1 1 
ATOM   26   C  CE2 . TYR A 1 3   ? 3.289   -14.238 2.889   1.00 18.83 ? 3   TYR A CE2 1 
ATOM   27   C  CZ  . TYR A 1 3   ? 3.094   -14.907 1.691   1.00 18.98 ? 3   TYR A CZ  1 
ATOM   28   O  OH  . TYR A 1 3   ? 2.432   -16.112 1.682   1.00 19.65 ? 3   TYR A OH  1 
ATOM   29   N  N   . GLN A 1 4   ? 2.956   -9.484  3.152   1.00 13.98 ? 4   GLN A N   1 
ATOM   30   C  CA  . GLN A 1 4   ? 1.718   -9.336  3.909   1.00 13.89 ? 4   GLN A CA  1 
ATOM   31   C  C   . GLN A 1 4   ? 0.814   -8.259  3.304   1.00 13.74 ? 4   GLN A C   1 
ATOM   32   O  O   . GLN A 1 4   ? -0.393  -8.456  3.208   1.00 13.19 ? 4   GLN A O   1 
ATOM   33   C  CB  . GLN A 1 4   ? 2.014   -9.013  5.377   1.00 13.91 ? 4   GLN A CB  1 
ATOM   34   C  CG  . GLN A 1 4   ? 2.625   -10.153 6.157   1.00 12.64 ? 4   GLN A CG  1 
ATOM   35   C  CD  . GLN A 1 4   ? 3.031   -9.750  7.555   1.00 13.13 ? 4   GLN A CD  1 
ATOM   36   O  OE1 . GLN A 1 4   ? 3.713   -8.735  7.756   1.00 11.86 ? 4   GLN A OE1 1 
ATOM   37   N  NE2 . GLN A 1 4   ? 2.634   -10.555 8.533   1.00 12.09 ? 4   GLN A NE2 1 
ATOM   38   N  N   . PHE A 1 5   ? 1.387   -7.133  2.880   1.00 13.89 ? 5   PHE A N   1 
ATOM   39   C  CA  . PHE A 1 5   ? 0.575   -6.076  2.243   1.00 14.38 ? 5   PHE A CA  1 
ATOM   40   C  C   . PHE A 1 5   ? -0.083  -6.598  0.958   1.00 14.65 ? 5   PHE A C   1 
ATOM   41   O  O   . PHE A 1 5   ? -1.245  -6.294  0.682   1.00 14.47 ? 5   PHE A O   1 
ATOM   42   C  CB  . PHE A 1 5   ? 1.420   -4.822  1.956   1.00 15.00 ? 5   PHE A CB  1 
ATOM   43   C  CG  . PHE A 1 5   ? 0.641   -3.663  1.349   1.00 16.71 ? 5   PHE A CG  1 
ATOM   44   C  CD1 . PHE A 1 5   ? -0.614  -3.303  1.838   1.00 16.94 ? 5   PHE A CD1 1 
ATOM   45   C  CD2 . PHE A 1 5   ? 1.202   -2.904  0.313   1.00 17.81 ? 5   PHE A CD2 1 
ATOM   46   C  CE1 . PHE A 1 5   ? -1.322  -2.232  1.280   1.00 17.97 ? 5   PHE A CE1 1 
ATOM   47   C  CE2 . PHE A 1 5   ? 0.515   -1.833  -0.246  1.00 18.66 ? 5   PHE A CE2 1 
ATOM   48   C  CZ  . PHE A 1 5   ? -0.753  -1.492  0.240   1.00 18.10 ? 5   PHE A CZ  1 
ATOM   49   N  N   . LYS A 1 6   ? 0.668   -7.381  0.184   1.00 14.46 ? 6   LYS A N   1 
ATOM   50   C  CA  . LYS A 1 6   ? 0.152   -7.992  -1.037  1.00 15.53 ? 6   LYS A CA  1 
ATOM   51   C  C   . LYS A 1 6   ? -1.038  -8.925  -0.746  1.00 15.01 ? 6   LYS A C   1 
ATOM   52   O  O   . LYS A 1 6   ? -2.032  -8.919  -1.482  1.00 14.12 ? 6   LYS A O   1 
ATOM   53   C  CB  . LYS A 1 6   ? 1.275   -8.737  -1.751  1.00 16.13 ? 6   LYS A CB  1 
ATOM   54   C  CG  . LYS A 1 6   ? 0.900   -9.296  -3.099  1.00 20.63 ? 6   LYS A CG  1 
ATOM   55   C  CD  . LYS A 1 6   ? 0.974   -10.815 -3.110  1.00 25.45 ? 6   LYS A CD  1 
ATOM   56   C  CE  . LYS A 1 6   ? 2.405   -11.298 -3.052  1.00 27.64 ? 6   LYS A CE  1 
ATOM   57   N  NZ  . LYS A 1 6   ? 2.444   -12.786 -3.115  1.00 31.33 ? 6   LYS A NZ  1 
ATOM   58   N  N   . ASN A 1 7   ? -0.935  -9.692  0.341   1.00 14.68 ? 7   ASN A N   1 
ATOM   59   C  CA  . ASN A 1 7   ? -2.036  -10.570 0.742   1.00 14.77 ? 7   ASN A CA  1 
ATOM   60   C  C   . ASN A 1 7   ? -3.262  -9.809  1.247   1.00 14.94 ? 7   ASN A C   1 
ATOM   61   O  O   . ASN A 1 7   ? -4.387  -10.305 1.150   1.00 14.38 ? 7   ASN A O   1 
ATOM   62   C  CB  . ASN A 1 7   ? -1.572  -11.586 1.790   1.00 14.69 ? 7   ASN A CB  1 
ATOM   63   C  CG  . ASN A 1 7   ? -0.830  -12.760 1.177   1.00 15.33 ? 7   ASN A CG  1 
ATOM   64   O  OD1 . ASN A 1 7   ? -1.378  -13.856 1.052   1.00 14.31 ? 7   ASN A OD1 1 
ATOM   65   N  ND2 . ASN A 1 7   ? 0.420   -12.535 0.783   1.00 13.30 ? 7   ASN A ND2 1 
ATOM   66   N  N   . MET A 1 8   ? -3.036  -8.612  1.788   1.00 14.91 ? 8   MET A N   1 
ATOM   67   C  CA  . MET A 1 8   ? -4.120  -7.720  2.205   1.00 15.25 ? 8   MET A CA  1 
ATOM   68   C  C   . MET A 1 8   ? -4.927  -7.230  1.004   1.00 16.35 ? 8   MET A C   1 
ATOM   69   O  O   . MET A 1 8   ? -6.155  -7.133  1.072   1.00 15.84 ? 8   MET A O   1 
ATOM   70   C  CB  . MET A 1 8   ? -3.573  -6.518  2.979   1.00 15.48 ? 8   MET A CB  1 
ATOM   71   C  CG  . MET A 1 8   ? -3.296  -6.775  4.450   1.00 15.70 ? 8   MET A CG  1 
ATOM   72   S  SD  . MET A 1 8   ? -3.052  -5.224  5.337   1.00 13.64 ? 8   MET A SD  1 
ATOM   73   C  CE  . MET A 1 8   ? -2.789  -5.804  7.009   1.00 15.25 ? 8   MET A CE  1 
ATOM   74   N  N   . ILE A 1 9   ? -4.226  -6.923  -0.087  1.00 16.97 ? 9   ILE A N   1 
ATOM   75   C  CA  . ILE A 1 9   ? -4.853  -6.468  -1.331  1.00 19.22 ? 9   ILE A CA  1 
ATOM   76   C  C   . ILE A 1 9   ? -5.617  -7.612  -2.003  1.00 20.27 ? 9   ILE A C   1 
ATOM   77   O  O   . ILE A 1 9   ? -6.697  -7.399  -2.559  1.00 20.42 ? 9   ILE A O   1 
ATOM   78   C  CB  . ILE A 1 9   ? -3.812  -5.852  -2.308  1.00 19.12 ? 9   ILE A CB  1 
ATOM   79   C  CG1 . ILE A 1 9   ? -3.058  -4.701  -1.633  1.00 19.72 ? 9   ILE A CG1 1 
ATOM   80   C  CG2 . ILE A 1 9   ? -4.488  -5.347  -3.583  1.00 19.54 ? 9   ILE A CG2 1 
ATOM   81   C  CD1 . ILE A 1 9   ? -1.726  -4.362  -2.278  1.00 20.61 ? 9   ILE A CD1 1 
ATOM   82   N  N   . GLN A 1 10  ? -5.029  -8.828  -1.919  1.00 21.79 ? 10  GLN A N   1 
ATOM   83   C  CA  . GLN A 1 10  ? -5.711  -10.023 -2.436  1.00 23.90 ? 10  GLN A CA  1 
ATOM   84   C  C   . GLN A 1 10  ? -7.006  -10.340 -1.668  1.00 24.82 ? 10  GLN A C   1 
ATOM   85   O  O   . GLN A 1 10  ? -7.962  -10.864 -2.247  1.00 24.31 ? 10  GLN A O   1 
ATOM   86   C  CB  . GLN A 1 10  ? -4.763  -11.226 -2.437  1.00 23.71 ? 10  GLN A CB  1 
ATOM   87   C  CG  . GLN A 1 10  ? -3.619  -11.113 -3.445  1.00 24.44 ? 10  GLN A CG  1 
ATOM   88   C  CD  . GLN A 1 10  ? -2.661  -12.304 -3.431  1.00 25.27 ? 10  GLN A CD  1 
ATOM   89   O  OE1 . GLN A 1 10  ? -1.997  -12.585 -4.429  1.00 27.64 ? 10  GLN A OE1 1 
ATOM   90   N  NE2 . GLN A 1 10  ? -2.576  -12.997 -2.300  1.00 25.42 ? 10  GLN A NE2 1 
ATOM   91   N  N   . CYS A 1 11  ? -7.086  -9.936  -0.404  1.00 26.64 ? 11  CYS A N   1 
ATOM   92   C  CA  . CYS A 1 11  ? -8.247  -10.214 0.436   1.00 27.69 ? 11  CYS A CA  1 
ATOM   93   C  C   . CYS A 1 11  ? -9.359  -9.183  0.228   1.00 27.89 ? 11  CYS A C   1 
ATOM   94   O  O   . CYS A 1 11  ? -10.541 -9.530  0.229   1.00 27.59 ? 11  CYS A O   1 
ATOM   95   C  CB  . CYS A 1 11  ? -7.835  -10.262 1.910   1.00 27.91 ? 11  CYS A CB  1 
ATOM   96   S  SG  . CYS A 1 11  ? -9.100  -10.869 3.047   1.00 30.01 ? 11  CYS A SG  1 
ATOM   97   N  N   . THR A 1 12  ? -8.952  -7.932  0.028   1.00 28.04 ? 12  THR A N   1 
ATOM   98   C  CA  . THR A 1 12  ? -9.951  -6.875  -0.160  1.00 28.58 ? 12  THR A CA  1 
ATOM   99   C  C   . THR A 1 12  ? -10.294 -6.619  -1.625  1.00 28.85 ? 12  THR A C   1 
ATOM   100  O  O   . THR A 1 12  ? -11.367 -6.104  -1.921  1.00 29.00 ? 12  THR A O   1 
ATOM   101  C  CB  . THR A 1 12  ? -9.535  -5.536  0.499   1.00 28.59 ? 12  THR A CB  1 
ATOM   102  O  OG1 . THR A 1 12  ? -8.421  -4.969  -0.212  1.00 29.54 ? 12  THR A OG1 1 
ATOM   103  C  CG2 . THR A 1 12  ? -9.170  -5.743  1.959   1.00 28.52 ? 12  THR A CG2 1 
ATOM   104  N  N   . VAL A 1 13  ? -9.383  -6.966  -2.531  1.00 29.32 ? 13  VAL A N   1 
ATOM   105  C  CA  . VAL A 1 13  ? -9.617  -6.799  -3.969  1.00 30.19 ? 13  VAL A CA  1 
ATOM   106  C  C   . VAL A 1 13  ? -9.325  -8.112  -4.722  1.00 31.02 ? 13  VAL A C   1 
ATOM   107  O  O   . VAL A 1 13  ? -8.364  -8.187  -5.493  1.00 30.43 ? 13  VAL A O   1 
ATOM   108  C  CB  . VAL A 1 13  ? -8.770  -5.630  -4.574  1.00 30.23 ? 13  VAL A CB  1 
ATOM   109  C  CG1 . VAL A 1 13  ? -9.344  -5.180  -5.914  1.00 30.23 ? 13  VAL A CG1 1 
ATOM   110  C  CG2 . VAL A 1 13  ? -8.696  -4.435  -3.621  1.00 30.46 ? 13  VAL A CG2 1 
ATOM   111  N  N   . PRO A 1 14  ? -10.183 -9.138  -4.604  1.00 32.12 ? 14  PRO A N   1 
ATOM   112  C  CA  . PRO A 1 14  ? -9.891  -10.453 -5.183  1.00 33.32 ? 14  PRO A CA  1 
ATOM   113  C  C   . PRO A 1 14  ? -10.194 -10.574 -6.682  1.00 34.31 ? 14  PRO A C   1 
ATOM   114  O  O   . PRO A 1 14  ? -9.793  -11.560 -7.311  1.00 34.77 ? 14  PRO A O   1 
ATOM   115  C  CB  . PRO A 1 14  ? -10.806 -11.384 -4.385  1.00 33.34 ? 14  PRO A CB  1 
ATOM   116  C  CG  . PRO A 1 14  ? -11.991 -10.541 -4.050  1.00 33.02 ? 14  PRO A CG  1 
ATOM   117  C  CD  . PRO A 1 14  ? -11.521 -9.101  -3.979  1.00 32.39 ? 14  PRO A CD  1 
ATOM   118  N  N   . SER A 1 15  ? -10.694 -9.492  -7.272  1.00 35.43 ? 15  SER A N   1 
ATOM   119  C  CA  . SER A 1 15  ? -10.734 -9.416  -8.707  1.00 36.34 ? 15  SER A CA  1 
ATOM   120  C  C   . SER A 1 15  ? -9.336  -9.069  -9.183  1.00 36.71 ? 15  SER A C   1 
ATOM   121  O  O   . SER A 1 15  ? -9.040  -9.348  -10.349 1.00 37.29 ? 15  SER A O   1 
ATOM   122  C  CB  . SER A 1 15  ? -11.719 -8.353  -9.197  1.00 36.47 ? 15  SER A CB  1 
ATOM   123  O  OG  . SER A 1 15  ? -11.435 -7.091  -8.624  1.00 37.73 ? 15  SER A OG  1 
ATOM   124  N  N   . ARG A 1 16  ? -8.441  -8.499  -8.381  1.00 41.24 ? 17  ARG A N   1 
ATOM   125  C  CA  . ARG A 1 16  ? -7.384  -8.238  -9.378  1.00 40.79 ? 17  ARG A CA  1 
ATOM   126  C  C   . ARG A 1 16  ? -6.002  -8.336  -8.886  1.00 40.52 ? 17  ARG A C   1 
ATOM   127  O  O   . ARG A 1 16  ? -5.681  -8.145  -7.708  1.00 40.53 ? 17  ARG A O   1 
ATOM   128  C  CB  . ARG A 1 16  ? -7.694  -6.938  -10.183 1.00 41.04 ? 17  ARG A CB  1 
ATOM   129  C  CG  . ARG A 1 16  ? -7.478  -5.553  -9.588  1.00 41.56 ? 17  ARG A CG  1 
ATOM   130  C  CD  . ARG A 1 16  ? -8.232  -4.455  -10.344 1.00 41.74 ? 17  ARG A CD  1 
ATOM   131  N  NE  . ARG A 1 16  ? -7.716  -4.144  -11.689 1.00 42.10 ? 17  ARG A NE  1 
ATOM   132  C  CZ  . ARG A 1 16  ? -8.416  -3.586  -12.693 1.00 41.58 ? 17  ARG A CZ  1 
ATOM   133  N  NH1 . ARG A 1 16  ? -9.675  -3.251  -12.511 1.00 41.35 ? 17  ARG A NH1 1 
ATOM   134  N  NH2 . ARG A 1 16  ? -7.833  -3.390  -13.876 1.00 41.21 ? 17  ARG A NH2 1 
ATOM   135  N  N   . SER A 1 17  ? -5.157  -8.659  -9.855  1.00 39.85 ? 18  SER A N   1 
ATOM   136  C  CA  . SER A 1 17  ? -3.750  -8.928  -9.577  1.00 39.32 ? 18  SER A CA  1 
ATOM   137  C  C   . SER A 1 17  ? -3.131  -7.747  -8.836  1.00 38.78 ? 18  SER A C   1 
ATOM   138  O  O   . SER A 1 17  ? -3.308  -6.594  -9.235  1.00 39.07 ? 18  SER A O   1 
ATOM   139  C  CB  . SER A 1 17  ? -2.983  -9.214  -10.870 1.00 39.43 ? 18  SER A CB  1 
ATOM   140  O  OG  . SER A 1 17  ? -1.643  -9.590  -10.599 1.00 40.17 ? 18  SER A OG  1 
ATOM   141  N  N   . TRP A 1 18  ? -2.522  -8.045  -7.675  1.00 37.77 ? 19  TRP A N   1 
ATOM   142  C  CA  . TRP A 1 18  ? -1.838  -7.033  -6.881  1.00 36.69 ? 19  TRP A CA  1 
ATOM   143  C  C   . TRP A 1 18  ? -0.886  -6.168  -7.713  1.00 35.49 ? 19  TRP A C   1 
ATOM   144  O  O   . TRP A 1 18  ? -0.619  -5.016  -7.356  1.00 35.55 ? 19  TRP A O   1 
ATOM   145  C  CB  . TRP A 1 18  ? -1.057  -7.710  -5.756  1.00 37.26 ? 19  TRP A CB  1 
ATOM   146  C  CG  . TRP A 1 18  ? 0.007   -8.651  -6.246  1.00 37.80 ? 19  TRP A CG  1 
ATOM   147  C  CD1 . TRP A 1 18  ? -0.139  -9.983  -6.515  1.00 38.84 ? 19  TRP A CD1 1 
ATOM   148  C  CD2 . TRP A 1 18  ? 1.382   -8.339  -6.513  1.00 37.77 ? 19  TRP A CD2 1 
ATOM   149  N  NE1 . TRP A 1 18  ? 1.054   -10.515 -6.940  1.00 38.99 ? 19  TRP A NE1 1 
ATOM   150  C  CE2 . TRP A 1 18  ? 2.005   -9.527  -6.949  1.00 38.33 ? 19  TRP A CE2 1 
ATOM   151  C  CE3 . TRP A 1 18  ? 2.144   -7.165  -6.437  1.00 38.11 ? 19  TRP A CE3 1 
ATOM   152  C  CZ2 . TRP A 1 18  ? 3.356   -9.581  -7.299  1.00 37.97 ? 19  TRP A CZ2 1 
ATOM   153  C  CZ3 . TRP A 1 18  ? 3.487   -7.217  -6.785  1.00 38.40 ? 19  TRP A CZ3 1 
ATOM   154  C  CH2 . TRP A 1 18  ? 4.080   -8.418  -7.213  1.00 38.49 ? 19  TRP A CH2 1 
ATOM   155  N  N   . ALA A 1 19  ? -0.369  -6.740  -8.806  1.00 33.65 ? 20  ALA A N   1 
ATOM   156  C  CA  . ALA A 1 19  ? 0.579   -6.060  -9.688  1.00 31.76 ? 20  ALA A CA  1 
ATOM   157  C  C   . ALA A 1 19  ? -0.025  -4.813  -10.332 1.00 30.41 ? 20  ALA A C   1 
ATOM   158  O  O   . ALA A 1 19  ? 0.701   -3.901  -10.726 1.00 30.02 ? 20  ALA A O   1 
ATOM   159  C  CB  . ALA A 1 19  ? 1.087   -7.015  -10.758 1.00 32.02 ? 20  ALA A CB  1 
ATOM   160  N  N   . ASP A 1 20  ? -1.355  -4.792  -10.427 1.00 28.94 ? 21  ASP A N   1 
ATOM   161  C  CA  . ASP A 1 20  ? -2.103  -3.648  -10.951 1.00 27.76 ? 21  ASP A CA  1 
ATOM   162  C  C   . ASP A 1 20  ? -1.894  -2.394  -10.113 1.00 26.71 ? 21  ASP A C   1 
ATOM   163  O  O   . ASP A 1 20  ? -2.031  -1.279  -10.610 1.00 25.97 ? 21  ASP A O   1 
ATOM   164  C  CB  . ASP A 1 20  ? -3.592  -3.970  -11.024 1.00 27.39 ? 21  ASP A CB  1 
ATOM   165  C  CG  . ASP A 1 20  ? -3.932  -4.925  -12.154 1.00 28.61 ? 21  ASP A CG  1 
ATOM   166  O  OD1 . ASP A 1 20  ? -3.029  -5.309  -12.935 1.00 29.26 ? 21  ASP A OD1 1 
ATOM   167  O  OD2 . ASP A 1 20  ? -5.113  -5.290  -12.264 1.00 28.70 ? 21  ASP A OD2 1 
ATOM   168  N  N   . PHE A 1 21  ? -1.561  -2.599  -8.839  1.00 25.51 ? 22  PHE A N   1 
ATOM   169  C  CA  . PHE A 1 21  ? -1.379  -1.510  -7.883  1.00 24.55 ? 22  PHE A CA  1 
ATOM   170  C  C   . PHE A 1 21  ? 0.092   -1.172  -7.680  1.00 23.90 ? 22  PHE A C   1 
ATOM   171  O  O   . PHE A 1 21  ? 0.413   -0.196  -7.000  1.00 24.11 ? 22  PHE A O   1 
ATOM   172  C  CB  . PHE A 1 21  ? -2.023  -1.871  -6.533  1.00 24.37 ? 22  PHE A CB  1 
ATOM   173  C  CG  . PHE A 1 21  ? -3.500  -2.170  -6.619  1.00 24.65 ? 22  PHE A CG  1 
ATOM   174  C  CD1 . PHE A 1 21  ? -4.436  -1.136  -6.584  1.00 24.57 ? 22  PHE A CD1 1 
ATOM   175  C  CD2 . PHE A 1 21  ? -3.956  -3.484  -6.730  1.00 24.55 ? 22  PHE A CD2 1 
ATOM   176  C  CE1 . PHE A 1 21  ? -5.806  -1.400  -6.667  1.00 24.25 ? 22  PHE A CE1 1 
ATOM   177  C  CE2 . PHE A 1 21  ? -5.325  -3.760  -6.811  1.00 24.40 ? 22  PHE A CE2 1 
ATOM   178  C  CZ  . PHE A 1 21  ? -6.253  -2.709  -6.782  1.00 24.90 ? 22  PHE A CZ  1 
ATOM   179  N  N   . ALA A 1 22  ? 0.978   -1.972  -8.278  1.00 23.16 ? 23  ALA A N   1 
ATOM   180  C  CA  . ALA A 1 22  ? 2.417   -1.876  -8.031  1.00 22.40 ? 23  ALA A CA  1 
ATOM   181  C  C   . ALA A 1 22  ? 3.102   -0.781  -8.838  1.00 22.06 ? 23  ALA A C   1 
ATOM   182  O  O   . ALA A 1 22  ? 4.231   -0.414  -8.541  1.00 21.44 ? 23  ALA A O   1 
ATOM   183  C  CB  . ALA A 1 22  ? 3.096   -3.212  -8.291  1.00 22.76 ? 23  ALA A CB  1 
ATOM   184  N  N   . ASP A 1 23  ? 2.417   -0.283  -9.866  1.00 21.62 ? 24  ASP A N   1 
ATOM   185  C  CA  . ASP A 1 23  ? 2.954   0.755   -10.737 1.00 21.17 ? 24  ASP A CA  1 
ATOM   186  C  C   . ASP A 1 23  ? 1.805   1.587   -11.302 1.00 19.91 ? 24  ASP A C   1 
ATOM   187  O  O   . ASP A 1 23  ? 1.441   1.442   -12.465 1.00 19.69 ? 24  ASP A O   1 
ATOM   188  C  CB  . ASP A 1 23  ? 3.771   0.113   -11.864 1.00 21.94 ? 24  ASP A CB  1 
ATOM   189  C  CG  . ASP A 1 23  ? 4.454   1.137   -12.764 1.00 24.10 ? 24  ASP A CG  1 
ATOM   190  O  OD1 . ASP A 1 23  ? 4.521   2.333   -12.408 1.00 24.56 ? 24  ASP A OD1 1 
ATOM   191  O  OD2 . ASP A 1 23  ? 4.930   0.726   -13.843 1.00 27.47 ? 24  ASP A OD2 1 
ATOM   192  N  N   . TYR A 1 24  ? 1.230   2.441   -10.459 1.00 18.43 ? 25  TYR A N   1 
ATOM   193  C  CA  . TYR A 1 24  ? 0.056   3.230   -10.818 1.00 16.81 ? 25  TYR A CA  1 
ATOM   194  C  C   . TYR A 1 24  ? 0.216   4.666   -10.339 1.00 16.11 ? 25  TYR A C   1 
ATOM   195  O  O   . TYR A 1 24  ? 0.607   4.918   -9.192  1.00 15.66 ? 25  TYR A O   1 
ATOM   196  C  CB  . TYR A 1 24  ? -1.202  2.595   -10.224 1.00 17.21 ? 25  TYR A CB  1 
ATOM   197  C  CG  . TYR A 1 24  ? -2.548  3.206   -10.629 1.00 17.75 ? 25  TYR A CG  1 
ATOM   198  C  CD1 . TYR A 1 24  ? -3.006  4.409   -10.060 1.00 18.24 ? 25  TYR A CD1 1 
ATOM   199  C  CD2 . TYR A 1 24  ? -3.394  2.538   -11.521 1.00 18.10 ? 25  TYR A CD2 1 
ATOM   200  C  CE1 . TYR A 1 24  ? -4.251  4.950   -10.414 1.00 17.66 ? 25  TYR A CE1 1 
ATOM   201  C  CE2 . TYR A 1 24  ? -4.642  3.073   -11.886 1.00 16.24 ? 25  TYR A CE2 1 
ATOM   202  C  CZ  . TYR A 1 24  ? -5.058  4.269   -11.328 1.00 17.80 ? 25  TYR A CZ  1 
ATOM   203  O  OH  . TYR A 1 24  ? -6.281  4.786   -11.669 1.00 18.27 ? 25  TYR A OH  1 
ATOM   204  N  N   . GLY A 1 25  ? -0.084  5.608   -11.228 1.00 14.97 ? 26  GLY A N   1 
ATOM   205  C  CA  . GLY A 1 25  ? -0.069  7.028   -10.894 1.00 14.53 ? 26  GLY A CA  1 
ATOM   206  C  C   . GLY A 1 25  ? 1.305   7.468   -10.431 1.00 14.37 ? 26  GLY A C   1 
ATOM   207  O  O   . GLY A 1 25  ? 2.309   6.870   -10.810 1.00 14.15 ? 26  GLY A O   1 
ATOM   208  N  N   . CYS A 1 26  ? 1.337   8.504   -9.598  1.00 14.37 ? 27  CYS A N   1 
ATOM   209  C  CA  . CYS A 1 26  ? 2.589   9.075   -9.097  1.00 14.64 ? 27  CYS A CA  1 
ATOM   210  C  C   . CYS A 1 26  ? 3.019   8.472   -7.755  1.00 15.00 ? 27  CYS A C   1 
ATOM   211  O  O   . CYS A 1 26  ? 4.166   8.643   -7.353  1.00 15.10 ? 27  CYS A O   1 
ATOM   212  C  CB  . CYS A 1 26  ? 2.474   10.603  -8.963  1.00 14.72 ? 27  CYS A CB  1 
ATOM   213  S  SG  . CYS A 1 26  ? 2.369   11.486  -10.557 1.00 15.17 ? 27  CYS A SG  1 
ATOM   214  N  N   . TYR A 1 27  ? 2.112   7.772   -7.076  1.00 14.93 ? 28  TYR A N   1 
ATOM   215  C  CA  . TYR A 1 27  ? 2.391   7.284   -5.718  1.00 15.64 ? 28  TYR A CA  1 
ATOM   216  C  C   . TYR A 1 27  ? 2.362   5.777   -5.495  1.00 16.25 ? 28  TYR A C   1 
ATOM   217  O  O   . TYR A 1 27  ? 3.049   5.292   -4.591  1.00 16.53 ? 28  TYR A O   1 
ATOM   218  C  CB  . TYR A 1 27  ? 1.505   7.992   -4.691  1.00 15.42 ? 28  TYR A CB  1 
ATOM   219  C  CG  . TYR A 1 27  ? 1.902   9.432   -4.521  1.00 15.32 ? 28  TYR A CG  1 
ATOM   220  C  CD1 . TYR A 1 27  ? 1.313   10.429  -5.297  1.00 14.79 ? 28  TYR A CD1 1 
ATOM   221  C  CD2 . TYR A 1 27  ? 2.889   9.794   -3.607  1.00 13.30 ? 28  TYR A CD2 1 
ATOM   222  C  CE1 . TYR A 1 27  ? 1.708   11.760  -5.167  1.00 16.75 ? 28  TYR A CE1 1 
ATOM   223  C  CE2 . TYR A 1 27  ? 3.284   11.121  -3.463  1.00 15.27 ? 28  TYR A CE2 1 
ATOM   224  C  CZ  . TYR A 1 27  ? 2.688   12.095  -4.245  1.00 15.88 ? 28  TYR A CZ  1 
ATOM   225  O  OH  . TYR A 1 27  ? 3.069   13.404  -4.097  1.00 16.75 ? 28  TYR A OH  1 
ATOM   226  N  N   . CYS A 1 28  ? 1.615   5.061   -6.324  1.00 16.57 ? 29  CYS A N   1 
ATOM   227  C  CA  . CYS A 1 28  ? 1.506   3.606   -6.193  1.00 18.37 ? 29  CYS A CA  1 
ATOM   228  C  C   . CYS A 1 28  ? 2.725   2.896   -6.778  1.00 20.23 ? 29  CYS A C   1 
ATOM   229  O  O   . CYS A 1 28  ? 2.965   2.942   -7.988  1.00 20.26 ? 29  CYS A O   1 
ATOM   230  C  CB  . CYS A 1 28  ? 0.215   3.083   -6.830  1.00 16.97 ? 29  CYS A CB  1 
ATOM   231  S  SG  . CYS A 1 28  ? -1.283  3.993   -6.384  1.00 15.31 ? 29  CYS A SG  1 
ATOM   232  N  N   . GLY A 1 29  ? 3.492   2.252   -5.903  1.00 22.66 ? 30  GLY A N   1 
ATOM   233  C  CA  . GLY A 1 29  ? 4.702   1.535   -6.293  1.00 26.02 ? 30  GLY A CA  1 
ATOM   234  C  C   . GLY A 1 29  ? 5.972   2.275   -5.925  1.00 28.22 ? 30  GLY A C   1 
ATOM   235  O  O   . GLY A 1 29  ? 6.195   2.606   -4.758  1.00 29.12 ? 30  GLY A O   1 
ATOM   236  N  N   . LYS A 1 30  ? 6.805   2.532   -6.932  1.00 30.36 ? 31  LYS A N   1 
ATOM   237  C  CA  . LYS A 1 30  ? 8.086   3.210   -6.744  1.00 32.54 ? 31  LYS A CA  1 
ATOM   238  C  C   . LYS A 1 30  ? 7.918   4.707   -6.475  1.00 33.07 ? 31  LYS A C   1 
ATOM   239  O  O   . LYS A 1 30  ? 8.593   5.267   -5.608  1.00 34.20 ? 31  LYS A O   1 
ATOM   240  C  CB  . LYS A 1 30  ? 8.994   2.982   -7.958  1.00 32.50 ? 31  LYS A CB  1 
ATOM   241  C  CG  . LYS A 1 30  ? 10.409  3.527   -7.805  1.00 33.77 ? 31  LYS A CG  1 
ATOM   242  C  CD  . LYS A 1 30  ? 11.230  3.299   -9.063  1.00 33.53 ? 31  LYS A CD  1 
ATOM   243  C  CE  . LYS A 1 30  ? 12.601  3.946   -8.946  1.00 34.06 ? 31  LYS A CE  1 
ATOM   244  N  NZ  . LYS A 1 30  ? 13.473  3.605   -10.101 1.00 33.35 ? 31  LYS A NZ  1 
ATOM   245  N  N   . GLY A 1 31  ? 6.939   5.309   -7.201  1.00 33.62 ? 32  GLY A N   1 
ATOM   246  C  CA  . GLY A 1 31  ? 6.800   6.762   -7.121  1.00 33.58 ? 32  GLY A CA  1 
ATOM   247  C  C   . GLY A 1 31  ? 6.407   7.301   -5.756  1.00 33.43 ? 32  GLY A C   1 
ATOM   248  O  O   . GLY A 1 31  ? 5.663   6.645   -5.018  1.00 33.96 ? 32  GLY A O   1 
ATOM   249  N  N   . GLY A 1 32  ? 6.922   8.487   -5.422  1.00 32.67 ? 33  GLY A N   1 
ATOM   250  C  CA  . GLY A 1 32  ? 6.492   9.246   -4.250  1.00 31.65 ? 33  GLY A CA  1 
ATOM   251  C  C   . GLY A 1 32  ? 6.647   10.755  -4.419  1.00 30.97 ? 33  GLY A C   1 
ATOM   252  O  O   . GLY A 1 32  ? 7.261   11.403  -3.572  1.00 31.00 ? 33  GLY A O   1 
ATOM   253  N  N   . SER A 1 33  ? 6.084   11.320  -5.497  1.00 30.29 ? 34  SER A N   1 
ATOM   254  C  CA  . SER A 1 33  ? 6.180   12.772  -5.781  1.00 29.25 ? 34  SER A CA  1 
ATOM   255  C  C   . SER A 1 33  ? 5.067   13.343  -6.681  1.00 28.71 ? 34  SER A C   1 
ATOM   256  O  O   . SER A 1 33  ? 4.329   12.602  -7.328  1.00 28.28 ? 34  SER A O   1 
ATOM   257  C  CB  . SER A 1 33  ? 7.552   13.125  -6.386  1.00 29.48 ? 34  SER A CB  1 
ATOM   258  O  OG  . SER A 1 33  ? 7.700   12.561  -7.681  1.00 29.65 ? 34  SER A OG  1 
ATOM   259  N  N   . GLY A 1 34  ? 4.959   14.670  -6.709  1.00 27.83 ? 35  GLY A N   1 
ATOM   260  C  CA  . GLY A 1 34  ? 4.034   15.365  -7.604  1.00 27.22 ? 35  GLY A CA  1 
ATOM   261  C  C   . GLY A 1 34  ? 2.585   15.311  -7.161  1.00 26.84 ? 35  GLY A C   1 
ATOM   262  O  O   . GLY A 1 34  ? 2.291   15.000  -6.004  1.00 26.66 ? 35  GLY A O   1 
ATOM   263  N  N   . THR A 1 35  ? 1.688   15.606  -8.099  1.00 26.19 ? 36  THR A N   1 
ATOM   264  C  CA  . THR A 1 35  ? 0.257   15.674  -7.843  1.00 25.85 ? 36  THR A CA  1 
ATOM   265  C  C   . THR A 1 35  ? -0.395  14.305  -8.066  1.00 24.80 ? 36  THR A C   1 
ATOM   266  O  O   . THR A 1 35  ? -0.279  13.727  -9.151  1.00 24.44 ? 36  THR A O   1 
ATOM   267  C  CB  . THR A 1 35  ? -0.428  16.761  -8.728  1.00 26.12 ? 36  THR A CB  1 
ATOM   268  O  OG1 . THR A 1 35  ? 0.200   18.026  -8.497  1.00 27.46 ? 36  THR A OG1 1 
ATOM   269  C  CG2 . THR A 1 35  ? -1.908  16.888  -8.395  1.00 26.74 ? 36  THR A CG2 1 
ATOM   270  N  N   . PRO A 1 36  ? -1.076  13.777  -7.035  1.00 24.06 ? 37  PRO A N   1 
ATOM   271  C  CA  . PRO A 1 36  ? -1.754  12.479  -7.179  1.00 23.62 ? 37  PRO A CA  1 
ATOM   272  C  C   . PRO A 1 36  ? -2.737  12.557  -8.341  1.00 23.40 ? 37  PRO A C   1 
ATOM   273  O  O   . PRO A 1 36  ? -3.483  13.544  -8.452  1.00 23.40 ? 37  PRO A O   1 
ATOM   274  C  CB  . PRO A 1 36  ? -2.511  12.314  -5.859  1.00 23.31 ? 37  PRO A CB  1 
ATOM   275  C  CG  . PRO A 1 36  ? -1.898  13.264  -4.909  1.00 23.80 ? 37  PRO A CG  1 
ATOM   276  C  CD  . PRO A 1 36  ? -1.268  14.372  -5.700  1.00 24.20 ? 37  PRO A CD  1 
ATOM   277  N  N   . VAL A 1 37  ? -2.727  11.553  -9.210  1.00 22.89 ? 38  VAL A N   1 
ATOM   278  C  CA  . VAL A 1 37  ? -3.499  11.634  -10.458 1.00 22.70 ? 38  VAL A CA  1 
ATOM   279  C  C   . VAL A 1 37  ? -4.999  11.362  -10.281 1.00 22.63 ? 38  VAL A C   1 
ATOM   280  O  O   . VAL A 1 37  ? -5.805  11.834  -11.076 1.00 22.39 ? 38  VAL A O   1 
ATOM   281  C  CB  . VAL A 1 37  ? -2.900  10.757  -11.611 1.00 22.84 ? 38  VAL A CB  1 
ATOM   282  C  CG1 . VAL A 1 37  ? -1.480  11.202  -11.956 1.00 22.97 ? 38  VAL A CG1 1 
ATOM   283  C  CG2 . VAL A 1 37  ? -2.940  9.267   -11.270 1.00 22.47 ? 38  VAL A CG2 1 
ATOM   284  N  N   . ASP A 1 38  ? -5.367  10.595  -9.252  1.00 22.16 ? 39  ASP A N   1 
ATOM   285  C  CA  . ASP A 1 38  ? -6.769  10.272  -8.998  1.00 21.79 ? 39  ASP A CA  1 
ATOM   286  C  C   . ASP A 1 38  ? -6.984  9.736   -7.575  1.00 21.71 ? 39  ASP A C   1 
ATOM   287  O  O   . ASP A 1 38  ? -6.084  9.840   -6.734  1.00 21.24 ? 39  ASP A O   1 
ATOM   288  C  CB  . ASP A 1 38  ? -7.328  9.322   -10.078 1.00 21.69 ? 39  ASP A CB  1 
ATOM   289  C  CG  . ASP A 1 38  ? -6.658  7.964   -10.086 1.00 22.16 ? 39  ASP A CG  1 
ATOM   290  O  OD1 . ASP A 1 38  ? -5.832  7.668   -9.186  1.00 20.65 ? 39  ASP A OD1 1 
ATOM   291  O  OD2 . ASP A 1 38  ? -6.979  7.171   -10.995 1.00 21.25 ? 39  ASP A OD2 1 
ATOM   292  N  N   . ASP A 1 39  ? -8.168  9.178   -7.306  1.00 21.42 ? 40  ASP A N   1 
ATOM   293  C  CA  . ASP A 1 39  ? -8.509  8.691   -5.962  1.00 21.49 ? 40  ASP A CA  1 
ATOM   294  C  C   . ASP A 1 39  ? -7.611  7.540   -5.506  1.00 20.38 ? 40  ASP A C   1 
ATOM   295  O  O   . ASP A 1 39  ? -7.171  7.513   -4.353  1.00 20.30 ? 40  ASP A O   1 
ATOM   296  C  CB  . ASP A 1 39  ? -9.972  8.250   -5.879  1.00 22.06 ? 40  ASP A CB  1 
ATOM   297  C  CG  . ASP A 1 39  ? -10.935 9.420   -5.832  1.00 25.34 ? 40  ASP A CG  1 
ATOM   298  O  OD1 . ASP A 1 39  ? -10.822 10.275  -4.920  1.00 28.94 ? 40  ASP A OD1 1 
ATOM   299  O  OD2 . ASP A 1 39  ? -11.825 9.473   -6.706  1.00 29.89 ? 40  ASP A OD2 1 
ATOM   300  N  N   . LEU A 1 40  ? -7.352  6.601   -6.410  1.00 19.01 ? 41  LEU A N   1 
ATOM   301  C  CA  . LEU A 1 40  ? -6.476  5.474   -6.116  1.00 18.54 ? 41  LEU A CA  1 
ATOM   302  C  C   . LEU A 1 40  ? -5.061  5.946   -5.785  1.00 17.79 ? 41  LEU A C   1 
ATOM   303  O  O   . LEU A 1 40  ? -4.476  5.489   -4.803  1.00 18.27 ? 41  LEU A O   1 
ATOM   304  C  CB  . LEU A 1 40  ? -6.468  4.465   -7.270  1.00 18.53 ? 41  LEU A CB  1 
ATOM   305  C  CG  . LEU A 1 40  ? -5.589  3.217   -7.137  1.00 18.99 ? 41  LEU A CG  1 
ATOM   306  C  CD1 . LEU A 1 40  ? -5.795  2.481   -5.809  1.00 18.11 ? 41  LEU A CD1 1 
ATOM   307  C  CD2 . LEU A 1 40  ? -5.872  2.294   -8.309  1.00 18.82 ? 41  LEU A CD2 1 
ATOM   308  N  N   . ASP A 1 41  ? -4.531  6.869   -6.585  1.00 16.50 ? 42  ASP A N   1 
ATOM   309  C  CA  . ASP A 1 41  ? -3.215  7.462   -6.340  1.00 15.63 ? 42  ASP A CA  1 
ATOM   310  C  C   . ASP A 1 41  ? -3.176  8.162   -4.994  1.00 15.05 ? 42  ASP A C   1 
ATOM   311  O  O   . ASP A 1 41  ? -2.152  8.157   -4.315  1.00 14.53 ? 42  ASP A O   1 
ATOM   312  C  CB  . ASP A 1 41  ? -2.847  8.459   -7.445  1.00 15.78 ? 42  ASP A CB  1 
ATOM   313  C  CG  . ASP A 1 41  ? -1.353  8.516   -7.716  1.00 15.92 ? 42  ASP A CG  1 
ATOM   314  O  OD1 . ASP A 1 41  ? -0.603  7.609   -7.267  1.00 15.15 ? 42  ASP A OD1 1 
ATOM   315  O  OD2 . ASP A 1 41  ? -0.932  9.460   -8.413  1.00 14.72 ? 42  ASP A OD2 1 
ATOM   316  N  N   . ARG A 1 42  ? -4.292  8.781   -4.615  1.00 14.93 ? 43  ARG A N   1 
ATOM   317  C  CA  . ARG A 1 42  ? -4.390  9.422   -3.308  1.00 15.24 ? 43  ARG A CA  1 
ATOM   318  C  C   . ARG A 1 42  ? -4.317  8.407   -2.156  1.00 14.46 ? 43  ARG A C   1 
ATOM   319  O  O   . ARG A 1 42  ? -3.698  8.701   -1.144  1.00 14.75 ? 43  ARG A O   1 
ATOM   320  C  CB  . ARG A 1 42  ? -5.622  10.320  -3.204  1.00 15.80 ? 43  ARG A CB  1 
ATOM   321  C  CG  . ARG A 1 42  ? -5.448  11.638  -3.957  1.00 18.92 ? 43  ARG A CG  1 
ATOM   322  C  CD  . ARG A 1 42  ? -6.579  12.616  -3.715  1.00 23.96 ? 43  ARG A CD  1 
ATOM   323  N  NE  . ARG A 1 42  ? -6.453  13.806  -4.559  1.00 28.29 ? 43  ARG A NE  1 
ATOM   324  C  CZ  . ARG A 1 42  ? -5.743  14.893  -4.254  1.00 29.69 ? 43  ARG A CZ  1 
ATOM   325  N  NH1 . ARG A 1 42  ? -5.084  14.980  -3.104  1.00 29.40 ? 43  ARG A NH1 1 
ATOM   326  N  NH2 . ARG A 1 42  ? -5.701  15.908  -5.108  1.00 31.89 ? 43  ARG A NH2 1 
ATOM   327  N  N   . CYS A 1 43  ? -4.922  7.228   -2.320  1.00 14.40 ? 44  CYS A N   1 
ATOM   328  C  CA  . CYS A 1 43  ? -4.741  6.112   -1.365  1.00 14.38 ? 44  CYS A CA  1 
ATOM   329  C  C   . CYS A 1 43  ? -3.264  5.798   -1.169  1.00 14.22 ? 44  CYS A C   1 
ATOM   330  O  O   . CYS A 1 43  ? -2.791  5.620   -0.041  1.00 13.70 ? 44  CYS A O   1 
ATOM   331  C  CB  . CYS A 1 43  ? -5.418  4.835   -1.857  1.00 14.54 ? 44  CYS A CB  1 
ATOM   332  S  SG  . CYS A 1 43  ? -7.204  4.898   -2.045  1.00 15.24 ? 44  CYS A SG  1 
ATOM   333  N  N   . CYS A 1 44  ? -2.542  5.710   -2.281  1.00 13.53 ? 45  CYS A N   1 
ATOM   334  C  CA  . CYS A 1 44  ? -1.117  5.420   -2.247  1.00 13.23 ? 45  CYS A CA  1 
ATOM   335  C  C   . CYS A 1 44  ? -0.266  6.537   -1.670  1.00 13.13 ? 45  CYS A C   1 
ATOM   336  O  O   . CYS A 1 44  ? 0.710   6.258   -0.974  1.00 12.57 ? 45  CYS A O   1 
ATOM   337  C  CB  . CYS A 1 44  ? -0.614  5.052   -3.642  1.00 13.44 ? 45  CYS A CB  1 
ATOM   338  S  SG  . CYS A 1 44  ? -1.376  3.536   -4.226  1.00 13.64 ? 45  CYS A SG  1 
ATOM   339  N  N   . GLN A 1 45  ? -0.629  7.790   -1.946  1.00 12.84 ? 46  GLN A N   1 
ATOM   340  C  CA  . GLN A 1 45  ? 0.059   8.930   -1.334  1.00 13.30 ? 46  GLN A CA  1 
ATOM   341  C  C   . GLN A 1 45  ? -0.048  8.889   0.204   1.00 12.78 ? 46  GLN A C   1 
ATOM   342  O  O   . GLN A 1 45  ? 0.946   9.097   0.909   1.00 12.83 ? 46  GLN A O   1 
ATOM   343  C  CB  . GLN A 1 45  ? -0.504  10.258  -1.869  1.00 13.06 ? 46  GLN A CB  1 
ATOM   344  C  CG  . GLN A 1 45  ? 0.166   11.498  -1.282  1.00 13.57 ? 46  GLN A CG  1 
ATOM   345  C  CD  . GLN A 1 45  ? -0.583  12.785  -1.594  1.00 15.09 ? 46  GLN A CD  1 
ATOM   346  O  OE1 . GLN A 1 45  ? -1.812  12.838  -1.531  1.00 19.23 ? 46  GLN A OE1 1 
ATOM   347  N  NE2 . GLN A 1 45  ? 0.157   13.826  -1.944  1.00 17.04 ? 46  GLN A NE2 1 
ATOM   348  N  N   . THR A 1 46  ? -1.250  8.624   0.713   1.00 12.58 ? 47  THR A N   1 
ATOM   349  C  CA  . THR A 1 46  ? -1.469  8.526   2.164   1.00 12.97 ? 47  THR A CA  1 
ATOM   350  C  C   . THR A 1 46  ? -0.646  7.347   2.734   1.00 12.15 ? 47  THR A C   1 
ATOM   351  O  O   . THR A 1 46  ? 0.021   7.485   3.757   1.00 11.62 ? 47  THR A O   1 
ATOM   352  C  CB  . THR A 1 46  ? -2.973  8.392   2.516   1.00 13.18 ? 47  THR A CB  1 
ATOM   353  O  OG1 . THR A 1 46  ? -3.673  9.610   2.172   1.00 17.36 ? 47  THR A OG1 1 
ATOM   354  C  CG2 . THR A 1 46  ? -3.171  8.114   4.033   1.00 13.79 ? 47  THR A CG2 1 
ATOM   355  N  N   . HIS A 1 47  ? -0.686  6.208   2.049   1.00 11.95 ? 48  HIS A N   1 
ATOM   356  C  CA  . HIS A 1 47  ? 0.120   5.016   2.420   1.00 11.94 ? 48  HIS A CA  1 
ATOM   357  C  C   . HIS A 1 47  ? 1.632   5.310   2.462   1.00 11.62 ? 48  HIS A C   1 
ATOM   358  O  O   . HIS A 1 47  ? 2.320   4.946   3.420   1.00 11.24 ? 48  HIS A O   1 
ATOM   359  C  CB  . HIS A 1 47  ? -0.188  3.860   1.462   1.00 11.80 ? 48  HIS A CB  1 
ATOM   360  C  CG  . HIS A 1 47  ? 0.462   2.559   1.841   1.00 13.73 ? 48  HIS A CG  1 
ATOM   361  N  ND1 . HIS A 1 47  ? 1.517   2.015   1.133   1.00 14.88 ? 48  HIS A ND1 1 
ATOM   362  C  CD2 . HIS A 1 47  ? 0.194   1.688   2.842   1.00 13.30 ? 48  HIS A CD2 1 
ATOM   363  C  CE1 . HIS A 1 47  ? 1.878   0.872   1.691   1.00 14.46 ? 48  HIS A CE1 1 
ATOM   364  N  NE2 . HIS A 1 47  ? 1.087   0.646   2.726   1.00 13.24 ? 48  HIS A NE2 1 
ATOM   365  N  N   . ASP A 1 48  ? 2.145   5.956   1.418   1.00 11.58 ? 49  ASP A N   1 
ATOM   366  C  CA  . ASP A 1 48  ? 3.549   6.378   1.366   1.00 11.73 ? 49  ASP A CA  1 
ATOM   367  C  C   . ASP A 1 48  ? 3.944   7.282   2.558   1.00 11.26 ? 49  ASP A C   1 
ATOM   368  O  O   . ASP A 1 48  ? 4.975   7.063   3.197   1.00 9.99  ? 49  ASP A O   1 
ATOM   369  C  CB  . ASP A 1 48  ? 3.823   7.141   0.065   1.00 12.47 ? 49  ASP A CB  1 
ATOM   370  C  CG  . ASP A 1 48  ? 3.816   6.247   -1.164  1.00 15.10 ? 49  ASP A CG  1 
ATOM   371  O  OD1 . ASP A 1 48  ? 3.799   5.000   -1.036  1.00 13.65 ? 49  ASP A OD1 1 
ATOM   372  O  OD2 . ASP A 1 48  ? 3.840   6.806   -2.289  1.00 20.10 ? 49  ASP A OD2 1 
ATOM   373  N  N   . ASN A 1 49  ? 3.130   8.304   2.822   1.00 11.21 ? 50  ASN A N   1 
ATOM   374  C  CA  . ASN A 1 49  ? 3.326   9.195   3.965   1.00 11.52 ? 50  ASN A CA  1 
ATOM   375  C  C   . ASN A 1 49  ? 3.239   8.439   5.287   1.00 11.12 ? 50  ASN A C   1 
ATOM   376  O  O   . ASN A 1 49  ? 3.979   8.732   6.209   1.00 10.88 ? 50  ASN A O   1 
ATOM   377  C  CB  . ASN A 1 49  ? 2.264   10.290  4.004   1.00 11.67 ? 50  ASN A CB  1 
ATOM   378  C  CG  . ASN A 1 49  ? 2.448   11.347  2.936   1.00 12.80 ? 50  ASN A CG  1 
ATOM   379  O  OD1 . ASN A 1 49  ? 3.378   11.315  2.127   1.00 14.38 ? 50  ASN A OD1 1 
ATOM   380  N  ND2 . ASN A 1 49  ? 1.540   12.292  2.930   1.00 12.95 ? 50  ASN A ND2 1 
ATOM   381  N  N   . CYS A 1 50  ? 2.312   7.484   5.373   1.00 11.23 ? 51  CYS A N   1 
ATOM   382  C  CA  . CYS A 1 50  ? 2.146   6.659   6.560   1.00 10.90 ? 51  CYS A CA  1 
ATOM   383  C  C   . CYS A 1 50  ? 3.423   5.873   6.878   1.00 10.76 ? 51  CYS A C   1 
ATOM   384  O  O   . CYS A 1 50  ? 3.823   5.779   8.034   1.00 10.28 ? 51  CYS A O   1 
ATOM   385  C  CB  . CYS A 1 50  ? 0.935   5.719   6.398   1.00 11.28 ? 51  CYS A CB  1 
ATOM   386  S  SG  . CYS A 1 50  ? 0.310   4.979   7.941   1.00 12.65 ? 51  CYS A SG  1 
ATOM   387  N  N   . TYR A 1 51  ? 4.047   5.307   5.847   1.00 10.41 ? 52  TYR A N   1 
ATOM   388  C  CA  . TYR A 1 51  ? 5.316   4.594   5.999   1.00 10.42 ? 52  TYR A CA  1 
ATOM   389  C  C   . TYR A 1 51  ? 6.456   5.511   6.418   1.00 10.82 ? 52  TYR A C   1 
ATOM   390  O  O   . TYR A 1 51  ? 7.284   5.124   7.241   1.00 9.86  ? 52  TYR A O   1 
ATOM   391  C  CB  . TYR A 1 51  ? 5.700   3.914   4.707   1.00 10.26 ? 52  TYR A CB  1 
ATOM   392  C  CG  . TYR A 1 51  ? 5.173   2.496   4.503   1.00 10.87 ? 52  TYR A CG  1 
ATOM   393  C  CD1 . TYR A 1 51  ? 4.055   2.006   5.195   1.00 9.41  ? 52  TYR A CD1 1 
ATOM   394  C  CD2 . TYR A 1 51  ? 5.763   1.678   3.549   1.00 11.45 ? 52  TYR A CD2 1 
ATOM   395  C  CE1 . TYR A 1 51  ? 3.576   0.687   4.957   1.00 9.20  ? 52  TYR A CE1 1 
ATOM   396  C  CE2 . TYR A 1 51  ? 5.289   0.376   3.296   1.00 10.91 ? 52  TYR A CE2 1 
ATOM   397  C  CZ  . TYR A 1 51  ? 4.213   -0.110  3.991   1.00 10.08 ? 52  TYR A CZ  1 
ATOM   398  O  OH  . TYR A 1 51  ? 3.794   -1.397  3.682   1.00 10.92 ? 52  TYR A OH  1 
ATOM   399  N  N   . ASN A 1 52  ? 6.508   6.719   5.846   1.00 11.59 ? 53  ASN A N   1 
ATOM   400  C  CA  . ASN A 1 52  ? 7.529   7.689   6.239   1.00 13.16 ? 53  ASN A CA  1 
ATOM   401  C  C   . ASN A 1 52  ? 7.451   8.009   7.735   1.00 13.43 ? 53  ASN A C   1 
ATOM   402  O  O   . ASN A 1 52  ? 8.469   8.151   8.397   1.00 14.37 ? 53  ASN A O   1 
ATOM   403  C  CB  . ASN A 1 52  ? 7.433   8.971   5.396   1.00 13.50 ? 53  ASN A CB  1 
ATOM   404  C  CG  . ASN A 1 52  ? 7.975   8.788   3.991   1.00 15.50 ? 53  ASN A CG  1 
ATOM   405  O  OD1 . ASN A 1 52  ? 8.767   7.893   3.736   1.00 17.85 ? 53  ASN A OD1 1 
ATOM   406  N  ND2 . ASN A 1 52  ? 7.541   9.632   3.077   1.00 16.23 ? 53  ASN A ND2 1 
ATOM   407  N  N   . GLU A 1 53  ? 6.232   8.092   8.261   1.00 14.46 ? 54  GLU A N   1 
ATOM   408  C  CA  . GLU A 1 53  ? 5.997   8.366   9.676   1.00 14.96 ? 54  GLU A CA  1 
ATOM   409  C  C   . GLU A 1 53  ? 6.424   7.209   10.557  1.00 15.32 ? 54  GLU A C   1 
ATOM   410  O  O   . GLU A 1 53  ? 7.096   7.417   11.568  1.00 15.34 ? 54  GLU A O   1 
ATOM   411  C  CB  . GLU A 1 53  ? 4.516   8.673   9.928   1.00 15.52 ? 54  GLU A CB  1 
ATOM   412  C  CG  . GLU A 1 53  ? 4.112   10.077  9.577   1.00 17.92 ? 54  GLU A CG  1 
ATOM   413  C  CD  . GLU A 1 53  ? 4.773   11.113  10.471  1.00 19.17 ? 54  GLU A CD  1 
ATOM   414  O  OE1 . GLU A 1 53  ? 4.792   10.925  11.699  1.00 18.72 ? 54  GLU A OE1 1 
ATOM   415  O  OE2 . GLU A 1 53  ? 5.268   12.115  9.930   1.00 22.79 ? 54  GLU A OE2 1 
ATOM   416  N  N   . ALA A 1 54  ? 6.081   5.964   10.154  1.00 15.23 ? 55  ALA A N   1 
ATOM   417  C  CA  . ALA A 1 54  ? 6.433   4.741   10.874  1.00 15.58 ? 55  ALA A CA  1 
ATOM   418  C  C   . ALA A 1 54  ? 7.946   4.539   10.923  1.00 16.12 ? 55  ALA A C   1 
ATOM   419  O  O   . ALA A 1 54  ? 8.465   3.901   11.841  1.00 15.99 ? 55  ALA A O   1 
ATOM   420  C  CB  . ALA A 1 54  ? 5.754   3.537   10.238  1.00 14.31 ? 55  ALA A CB  1 
ATOM   421  N  N   . GLU A 1 55  ? 8.641   5.097   9.932   1.00 16.73 ? 56  GLU A N   1 
ATOM   422  C  CA  . GLU A 1 55  ? 10.103  5.038   9.845   1.00 18.24 ? 56  GLU A CA  1 
ATOM   423  C  C   . GLU A 1 55  ? 10.807  5.869   10.920  1.00 18.31 ? 56  GLU A C   1 
ATOM   424  O  O   . GLU A 1 55  ? 12.000  5.681   11.171  1.00 17.98 ? 56  GLU A O   1 
ATOM   425  C  CB  . GLU A 1 55  ? 10.566  5.473   8.451   1.00 18.93 ? 56  GLU A CB  1 
ATOM   426  C  CG  . GLU A 1 55  ? 10.485  4.373   7.400   1.00 21.35 ? 56  GLU A CG  1 
ATOM   427  C  CD  . GLU A 1 55  ? 10.282  4.900   5.987   1.00 27.15 ? 56  GLU A CD  1 
ATOM   428  O  OE1 . GLU A 1 55  ? 10.651  6.063   5.711   1.00 29.13 ? 56  GLU A OE1 1 
ATOM   429  O  OE2 . GLU A 1 55  ? 9.750   4.144   5.147   1.00 29.35 ? 56  GLU A OE2 1 
ATOM   430  N  N   . ASN A 1 56  ? 10.066  6.782   11.547  1.00 18.67 ? 57  ASN A N   1 
ATOM   431  C  CA  . ASN A 1 56  ? 10.584  7.590   12.653  1.00 19.29 ? 57  ASN A CA  1 
ATOM   432  C  C   . ASN A 1 56  ? 10.802  6.780   13.931  1.00 19.05 ? 57  ASN A C   1 
ATOM   433  O  O   . ASN A 1 56  ? 11.613  7.155   14.780  1.00 19.14 ? 57  ASN A O   1 
ATOM   434  C  CB  . ASN A 1 56  ? 9.663   8.783   12.934  1.00 19.86 ? 57  ASN A CB  1 
ATOM   435  C  CG  . ASN A 1 56  ? 9.690   9.826   11.826  1.00 22.28 ? 57  ASN A CG  1 
ATOM   436  O  OD1 . ASN A 1 56  ? 10.388  9.674   10.820  1.00 26.12 ? 57  ASN A OD1 1 
ATOM   437  N  ND2 . ASN A 1 56  ? 8.925   10.896  12.009  1.00 26.02 ? 57  ASN A ND2 1 
ATOM   438  N  N   . ILE A 1 57  ? 10.062  5.588   13.992  1.00 18.39 ? 58  ILE A N   1 
ATOM   439  C  CA  . ILE A 1 57  ? 10.206  4.673   15.124  1.00 17.91 ? 58  ILE A CA  1 
ATOM   440  C  C   . ILE A 1 57  ? 11.537  3.945   15.011  1.00 17.63 ? 58  ILE A C   1 
ATOM   441  O  O   . ILE A 1 57  ? 11.898  3.448   13.945  1.00 16.23 ? 58  ILE A O   1 
ATOM   442  C  CB  . ILE A 1 57  ? 9.019   3.675   15.210  1.00 17.73 ? 58  ILE A CB  1 
ATOM   443  C  CG1 . ILE A 1 57  ? 7.692   4.431   15.418  1.00 17.71 ? 58  ILE A CG1 1 
ATOM   444  C  CG2 . ILE A 1 57  ? 9.254   2.638   16.328  1.00 18.73 ? 58  ILE A CG2 1 
ATOM   445  C  CD1 . ILE A 1 57  ? 6.449   3.581   15.173  1.00 18.45 ? 58  ILE A CD1 1 
ATOM   446  N  N   . SER A 1 58  ? 12.270  3.910   16.125  1.00 17.82 ? 59  SER A N   1 
ATOM   447  C  CA  . SER A 1 58  ? 13.592  3.296   16.180  1.00 18.32 ? 59  SER A CA  1 
ATOM   448  C  C   . SER A 1 58  ? 13.548  1.852   15.705  1.00 17.38 ? 59  SER A C   1 
ATOM   449  O  O   . SER A 1 58  ? 12.830  1.038   16.273  1.00 17.88 ? 59  SER A O   1 
ATOM   450  C  CB  . SER A 1 58  ? 14.138  3.363   17.618  1.00 19.27 ? 59  SER A CB  1 
ATOM   451  O  OG  . SER A 1 58  ? 15.250  2.488   17.786  1.00 23.03 ? 59  SER A OG  1 
ATOM   452  N  N   . GLY A 1 59  ? 14.294  1.542   14.650  1.00 16.18 ? 60  GLY A N   1 
ATOM   453  C  CA  . GLY A 1 59  ? 14.385  0.170   14.151  1.00 15.45 ? 60  GLY A CA  1 
ATOM   454  C  C   . GLY A 1 59  ? 13.171  -0.325  13.389  1.00 14.93 ? 60  GLY A C   1 
ATOM   455  O  O   . GLY A 1 59  ? 12.995  -1.530  13.210  1.00 15.49 ? 60  GLY A O   1 
ATOM   456  N  N   . CYS A 1 60  ? 12.332  0.604   12.950  1.00 13.75 ? 61  CYS A N   1 
ATOM   457  C  CA  . CYS A 1 60  ? 11.085  0.281   12.261  1.00 13.09 ? 61  CYS A CA  1 
ATOM   458  C  C   . CYS A 1 60  ? 11.230  0.451   10.748  1.00 12.74 ? 61  CYS A C   1 
ATOM   459  O  O   . CYS A 1 60  ? 11.414  1.567   10.250  1.00 12.88 ? 61  CYS A O   1 
ATOM   460  C  CB  . CYS A 1 60  ? 9.935   1.146   12.795  1.00 12.39 ? 61  CYS A CB  1 
ATOM   461  S  SG  . CYS A 1 60  ? 8.298   0.547   12.304  1.00 12.79 ? 61  CYS A SG  1 
ATOM   462  N  N   . ARG A 1 61  ? 11.140  -0.671  10.039  1.00 12.43 ? 62  ARG A N   1 
ATOM   463  C  CA  . ARG A 1 61  ? 11.325  -0.740  8.595   1.00 12.84 ? 62  ARG A CA  1 
ATOM   464  C  C   . ARG A 1 61  ? 10.072  -1.329  7.939   1.00 12.56 ? 62  ARG A C   1 
ATOM   465  O  O   . ARG A 1 61  ? 9.907   -2.552  7.886   1.00 12.33 ? 62  ARG A O   1 
ATOM   466  C  CB  . ARG A 1 61  ? 12.564  -1.580  8.278   1.00 12.83 ? 62  ARG A CB  1 
ATOM   467  C  CG  . ARG A 1 61  ? 13.812  -1.073  9.007   1.00 15.16 ? 62  ARG A CG  1 
ATOM   468  C  CD  . ARG A 1 61  ? 14.998  -1.991  8.854   1.00 18.44 ? 62  ARG A CD  1 
ATOM   469  N  NE  . ARG A 1 61  ? 14.897  -3.252  9.593   1.00 21.05 ? 62  ARG A NE  1 
ATOM   470  C  CZ  . ARG A 1 61  ? 15.463  -3.486  10.777  1.00 21.14 ? 62  ARG A CZ  1 
ATOM   471  N  NH1 . ARG A 1 61  ? 16.154  -2.538  11.409  1.00 21.11 ? 62  ARG A NH1 1 
ATOM   472  N  NH2 . ARG A 1 61  ? 15.321  -4.675  11.337  1.00 22.19 ? 62  ARG A NH2 1 
ATOM   473  N  N   . PRO A 1 62  ? 9.130   -0.471  7.556   1.00 13.01 ? 63  PRO A N   1 
ATOM   474  C  CA  . PRO A 1 62  ? 7.783   -0.888  7.053   1.00 13.17 ? 63  PRO A CA  1 
ATOM   475  C  C   . PRO A 1 62  ? 7.775   -1.855  5.901   1.00 13.51 ? 63  PRO A C   1 
ATOM   476  O  O   . PRO A 1 62  ? 6.812   -2.604  5.723   1.00 13.50 ? 63  PRO A O   1 
ATOM   477  C  CB  . PRO A 1 62  ? 7.181   0.448   6.649   1.00 12.96 ? 63  PRO A CB  1 
ATOM   478  C  CG  . PRO A 1 62  ? 7.974   1.508   7.364   1.00 13.42 ? 63  PRO A CG  1 
ATOM   479  C  CD  . PRO A 1 62  ? 9.374   0.976   7.471   1.00 13.01 ? 63  PRO A CD  1 
ATOM   480  N  N   . TYR A 1 63  ? 8.845   -1.836  5.108   1.00 14.04 ? 64  TYR A N   1 
ATOM   481  C  CA  . TYR A 1 63  ? 8.998   -2.736  3.966   1.00 15.22 ? 64  TYR A CA  1 
ATOM   482  C  C   . TYR A 1 63  ? 9.271   -4.183  4.382   1.00 14.32 ? 64  TYR A C   1 
ATOM   483  O  O   . TYR A 1 63  ? 9.002   -5.113  3.618   1.00 14.32 ? 64  TYR A O   1 
ATOM   484  C  CB  . TYR A 1 63  ? 10.128  -2.248  3.052   1.00 16.43 ? 64  TYR A CB  1 
ATOM   485  C  CG  . TYR A 1 63  ? 9.710   -1.265  1.977   1.00 19.26 ? 64  TYR A CG  1 
ATOM   486  C  CD1 . TYR A 1 63  ? 9.268   0.019   2.301   1.00 21.38 ? 64  TYR A CD1 1 
ATOM   487  C  CD2 . TYR A 1 63  ? 9.783   -1.613  0.628   1.00 21.66 ? 64  TYR A CD2 1 
ATOM   488  C  CE1 . TYR A 1 63  ? 8.893   0.923   1.311   1.00 22.01 ? 64  TYR A CE1 1 
ATOM   489  C  CE2 . TYR A 1 63  ? 9.411   -0.717  -0.370  1.00 22.61 ? 64  TYR A CE2 1 
ATOM   490  C  CZ  . TYR A 1 63  ? 8.968   0.548   -0.021  1.00 21.85 ? 64  TYR A CZ  1 
ATOM   491  O  OH  . TYR A 1 63  ? 8.601   1.438   -1.004  1.00 23.21 ? 64  TYR A OH  1 
ATOM   492  N  N   . PHE A 1 64  ? 9.798   -4.367  5.592   1.00 13.72 ? 65  PHE A N   1 
ATOM   493  C  CA  . PHE A 1 64  ? 10.295  -5.674  6.027   1.00 13.35 ? 65  PHE A CA  1 
ATOM   494  C  C   . PHE A 1 64  ? 9.696   -6.195  7.336   1.00 13.23 ? 65  PHE A C   1 
ATOM   495  O  O   . PHE A 1 64  ? 9.728   -7.402  7.592   1.00 13.38 ? 65  PHE A O   1 
ATOM   496  C  CB  . PHE A 1 64  ? 11.824  -5.649  6.133   1.00 13.59 ? 65  PHE A CB  1 
ATOM   497  C  CG  . PHE A 1 64  ? 12.521  -5.298  4.845   1.00 13.24 ? 65  PHE A CG  1 
ATOM   498  C  CD1 . PHE A 1 64  ? 12.757  -6.271  3.878   1.00 14.90 ? 65  PHE A CD1 1 
ATOM   499  C  CD2 . PHE A 1 64  ? 12.950  -3.996  4.605   1.00 12.96 ? 65  PHE A CD2 1 
ATOM   500  C  CE1 . PHE A 1 64  ? 13.403  -5.951  2.687   1.00 15.63 ? 65  PHE A CE1 1 
ATOM   501  C  CE2 . PHE A 1 64  ? 13.596  -3.666  3.416   1.00 14.79 ? 65  PHE A CE2 1 
ATOM   502  C  CZ  . PHE A 1 64  ? 13.823  -4.646  2.455   1.00 14.62 ? 65  PHE A CZ  1 
ATOM   503  N  N   . LYS A 1 65  ? 9.167   -5.260  8.127   1.00 12.59 ? 66  LYS A N   1 
ATOM   504  C  CA  . LYS A 1 65  ? 8.590   -5.581  9.437   1.00 12.47 ? 66  LYS A CA  1 
ATOM   505  C  C   . LYS A 1 65  ? 7.386   -6.511  9.309   1.00 12.68 ? 66  LYS A C   1 
ATOM   506  O  O   . LYS A 1 65  ? 6.420   -6.196  8.597   1.00 12.34 ? 66  LYS A O   1 
ATOM   507  C  CB  . LYS A 1 65  ? 8.157   -4.312  10.181  1.00 12.49 ? 66  LYS A CB  1 
ATOM   508  C  CG  . LYS A 1 65  ? 7.545   -4.576  11.568  1.00 13.40 ? 66  LYS A CG  1 
ATOM   509  C  CD  . LYS A 1 65  ? 8.601   -5.031  12.560  1.00 14.53 ? 66  LYS A CD  1 
ATOM   510  C  CE  . LYS A 1 65  ? 7.992   -5.530  13.854  1.00 16.38 ? 66  LYS A CE  1 
ATOM   511  N  NZ  . LYS A 1 65  ? 9.037   -6.104  14.744  1.00 17.70 ? 66  LYS A NZ  1 
ATOM   512  N  N   . THR A 1 66  ? 7.458   -7.660  9.975   1.00 12.34 ? 67  THR A N   1 
ATOM   513  C  CA  . THR A 1 66  ? 6.387   -8.651  9.984   1.00 13.71 ? 67  THR A CA  1 
ATOM   514  C  C   . THR A 1 66  ? 5.424   -8.318  11.133  1.00 13.59 ? 67  THR A C   1 
ATOM   515  O  O   . THR A 1 66  ? 5.819   -8.259  12.292  1.00 13.54 ? 67  THR A O   1 
ATOM   516  C  CB  . THR A 1 66  ? 6.976   -10.084 10.123  1.00 13.54 ? 67  THR A CB  1 
ATOM   517  O  OG1 . THR A 1 66  ? 7.850   -10.331 9.018   1.00 15.83 ? 67  THR A OG1 1 
ATOM   518  C  CG2 . THR A 1 66  ? 5.881   -11.143 10.099  1.00 16.26 ? 67  THR A CG2 1 
ATOM   519  N  N   . TYR A 1 67  ? 4.168   -8.064  10.794  1.00 13.29 ? 68  TYR A N   1 
ATOM   520  C  CA  . TYR A 1 67  ? 3.146   -7.807  11.794  1.00 13.08 ? 68  TYR A CA  1 
ATOM   521  C  C   . TYR A 1 67  ? 2.156   -8.972  11.876  1.00 13.13 ? 68  TYR A C   1 
ATOM   522  O  O   . TYR A 1 67  ? 2.220   -9.913  11.086  1.00 13.51 ? 68  TYR A O   1 
ATOM   523  C  CB  . TYR A 1 67  ? 2.420   -6.485  11.496  1.00 12.78 ? 68  TYR A CB  1 
ATOM   524  C  CG  . TYR A 1 67  ? 1.978   -6.308  10.049  1.00 12.39 ? 68  TYR A CG  1 
ATOM   525  C  CD1 . TYR A 1 67  ? 0.899   -7.029  9.533   1.00 12.22 ? 68  TYR A CD1 1 
ATOM   526  C  CD2 . TYR A 1 67  ? 2.626   -5.390  9.209   1.00 11.95 ? 68  TYR A CD2 1 
ATOM   527  C  CE1 . TYR A 1 67  ? 0.482   -6.864  8.213   1.00 11.67 ? 68  TYR A CE1 1 
ATOM   528  C  CE2 . TYR A 1 67  ? 2.213   -5.206  7.891   1.00 10.94 ? 68  TYR A CE2 1 
ATOM   529  C  CZ  . TYR A 1 67  ? 1.143   -5.950  7.399   1.00 11.68 ? 68  TYR A CZ  1 
ATOM   530  O  OH  . TYR A 1 67  ? 0.725   -5.784  6.106   1.00 11.44 ? 68  TYR A OH  1 
ATOM   531  N  N   . SER A 1 68  ? 1.239   -8.886  12.833  1.00 13.34 ? 69  SER A N   1 
ATOM   532  C  CA  . SER A 1 68  ? 0.212   -9.898  13.041  1.00 14.17 ? 69  SER A CA  1 
ATOM   533  C  C   . SER A 1 68  ? -1.133  -9.328  12.590  1.00 13.79 ? 69  SER A C   1 
ATOM   534  O  O   . SER A 1 68  ? -1.563  -8.291  13.075  1.00 13.08 ? 69  SER A O   1 
ATOM   535  C  CB  . SER A 1 68  ? 0.153   -10.286 14.531  1.00 14.42 ? 69  SER A CB  1 
ATOM   536  O  OG  . SER A 1 68  ? -0.916  -11.192 14.777  1.00 17.98 ? 69  SER A OG  1 
ATOM   537  N  N   . TYR A 1 69  ? -1.789  -10.013 11.661  1.00 14.25 ? 70  TYR A N   1 
ATOM   538  C  CA  . TYR A 1 69  ? -3.064  -9.548  11.123  1.00 14.98 ? 70  TYR A CA  1 
ATOM   539  C  C   . TYR A 1 69  ? -3.920  -10.736 10.714  1.00 15.59 ? 70  TYR A C   1 
ATOM   540  O  O   . TYR A 1 69  ? -3.434  -11.856 10.631  1.00 14.64 ? 70  TYR A O   1 
ATOM   541  C  CB  . TYR A 1 69  ? -2.831  -8.605  9.925   1.00 14.95 ? 70  TYR A CB  1 
ATOM   542  C  CG  . TYR A 1 69  ? -2.452  -9.311  8.641   1.00 15.98 ? 70  TYR A CG  1 
ATOM   543  C  CD1 . TYR A 1 69  ? -1.199  -9.908  8.494   1.00 14.59 ? 70  TYR A CD1 1 
ATOM   544  C  CD2 . TYR A 1 69  ? -3.353  -9.385  7.573   1.00 15.11 ? 70  TYR A CD2 1 
ATOM   545  C  CE1 . TYR A 1 69  ? -0.848  -10.551 7.325   1.00 16.17 ? 70  TYR A CE1 1 
ATOM   546  C  CE2 . TYR A 1 69  ? -3.009  -10.022 6.396   1.00 15.96 ? 70  TYR A CE2 1 
ATOM   547  C  CZ  . TYR A 1 69  ? -1.759  -10.607 6.277   1.00 15.87 ? 70  TYR A CZ  1 
ATOM   548  O  OH  . TYR A 1 69  ? -1.417  -11.266 5.110   1.00 17.54 ? 70  TYR A OH  1 
ATOM   549  N  N   . GLU A 1 70  ? -5.178  -10.550 10.509  1.00 16.99 ? 71  GLU A N   1 
ATOM   550  C  CA  . GLU A 1 70  ? -6.100  -11.575 10.028  1.00 19.76 ? 71  GLU A CA  1 
ATOM   551  C  C   . GLU A 1 70  ? -7.001  -11.024 8.927   1.00 20.12 ? 71  GLU A C   1 
ATOM   552  O  O   . GLU A 1 70  ? -7.426  -9.867  8.981   1.00 19.57 ? 71  GLU A O   1 
ATOM   553  C  CB  . GLU A 1 70  ? -6.950  -12.125 11.181  1.00 18.98 ? 71  GLU A CB  1 
ATOM   554  C  CG  . GLU A 1 70  ? -7.826  -13.321 10.802  1.00 22.28 ? 71  GLU A CG  1 
ATOM   555  C  CD  . GLU A 1 70  ? -8.684  -13.835 11.949  1.00 23.33 ? 71  GLU A CD  1 
ATOM   556  O  OE1 . GLU A 1 70  ? -8.557  -13.326 13.084  1.00 26.83 ? 71  GLU A OE1 1 
ATOM   557  O  OE2 . GLU A 1 70  ? -9.492  -14.758 11.712  1.00 28.66 ? 71  GLU A OE2 1 
ATOM   558  N  N   . CYS A 1 71  ? -7.299  -11.771 7.958   1.00 21.61 ? 72  CYS A N   1 
ATOM   559  C  CA  . CYS A 1 71  ? -8.282  -11.392 6.946   1.00 23.75 ? 72  CYS A CA  1 
ATOM   560  C  C   . CYS A 1 71  ? -9.221  -12.555 6.629   1.00 23.24 ? 72  CYS A C   1 
ATOM   561  O  O   . CYS A 1 71  ? -8.920  -13.401 5.780   1.00 22.90 ? 72  CYS A O   1 
ATOM   562  C  CB  . CYS A 1 71  ? -7.597  -10.877 5.677   1.00 24.45 ? 72  CYS A CB  1 
ATOM   563  S  SG  . CYS A 1 71  ? -8.644  -9.799  4.669   1.00 34.24 ? 72  CYS A SG  1 
ATOM   564  N  N   . THR A 1 72  ? -10.336 -12.608 7.217   1.00 23.36 ? 73  THR A N   1 
ATOM   565  C  CA  . THR A 1 72  ? -11.371 -13.630 7.059   1.00 23.75 ? 73  THR A CA  1 
ATOM   566  C  C   . THR A 1 72  ? -12.762 -13.022 6.948   1.00 22.71 ? 73  THR A C   1 
ATOM   567  O  O   . THR A 1 72  ? -13.055 -11.997 7.571   1.00 22.41 ? 73  THR A O   1 
ATOM   568  C  CB  . THR A 1 72  ? -11.380 -14.635 8.234   1.00 23.70 ? 73  THR A CB  1 
ATOM   569  O  OG1 . THR A 1 72  ? -11.069 -13.957 9.459   1.00 27.06 ? 73  THR A OG1 1 
ATOM   570  C  CG2 . THR A 1 72  ? -10.374 -15.745 7.998   1.00 26.33 ? 73  THR A CG2 1 
ATOM   571  N  N   . GLN A 1 73  ? -13.607 -13.669 6.086   1.00 22.01 ? 74  GLN A N   1 
ATOM   572  C  CA  . GLN A 1 73  ? -15.034 -13.348 5.990   1.00 21.31 ? 74  GLN A CA  1 
ATOM   573  C  C   . GLN A 1 73  ? -15.250 -11.850 5.778   1.00 20.35 ? 74  GLN A C   1 
ATOM   574  O  O   . GLN A 1 73  ? -16.038 -11.213 6.471   1.00 19.71 ? 74  GLN A O   1 
ATOM   575  C  CB  . GLN A 1 73  ? -15.796 -13.867 7.221   1.00 21.51 ? 74  GLN A CB  1 
ATOM   576  C  CG  . GLN A 1 73  ? -15.955 -15.398 7.261   1.00 21.87 ? 74  GLN A CG  1 
ATOM   577  C  CD  . GLN A 1 73  ? -16.727 -15.909 8.474   1.00 22.47 ? 74  GLN A CD  1 
ATOM   578  O  OE1 . GLN A 1 73  ? -16.986 -17.110 8.595   1.00 26.28 ? 74  GLN A OE1 1 
ATOM   579  N  NE2 . GLN A 1 73  ? -17.088 -15.017 9.370   1.00 23.04 ? 74  GLN A NE2 1 
ATOM   580  N  N   . GLY A 1 74  ? -14.518 -11.306 4.812   1.00 19.74 ? 75  GLY A N   1 
ATOM   581  C  CA  . GLY A 1 74  ? -14.658 -9.915  4.401   1.00 19.35 ? 75  GLY A CA  1 
ATOM   582  C  C   . GLY A 1 74  ? -14.105 -8.868  5.349   1.00 19.03 ? 75  GLY A C   1 
ATOM   583  O  O   . GLY A 1 74  ? -14.313 -7.671  5.130   1.00 19.53 ? 75  GLY A O   1 
ATOM   584  N  N   . THR A 1 75  ? -13.398 -9.298  6.402   1.00 18.66 ? 76  THR A N   1 
ATOM   585  C  CA  . THR A 1 75  ? -12.913 -8.407  7.456   1.00 18.99 ? 76  THR A CA  1 
ATOM   586  C  C   . THR A 1 75  ? -11.397 -8.490  7.629   1.00 18.94 ? 76  THR A C   1 
ATOM   587  O  O   . THR A 1 75  ? -10.839 -9.572  7.824   1.00 18.26 ? 76  THR A O   1 
ATOM   588  C  CB  . THR A 1 75  ? -13.627 -8.683  8.803   1.00 19.79 ? 76  THR A CB  1 
ATOM   589  O  OG1 . THR A 1 75  ? -15.045 -8.579  8.620   1.00 21.35 ? 76  THR A OG1 1 
ATOM   590  C  CG2 . THR A 1 75  ? -13.191 -7.685  9.876   1.00 20.10 ? 76  THR A CG2 1 
ATOM   591  N  N   . LEU A 1 76  ? -10.747 -7.330  7.549   1.00 18.44 ? 77  LEU A N   1 
ATOM   592  C  CA  . LEU A 1 76  ? -9.308  -7.210  7.758   1.00 18.85 ? 77  LEU A CA  1 
ATOM   593  C  C   . LEU A 1 76  ? -9.034  -6.565  9.117   1.00 18.73 ? 77  LEU A C   1 
ATOM   594  O  O   . LEU A 1 76  ? -9.533  -5.476  9.408   1.00 18.36 ? 77  LEU A O   1 
ATOM   595  C  CB  . LEU A 1 76  ? -8.675  -6.393  6.623   1.00 18.98 ? 77  LEU A CB  1 
ATOM   596  C  CG  . LEU A 1 76  ? -7.186  -6.024  6.651   1.00 19.39 ? 77  LEU A CG  1 
ATOM   597  C  CD1 . LEU A 1 76  ? -6.285  -7.246  6.794   1.00 19.12 ? 77  LEU A CD1 1 
ATOM   598  C  CD2 . LEU A 1 76  ? -6.825  -5.237  5.398   1.00 19.02 ? 77  LEU A CD2 1 
ATOM   599  N  N   . THR A 1 77  ? -8.241  -7.248  9.940   1.00 18.32 ? 78  THR A N   1 
ATOM   600  C  CA  . THR A 1 77  ? -7.971  -6.801  11.306  1.00 19.54 ? 78  THR A CA  1 
ATOM   601  C  C   . THR A 1 77  ? -6.492  -6.933  11.669  1.00 19.12 ? 78  THR A C   1 
ATOM   602  O  O   . THR A 1 77  ? -5.869  -7.962  11.403  1.00 19.31 ? 78  THR A O   1 
ATOM   603  C  CB  . THR A 1 77  ? -8.815  -7.594  12.340  1.00 19.60 ? 78  THR A CB  1 
ATOM   604  O  OG1 . THR A 1 77  ? -10.150 -7.771  11.846  1.00 22.29 ? 78  THR A OG1 1 
ATOM   605  C  CG2 . THR A 1 77  ? -8.869  -6.864  13.679  1.00 21.41 ? 78  THR A CG2 1 
ATOM   606  N  N   . CYS A 1 78  ? -5.863  -5.879  12.177  1.00 18.46 ? 79  CYS A N   1 
ATOM   607  C  CA  . CYS A 1 78  ? -4.540  -5.941  12.789  1.00 18.64 ? 79  CYS A CA  1 
ATOM   608  C  C   . CYS A 1 78  ? -4.717  -6.404  14.226  1.00 20.13 ? 79  CYS A C   1 
ATOM   609  O  O   . CYS A 1 78  ? -5.530  -5.842  14.971  1.00 19.82 ? 79  CYS A O   1 
ATOM   610  C  CB  . CYS A 1 78  ? -3.874  -4.563  12.790  1.00 17.90 ? 79  CYS A CB  1 
ATOM   611  S  SG  . CYS A 1 78  ? -3.528  -3.924  11.167  1.00 13.86 ? 79  CYS A SG  1 
ATOM   612  N  N   . LYS A 1 79  ? -3.940  -7.409  14.612  1.00 22.07 ? 80  LYS A N   1 
ATOM   613  C  CA  . LYS A 1 79  ? -4.101  -8.086  15.903  1.00 24.20 ? 80  LYS A CA  1 
ATOM   614  C  C   . LYS A 1 79  ? -3.440  -7.363  17.080  1.00 25.10 ? 80  LYS A C   1 
ATOM   615  O  O   . LYS A 1 79  ? -2.625  -6.451  16.897  1.00 25.87 ? 80  LYS A O   1 
ATOM   616  C  CB  . LYS A 1 79  ? -3.570  -9.513  15.806  1.00 24.65 ? 80  LYS A CB  1 
ATOM   617  C  CG  . LYS A 1 79  ? -4.380  -10.441 14.905  1.00 26.53 ? 80  LYS A CG  1 
ATOM   618  C  CD  . LYS A 1 79  ? -4.053  -11.892 15.236  1.00 29.12 ? 80  LYS A CD  1 
ATOM   619  C  CE  . LYS A 1 79  ? -4.683  -12.852 14.247  1.00 31.87 ? 80  LYS A CE  1 
ATOM   620  N  NZ  . LYS A 1 79  ? -4.314  -14.273 14.569  1.00 33.22 ? 80  LYS A NZ  1 
ATOM   621  N  N   . GLY A 1 80  ? -3.797  -7.786  18.292  1.00 25.90 ? 81  GLY A N   1 
ATOM   622  C  CA  . GLY A 1 80  ? -3.331  -7.138  19.520  1.00 26.58 ? 81  GLY A CA  1 
ATOM   623  C  C   . GLY A 1 80  ? -1.888  -7.400  19.928  1.00 26.87 ? 81  GLY A C   1 
ATOM   624  O  O   . GLY A 1 80  ? -1.344  -6.666  20.752  1.00 27.51 ? 81  GLY A O   1 
ATOM   625  N  N   . ASP A 1 81  ? -1.256  -8.425  19.356  1.00 26.79 ? 82  ASP A N   1 
ATOM   626  C  CA  . ASP A 1 81  ? 0.125   -8.771  19.738  1.00 26.96 ? 82  ASP A CA  1 
ATOM   627  C  C   . ASP A 1 81  ? 1.233   -7.950  19.040  1.00 25.59 ? 82  ASP A C   1 
ATOM   628  O  O   . ASP A 1 81  ? 2.416   -8.223  19.215  1.00 26.33 ? 82  ASP A O   1 
ATOM   629  C  CB  . ASP A 1 81  ? 0.379   -10.278 19.589  1.00 27.66 ? 82  ASP A CB  1 
ATOM   630  C  CG  . ASP A 1 81  ? -0.021  -10.811 18.229  1.00 30.01 ? 82  ASP A CG  1 
ATOM   631  O  OD1 . ASP A 1 81  ? -1.018  -10.314 17.656  1.00 32.56 ? 82  ASP A OD1 1 
ATOM   632  O  OD2 . ASP A 1 81  ? 0.664   -11.736 17.734  1.00 32.45 ? 82  ASP A OD2 1 
ATOM   633  N  N   . ASN A 1 82  ? 0.850   -6.929  18.278  1.00 23.71 ? 83  ASN A N   1 
ATOM   634  C  CA  . ASN A 1 82  ? 1.822   -6.089  17.581  1.00 21.51 ? 83  ASN A CA  1 
ATOM   635  C  C   . ASN A 1 82  ? 2.494   -5.076  18.505  1.00 20.26 ? 83  ASN A C   1 
ATOM   636  O  O   . ASN A 1 82  ? 1.818   -4.440  19.312  1.00 20.01 ? 83  ASN A O   1 
ATOM   637  C  CB  . ASN A 1 82  ? 1.137   -5.358  16.421  1.00 21.23 ? 83  ASN A CB  1 
ATOM   638  C  CG  . ASN A 1 82  ? 0.750   -6.287  15.298  1.00 20.82 ? 83  ASN A CG  1 
ATOM   639  O  OD1 . ASN A 1 82  ? 1.578   -7.063  14.804  1.00 18.79 ? 83  ASN A OD1 1 
ATOM   640  N  ND2 . ASN A 1 82  ? -0.517  -6.222  14.883  1.00 19.29 ? 83  ASN A ND2 1 
ATOM   641  N  N   . ASN A 1 83  ? 3.815   -4.932  18.397  1.00 18.73 ? 84  ASN A N   1 
ATOM   642  C  CA  . ASN A 1 83  ? 4.515   -3.822  19.063  1.00 17.26 ? 84  ASN A CA  1 
ATOM   643  C  C   . ASN A 1 83  ? 4.214   -2.499  18.344  1.00 16.22 ? 84  ASN A C   1 
ATOM   644  O  O   . ASN A 1 83  ? 3.519   -2.516  17.335  1.00 15.43 ? 84  ASN A O   1 
ATOM   645  C  CB  . ASN A 1 83  ? 6.023   -4.105  19.248  1.00 17.19 ? 84  ASN A CB  1 
ATOM   646  C  CG  . ASN A 1 83  ? 6.838   -4.077  17.944  1.00 18.21 ? 84  ASN A CG  1 
ATOM   647  O  OD1 . ASN A 1 83  ? 6.406   -3.579  16.893  1.00 16.08 ? 84  ASN A OD1 1 
ATOM   648  N  ND2 . ASN A 1 83  ? 8.057   -4.604  18.032  1.00 18.38 ? 84  ASN A ND2 1 
ATOM   649  N  N   . ALA A 1 84  ? 4.708   -1.373  18.863  1.00 14.99 ? 85  ALA A N   1 
ATOM   650  C  CA  . ALA A 1 84  ? 4.431   -0.060  18.274  1.00 14.21 ? 85  ALA A CA  1 
ATOM   651  C  C   . ALA A 1 84  ? 4.759   0.031   16.775  1.00 13.68 ? 85  ALA A C   1 
ATOM   652  O  O   . ALA A 1 84  ? 3.970   0.570   16.014  1.00 13.95 ? 85  ALA A O   1 
ATOM   653  C  CB  . ALA A 1 84  ? 5.150   1.046   19.037  1.00 14.71 ? 85  ALA A CB  1 
ATOM   654  N  N   . CYS A 1 85  ? 5.919   -0.488  16.362  1.00 12.68 ? 86  CYS A N   1 
ATOM   655  C  CA  . CYS A 1 85  ? 6.282   -0.538  14.935  1.00 12.00 ? 86  CYS A CA  1 
ATOM   656  C  C   . CYS A 1 85  ? 5.324   -1.409  14.122  1.00 11.60 ? 86  CYS A C   1 
ATOM   657  O  O   . CYS A 1 85  ? 4.771   -0.950  13.121  1.00 11.64 ? 86  CYS A O   1 
ATOM   658  C  CB  . CYS A 1 85  ? 7.717   -1.020  14.766  1.00 11.81 ? 86  CYS A CB  1 
ATOM   659  S  SG  . CYS A 1 85  ? 8.216   -1.301  13.071  1.00 12.15 ? 86  CYS A SG  1 
ATOM   660  N  N   . ALA A 1 86  ? 5.112   -2.656  14.556  1.00 10.84 ? 87  ALA A N   1 
ATOM   661  C  CA  . ALA A 1 86  ? 4.203   -3.574  13.861  1.00 11.10 ? 87  ALA A CA  1 
ATOM   662  C  C   . ALA A 1 86  ? 2.762   -3.026  13.744  1.00 10.59 ? 87  ALA A C   1 
ATOM   663  O  O   . ALA A 1 86  ? 2.157   -3.090  12.669  1.00 11.36 ? 87  ALA A O   1 
ATOM   664  C  CB  . ALA A 1 86  ? 4.221   -4.949  14.518  1.00 10.52 ? 87  ALA A CB  1 
ATOM   665  N  N   . ALA A 1 87  ? 2.248   -2.466  14.835  1.00 10.43 ? 88  ALA A N   1 
ATOM   666  C  CA  . ALA A 1 87  ? 0.907   -1.880  14.893  1.00 10.27 ? 88  ALA A CA  1 
ATOM   667  C  C   . ALA A 1 87  ? 0.718   -0.708  13.912  1.00 10.34 ? 88  ALA A C   1 
ATOM   668  O  O   . ALA A 1 87  ? -0.301  -0.625  13.219  1.00 9.44  ? 88  ALA A O   1 
ATOM   669  C  CB  . ALA A 1 87  ? 0.597   -1.427  16.329  1.00 10.68 ? 88  ALA A CB  1 
ATOM   670  N  N   . SER A 1 88  ? 1.690   0.200   13.873  1.00 10.41 ? 89  SER A N   1 
ATOM   671  C  CA  . SER A 1 88  ? 1.666   1.326   12.941  1.00 11.35 ? 89  SER A CA  1 
ATOM   672  C  C   . SER A 1 88  ? 1.722   0.877   11.490  1.00 11.12 ? 89  SER A C   1 
ATOM   673  O  O   . SER A 1 88  ? 0.972   1.386   10.665  1.00 11.61 ? 89  SER A O   1 
ATOM   674  C  CB  . SER A 1 88  ? 2.835   2.287   13.197  1.00 11.52 ? 89  SER A CB  1 
ATOM   675  O  OG  . SER A 1 88  ? 2.659   2.976   14.420  1.00 16.13 ? 89  SER A OG  1 
ATOM   676  N  N   . VAL A 1 89  ? 2.630   -0.045  11.171  1.00 10.85 ? 90  VAL A N   1 
ATOM   677  C  CA  . VAL A 1 89  ? 2.770   -0.512  9.785   1.00 11.53 ? 90  VAL A CA  1 
ATOM   678  C  C   . VAL A 1 89  ? 1.540   -1.318  9.352   1.00 11.34 ? 90  VAL A C   1 
ATOM   679  O  O   . VAL A 1 89  ? 1.027   -1.126  8.250   1.00 11.14 ? 90  VAL A O   1 
ATOM   680  C  CB  . VAL A 1 89  ? 4.064   -1.328  9.567   1.00 11.34 ? 90  VAL A CB  1 
ATOM   681  C  CG1 . VAL A 1 89  ? 4.120   -1.868  8.138   1.00 13.20 ? 90  VAL A CG1 1 
ATOM   682  C  CG2 . VAL A 1 89  ? 5.282   -0.445  9.829   1.00 13.49 ? 90  VAL A CG2 1 
ATOM   683  N  N   . CYS A 1 90  ? 1.058   -2.153  10.167  1.00 11.41 ? 91  CYS A N   1 
ATOM   684  C  CA  . CYS A 1 90  ? -0.145  -2.931  9.859   1.00 11.71 ? 91  CYS A CA  1 
ATOM   685  C  C   . CYS A 1 90  ? -1.328  -2.022  9.544   1.00 12.07 ? 91  CYS A C   1 
ATOM   686  O  O   . CYS A 1 90  ? -2.088  -2.289  8.612   1.00 11.82 ? 91  CYS A O   1 
ATOM   687  C  CB  . CYS A 1 90  ? -0.507  -3.870  11.017  1.00 11.30 ? 91  CYS A CB  1 
ATOM   688  S  SG  . CYS A 1 90  ? -1.878  -5.009  10.671  1.00 11.79 ? 91  CYS A SG  1 
ATOM   689  N  N   . ASP A 1 91  ? -1.472  -0.952  10.325  1.00 12.85 ? 92  ASP A N   1 
ATOM   690  C  CA  . ASP A 1 91  ? -2.578  -0.011  10.160  1.00 13.69 ? 92  ASP A CA  1 
ATOM   691  C  C   . ASP A 1 91  ? -2.435  0.831   8.891   1.00 12.98 ? 92  ASP A C   1 
ATOM   692  O  O   . ASP A 1 91  ? -3.437  1.191   8.273   1.00 13.57 ? 92  ASP A O   1 
ATOM   693  C  CB  . ASP A 1 91  ? -2.713  0.890   11.387  1.00 14.16 ? 92  ASP A CB  1 
ATOM   694  C  CG  . ASP A 1 91  ? -4.132  1.385   11.591  1.00 19.13 ? 92  ASP A CG  1 
ATOM   695  O  OD1 . ASP A 1 91  ? -4.994  0.578   12.006  1.00 22.32 ? 92  ASP A OD1 1 
ATOM   696  O  OD2 . ASP A 1 91  ? -4.383  2.582   11.343  1.00 24.91 ? 92  ASP A OD2 1 
ATOM   697  N  N   . CYS A 1 92  ? -1.194  1.140   8.513   1.00 12.12 ? 93  CYS A N   1 
ATOM   698  C  CA  . CYS A 1 92  ? -0.913  1.824   7.249   1.00 11.80 ? 93  CYS A CA  1 
ATOM   699  C  C   . CYS A 1 92  ? -1.334  0.949   6.070   1.00 10.95 ? 93  CYS A C   1 
ATOM   700  O  O   . CYS A 1 92  ? -1.947  1.430   5.114   1.00 10.25 ? 93  CYS A O   1 
ATOM   701  C  CB  . CYS A 1 92  ? 0.575   2.174   7.130   1.00 11.23 ? 93  CYS A CB  1 
ATOM   702  S  SG  . CYS A 1 92  ? 1.213   3.331   8.368   1.00 12.80 ? 93  CYS A SG  1 
ATOM   703  N  N   . ASP A 1 93  ? -1.006  -0.340  6.160   1.00 10.82 ? 94  ASP A N   1 
ATOM   704  C  CA  . ASP A 1 93  ? -1.337  -1.325  5.133   1.00 11.23 ? 94  ASP A CA  1 
ATOM   705  C  C   . ASP A 1 93  ? -2.832  -1.635  5.074   1.00 11.31 ? 94  ASP A C   1 
ATOM   706  O  O   . ASP A 1 93  ? -3.398  -1.776  3.986   1.00 10.89 ? 94  ASP A O   1 
ATOM   707  C  CB  . ASP A 1 93  ? -0.545  -2.616  5.365   1.00 10.96 ? 94  ASP A CB  1 
ATOM   708  C  CG  . ASP A 1 93  ? 0.922   -2.481  4.994   1.00 11.96 ? 94  ASP A CG  1 
ATOM   709  O  OD1 . ASP A 1 93  ? 1.325   -1.407  4.501   1.00 12.42 ? 94  ASP A OD1 1 
ATOM   710  O  OD2 . ASP A 1 93  ? 1.675   -3.458  5.190   1.00 10.04 ? 94  ASP A OD2 1 
ATOM   711  N  N   . ARG A 1 94  ? -3.458  -1.743  6.245   1.00 11.44 ? 95  ARG A N   1 
ATOM   712  C  CA  . ARG A 1 94  ? -4.887  -2.034  6.354   1.00 12.51 ? 95  ARG A CA  1 
ATOM   713  C  C   . ARG A 1 94  ? -5.741  -0.913  5.760   1.00 12.72 ? 95  ARG A C   1 
ATOM   714  O  O   . ARG A 1 94  ? -6.662  -1.178  4.985   1.00 13.34 ? 95  ARG A O   1 
ATOM   715  C  CB  . ARG A 1 94  ? -5.271  -2.296  7.817   1.00 13.03 ? 95  ARG A CB  1 
ATOM   716  C  CG  . ARG A 1 94  ? -6.759  -2.497  8.059   1.00 16.54 ? 95  ARG A CG  1 
ATOM   717  C  CD  . ARG A 1 94  ? -7.059  -2.638  9.540   1.00 20.92 ? 95  ARG A CD  1 
ATOM   718  N  NE  . ARG A 1 94  ? -8.370  -2.087  9.877   1.00 27.42 ? 95  ARG A NE  1 
ATOM   719  C  CZ  . ARG A 1 94  ? -8.584  -0.828  10.253  1.00 28.55 ? 95  ARG A CZ  1 
ATOM   720  N  NH1 . ARG A 1 94  ? -7.574  0.031   10.347  1.00 30.05 ? 95  ARG A NH1 1 
ATOM   721  N  NH2 . ARG A 1 94  ? -9.815  -0.423  10.538  1.00 30.55 ? 95  ARG A NH2 1 
ATOM   722  N  N   . LEU A 1 95  ? -5.421  0.331   6.118   1.00 12.78 ? 96  LEU A N   1 
ATOM   723  C  CA  . LEU A 1 95  ? -6.147  1.502   5.619   1.00 13.27 ? 96  LEU A CA  1 
ATOM   724  C  C   . LEU A 1 95  ? -5.980  1.703   4.115   1.00 12.81 ? 96  LEU A C   1 
ATOM   725  O  O   . LEU A 1 95  ? -6.879  2.223   3.452   1.00 12.87 ? 96  LEU A O   1 
ATOM   726  C  CB  . LEU A 1 95  ? -5.726  2.772   6.370   1.00 13.35 ? 96  LEU A CB  1 
ATOM   727  C  CG  . LEU A 1 95  ? -6.195  2.959   7.818   1.00 16.36 ? 96  LEU A CG  1 
ATOM   728  C  CD1 . LEU A 1 95  ? -5.442  4.108   8.472   1.00 16.67 ? 96  LEU A CD1 1 
ATOM   729  C  CD2 . LEU A 1 95  ? -7.702  3.183   7.905   1.00 19.14 ? 96  LEU A CD2 1 
ATOM   730  N  N   . ALA A 1 96  ? -4.773  1.351   3.576   1.00 12.39 ? 97  ALA A N   1 
ATOM   731  C  CA  . ALA A 1 96  ? -4.536  1.380   2.120   1.00 12.66 ? 97  ALA A CA  1 
ATOM   732  C  C   . ALA A 1 96  ? -5.353  0.321   1.366   1.00 13.11 ? 97  ALA A C   1 
ATOM   733  O  O   . ALA A 1 96  ? -5.953  0.615   0.332   1.00 13.55 ? 97  ALA A O   1 
ATOM   734  C  CB  . ALA A 1 96  ? -3.039  1.218   1.809   1.00 12.09 ? 97  ALA A CB  1 
ATOM   735  N  N   . ALA A 1 97  ? -5.350  -0.913  1.868   1.00 13.40 ? 98  ALA A N   1 
ATOM   736  C  CA  . ALA A 1 97  ? -6.104  -2.015  1.248   1.00 14.11 ? 98  ALA A CA  1 
ATOM   737  C  C   . ALA A 1 97  ? -7.611  -1.728  1.156   1.00 15.01 ? 98  ALA A C   1 
ATOM   738  O  O   . ALA A 1 97  ? -8.249  -1.995  0.128   1.00 15.10 ? 98  ALA A O   1 
ATOM   739  C  CB  . ALA A 1 97  ? -5.846  -3.311  1.997   1.00 13.90 ? 98  ALA A CB  1 
ATOM   740  N  N   . ILE A 1 98  ? -8.159  -1.169  2.233   1.00 15.74 ? 99  ILE A N   1 
ATOM   741  C  CA  . ILE A 1 98  ? -9.542  -0.702  2.283   1.00 16.93 ? 99  ILE A CA  1 
ATOM   742  C  C   . ILE A 1 98  ? -9.776  0.456   1.303   1.00 16.74 ? 99  ILE A C   1 
ATOM   743  O  O   . ILE A 1 98  ? -10.778 0.464   0.588   1.00 17.13 ? 99  ILE A O   1 
ATOM   744  C  CB  . ILE A 1 98  ? -9.930  -0.282  3.727   1.00 16.53 ? 99  ILE A CB  1 
ATOM   745  C  CG1 . ILE A 1 98  ? -9.915  -1.506  4.657   1.00 17.85 ? 99  ILE A CG1 1 
ATOM   746  C  CG2 . ILE A 1 98  ? -11.299 0.390   3.756   1.00 18.76 ? 99  ILE A CG2 1 
ATOM   747  C  CD1 . ILE A 1 98  ? -9.998  -1.147  6.152   1.00 17.61 ? 99  ILE A CD1 1 
ATOM   748  N  N   . CYS A 1 99  ? -8.848  1.417   1.274   1.00 16.43 ? 100 CYS A N   1 
ATOM   749  C  CA  . CYS A 1 99  ? -8.885  2.533   0.319   1.00 16.45 ? 100 CYS A CA  1 
ATOM   750  C  C   . CYS A 1 99  ? -8.896  2.046   -1.140  1.00 16.63 ? 100 CYS A C   1 
ATOM   751  O  O   . CYS A 1 99  ? -9.686  2.542   -1.953  1.00 16.29 ? 100 CYS A O   1 
ATOM   752  C  CB  . CYS A 1 99  ? -7.698  3.485   0.551   1.00 15.89 ? 100 CYS A CB  1 
ATOM   753  S  SG  . CYS A 1 99  ? -7.879  5.147   -0.147  1.00 16.46 ? 100 CYS A SG  1 
ATOM   754  N  N   . PHE A 1 100 ? -8.020  1.086   -1.458  1.00 16.75 ? 101 PHE A N   1 
ATOM   755  C  CA  . PHE A 1 100 ? -7.925  0.492   -2.800  1.00 17.43 ? 101 PHE A CA  1 
ATOM   756  C  C   . PHE A 1 100 ? -9.258  -0.125  -3.249  1.00 18.41 ? 101 PHE A C   1 
ATOM   757  O  O   . PHE A 1 100 ? -9.628  -0.037  -4.416  1.00 18.35 ? 101 PHE A O   1 
ATOM   758  C  CB  . PHE A 1 100 ? -6.852  -0.601  -2.851  1.00 17.18 ? 101 PHE A CB  1 
ATOM   759  C  CG  . PHE A 1 100 ? -5.426  -0.103  -2.767  1.00 16.68 ? 101 PHE A CG  1 
ATOM   760  C  CD1 . PHE A 1 100 ? -5.125  1.231   -2.521  1.00 17.05 ? 101 PHE A CD1 1 
ATOM   761  C  CD2 . PHE A 1 100 ? -4.383  -1.003  -2.900  1.00 17.44 ? 101 PHE A CD2 1 
ATOM   762  C  CE1 . PHE A 1 100 ? -3.802  1.654   -2.423  1.00 17.39 ? 101 PHE A CE1 1 
ATOM   763  C  CE2 . PHE A 1 100 ? -3.067  -0.590  -2.815  1.00 17.55 ? 101 PHE A CE2 1 
ATOM   764  C  CZ  . PHE A 1 100 ? -2.779  0.742   -2.573  1.00 17.80 ? 101 PHE A CZ  1 
ATOM   765  N  N   . ALA A 1 101 ? -9.964  -0.758  -2.316  1.00 19.52 ? 102 ALA A N   1 
ATOM   766  C  CA  . ALA A 1 101 ? -11.209 -1.461  -2.634  1.00 20.64 ? 102 ALA A CA  1 
ATOM   767  C  C   . ALA A 1 101 ? -12.364 -0.510  -2.971  1.00 21.47 ? 102 ALA A C   1 
ATOM   768  O  O   . ALA A 1 101 ? -13.307 -0.893  -3.663  1.00 22.17 ? 102 ALA A O   1 
ATOM   769  C  CB  . ALA A 1 101 ? -11.592 -2.390  -1.501  1.00 20.25 ? 102 ALA A CB  1 
ATOM   770  N  N   . GLY A 1 102 ? -12.287 0.730   -2.492  1.00 22.25 ? 103 GLY A N   1 
ATOM   771  C  CA  . GLY A 1 102 ? -13.318 1.723   -2.781  1.00 23.54 ? 103 GLY A CA  1 
ATOM   772  C  C   . GLY A 1 102 ? -12.997 2.689   -3.910  1.00 24.36 ? 103 GLY A C   1 
ATOM   773  O  O   . GLY A 1 102 ? -13.836 3.512   -4.280  1.00 24.85 ? 103 GLY A O   1 
ATOM   774  N  N   . ALA A 1 103 ? -11.757 2.708   -4.380  1.00 24.40 ? 104 ALA A N   1 
ATOM   775  C  CA  . ALA A 1 103 ? -11.500 3.718   -5.406  1.00 25.04 ? 104 ALA A CA  1 
ATOM   776  C  C   . ALA A 1 103 ? -11.587 3.080   -6.764  1.00 25.19 ? 104 ALA A C   1 
ATOM   777  O  O   . ALA A 1 103 ? -11.230 1.910   -6.923  1.00 25.72 ? 104 ALA A O   1 
ATOM   778  C  CB  . ALA A 1 103 ? -10.143 4.361   -5.202  1.00 24.88 ? 104 ALA A CB  1 
ATOM   779  N  N   . PRO A 1 104 ? -11.995 3.837   -7.784  1.00 25.92 ? 105 PRO A N   1 
ATOM   780  C  CA  . PRO A 1 104 ? -12.093 3.327   -9.153  1.00 26.27 ? 105 PRO A CA  1 
ATOM   781  C  C   . PRO A 1 104 ? -10.724 3.142   -9.804  1.00 26.30 ? 105 PRO A C   1 
ATOM   782  O  O   . PRO A 1 104 ? -9.791  3.896   -9.515  1.00 26.13 ? 105 PRO A O   1 
ATOM   783  C  CB  . PRO A 1 104 ? -12.876 4.424   -9.892  1.00 26.54 ? 105 PRO A CB  1 
ATOM   784  C  CG  . PRO A 1 104 ? -13.384 5.354   -8.833  1.00 26.74 ? 105 PRO A CG  1 
ATOM   785  C  CD  . PRO A 1 104 ? -12.431 5.241   -7.698  1.00 26.07 ? 105 PRO A CD  1 
ATOM   786  N  N   . TYR A 1 105 ? -10.462 2.147   -10.681 1.00 26.29 ? 106 TYR A N   1 
ATOM   787  C  CA  . TYR A 1 105 ? -9.198  1.826   -11.335 1.00 26.28 ? 106 TYR A CA  1 
ATOM   788  C  C   . TYR A 1 105 ? -9.241  2.286   -12.792 1.00 27.18 ? 106 TYR A C   1 
ATOM   789  O  O   . TYR A 1 105 ? -10.025 1.769   -13.598 1.00 27.68 ? 106 TYR A O   1 
ATOM   790  C  CB  . TYR A 1 105 ? -8.877  0.330   -11.234 1.00 24.93 ? 106 TYR A CB  1 
ATOM   791  C  CG  . TYR A 1 105 ? -7.462  -0.004  -11.642 1.00 23.80 ? 106 TYR A CG  1 
ATOM   792  C  CD1 . TYR A 1 105 ? -7.112  -0.137  -12.994 1.00 22.64 ? 106 TYR A CD1 1 
ATOM   793  C  CD2 . TYR A 1 105 ? -6.462  -0.169  -10.682 1.00 22.13 ? 106 TYR A CD2 1 
ATOM   794  C  CE1 . TYR A 1 105 ? -5.806  -0.435  -13.375 1.00 21.71 ? 106 TYR A CE1 1 
ATOM   795  C  CE2 . TYR A 1 105 ? -5.149  -0.457  -11.051 1.00 21.35 ? 106 TYR A CE2 1 
ATOM   796  C  CZ  . TYR A 1 105 ? -4.830  -0.589  -12.401 1.00 21.80 ? 106 TYR A CZ  1 
ATOM   797  O  OH  . TYR A 1 105 ? -3.540  -0.878  -12.774 1.00 21.32 ? 106 TYR A OH  1 
ATOM   798  N  N   . ASN A 1 106 ? -8.401  3.271   -13.109 1.00 27.63 ? 107 ASN A N   1 
ATOM   799  C  CA  . ASN A 1 106 ? -8.315  3.843   -14.441 1.00 28.25 ? 107 ASN A CA  1 
ATOM   800  C  C   . ASN A 1 106 ? -7.093  3.280   -15.158 1.00 28.37 ? 107 ASN A C   1 
ATOM   801  O  O   . ASN A 1 106 ? -5.949  3.593   -14.797 1.00 27.84 ? 107 ASN A O   1 
ATOM   802  C  CB  . ASN A 1 106 ? -8.246  5.374   -14.345 1.00 28.64 ? 107 ASN A CB  1 
ATOM   803  C  CG  . ASN A 1 106 ? -8.269  6.074   -15.713 1.00 30.75 ? 107 ASN A CG  1 
ATOM   804  O  OD1 . ASN A 1 106 ? -8.049  5.460   -16.764 1.00 32.11 ? 107 ASN A OD1 1 
ATOM   805  N  ND2 . ASN A 1 106 ? -8.528  7.378   -15.691 1.00 32.76 ? 107 ASN A ND2 1 
ATOM   806  N  N   . ASP A 1 107 ? -7.344  2.463   -16.181 1.00 28.59 ? 108 ASP A N   1 
ATOM   807  C  CA  . ASP A 1 107 ? -6.281  1.782   -16.936 1.00 28.76 ? 108 ASP A CA  1 
ATOM   808  C  C   . ASP A 1 107 ? -5.272  2.749   -17.556 1.00 27.70 ? 108 ASP A C   1 
ATOM   809  O  O   . ASP A 1 107 ? -4.112  2.390   -17.768 1.00 27.96 ? 108 ASP A O   1 
ATOM   810  C  CB  . ASP A 1 107 ? -6.873  0.867   -18.017 1.00 29.61 ? 108 ASP A CB  1 
ATOM   811  C  CG  . ASP A 1 107 ? -7.615  -0.332  -17.438 1.00 32.63 ? 108 ASP A CG  1 
ATOM   812  O  OD1 . ASP A 1 107 ? -7.000  -1.149  -16.713 1.00 35.48 ? 108 ASP A OD1 1 
ATOM   813  O  OD2 . ASP A 1 107 ? -8.824  -0.470  -17.727 1.00 35.99 ? 108 ASP A OD2 1 
ATOM   814  N  N   . ALA A 1 108 ? -5.707  3.975   -17.827 1.00 27.01 ? 109 ALA A N   1 
ATOM   815  C  CA  . ALA A 1 108 ? -4.834  5.001   -18.397 1.00 26.39 ? 109 ALA A CA  1 
ATOM   816  C  C   . ALA A 1 108 ? -3.722  5.439   -17.429 1.00 25.92 ? 109 ALA A C   1 
ATOM   817  O  O   . ALA A 1 108 ? -2.655  5.883   -17.851 1.00 25.38 ? 109 ALA A O   1 
ATOM   818  C  CB  . ALA A 1 108 ? -5.650  6.207   -18.851 1.00 26.61 ? 109 ALA A CB  1 
ATOM   819  N  N   . ASN A 1 109 ? -3.978  5.286   -16.132 1.00 25.06 ? 110 ASN A N   1 
ATOM   820  C  CA  . ASN A 1 109 ? -3.052  5.747   -15.105 1.00 24.26 ? 110 ASN A CA  1 
ATOM   821  C  C   . ASN A 1 109 ? -2.022  4.705   -14.655 1.00 23.83 ? 110 ASN A C   1 
ATOM   822  O  O   . ASN A 1 109 ? -1.148  4.997   -13.830 1.00 23.04 ? 110 ASN A O   1 
ATOM   823  C  CB  . ASN A 1 109 ? -3.838  6.304   -13.917 1.00 24.59 ? 110 ASN A CB  1 
ATOM   824  C  CG  . ASN A 1 109 ? -4.511  7.638   -14.231 1.00 24.62 ? 110 ASN A CG  1 
ATOM   825  O  OD1 . ASN A 1 109 ? -5.522  7.993   -13.629 1.00 26.54 ? 110 ASN A OD1 1 
ATOM   826  N  ND2 . ASN A 1 109 ? -3.937  8.387   -15.163 1.00 25.32 ? 110 ASN A ND2 1 
ATOM   827  N  N   . TYR A 1 110 ? -2.131  3.493   -15.197 1.00 23.23 ? 111 TYR A N   1 
ATOM   828  C  CA  . TYR A 1 110 ? -1.145  2.446   -14.947 1.00 22.80 ? 111 TYR A CA  1 
ATOM   829  C  C   . TYR A 1 110 ? 0.141   2.757   -15.713 1.00 22.11 ? 111 TYR A C   1 
ATOM   830  O  O   . TYR A 1 110 ? 0.083   3.222   -16.858 1.00 22.71 ? 111 TYR A O   1 
ATOM   831  C  CB  . TYR A 1 110 ? -1.710  1.062   -15.317 1.00 23.05 ? 111 TYR A CB  1 
ATOM   832  C  CG  . TYR A 1 110 ? -0.751  -0.088  -15.102 1.00 24.09 ? 111 TYR A CG  1 
ATOM   833  C  CD1 . TYR A 1 110 ? -0.474  -0.575  -13.819 1.00 25.06 ? 111 TYR A CD1 1 
ATOM   834  C  CD2 . TYR A 1 110 ? -0.118  -0.692  -16.183 1.00 25.14 ? 111 TYR A CD2 1 
ATOM   835  C  CE1 . TYR A 1 110 ? 0.425   -1.631  -13.630 1.00 26.07 ? 111 TYR A CE1 1 
ATOM   836  C  CE2 . TYR A 1 110 ? 0.760   -1.743  -16.005 1.00 26.15 ? 111 TYR A CE2 1 
ATOM   837  C  CZ  . TYR A 1 110 ? 1.032   -2.205  -14.732 1.00 25.80 ? 111 TYR A CZ  1 
ATOM   838  O  OH  . TYR A 1 110 ? 1.917   -3.250  -14.578 1.00 27.60 ? 111 TYR A OH  1 
ATOM   839  N  N   . ASN A 1 111 ? 1.289   2.530   -15.070 1.00 20.86 ? 112 ASN A N   1 
ATOM   840  C  CA  . ASN A 1 111 ? 2.619   2.671   -15.698 1.00 20.89 ? 112 ASN A CA  1 
ATOM   841  C  C   . ASN A 1 111 ? 2.831   4.007   -16.438 1.00 20.13 ? 112 ASN A C   1 
ATOM   842  O  O   . ASN A 1 111 ? 3.253   4.035   -17.597 1.00 19.86 ? 112 ASN A O   1 
ATOM   843  C  CB  . ASN A 1 111 ? 2.907   1.460   -16.615 1.00 20.79 ? 112 ASN A CB  1 
ATOM   844  C  CG  . ASN A 1 111 ? 4.331   1.448   -17.188 1.00 22.34 ? 112 ASN A CG  1 
ATOM   845  O  OD1 . ASN A 1 111 ? 4.521   1.178   -18.377 1.00 23.39 ? 112 ASN A OD1 1 
ATOM   846  N  ND2 . ASN A 1 111 ? 5.329   1.714   -16.351 1.00 22.40 ? 112 ASN A ND2 1 
ATOM   847  N  N   . ILE A 1 112 ? 2.533   5.114   -15.762 1.00 19.13 ? 113 ILE A N   1 
ATOM   848  C  CA  . ILE A 1 112 ? 2.714   6.428   -16.368 1.00 18.58 ? 113 ILE A CA  1 
ATOM   849  C  C   . ILE A 1 112 ? 4.163   6.887   -16.238 1.00 18.23 ? 113 ILE A C   1 
ATOM   850  O  O   . ILE A 1 112 ? 4.934   6.338   -15.442 1.00 17.23 ? 113 ILE A O   1 
ATOM   851  C  CB  . ILE A 1 112 ? 1.699   7.517   -15.840 1.00 18.24 ? 113 ILE A CB  1 
ATOM   852  C  CG1 . ILE A 1 112 ? 1.909   7.821   -14.350 1.00 18.35 ? 113 ILE A CG1 1 
ATOM   853  C  CG2 . ILE A 1 112 ? 0.274   7.082   -16.108 1.00 18.96 ? 113 ILE A CG2 1 
ATOM   854  C  CD1 . ILE A 1 112 ? 1.293   9.157   -13.898 1.00 18.95 ? 113 ILE A CD1 1 
ATOM   855  N  N   . ASP A 1 113 ? 4.525   7.886   -17.043 1.00 17.97 ? 114 ASP A N   1 
ATOM   856  C  CA  . ASP A 1 113 ? 5.886   8.407   -17.084 1.00 18.52 ? 114 ASP A CA  1 
ATOM   857  C  C   . ASP A 1 113 ? 6.130   9.329   -15.885 1.00 18.51 ? 114 ASP A C   1 
ATOM   858  O  O   . ASP A 1 113 ? 5.768   10.503  -15.905 1.00 18.54 ? 114 ASP A O   1 
ATOM   859  C  CB  . ASP A 1 113 ? 6.116   9.137   -18.421 1.00 18.88 ? 114 ASP A CB  1 
ATOM   860  C  CG  . ASP A 1 113 ? 7.584   9.460   -18.684 1.00 19.51 ? 114 ASP A CG  1 
ATOM   861  O  OD1 . ASP A 1 113 ? 8.399   9.477   -17.740 1.00 21.15 ? 114 ASP A OD1 1 
ATOM   862  O  OD2 . ASP A 1 113 ? 7.916   9.711   -19.857 1.00 21.73 ? 114 ASP A OD2 1 
ATOM   863  N  N   . LEU A 1 114 ? 6.755   8.782   -14.848 1.00 18.66 ? 115 LEU A N   1 
ATOM   864  C  CA  . LEU A 1 114 ? 7.000   9.497   -13.596 1.00 19.01 ? 115 LEU A CA  1 
ATOM   865  C  C   . LEU A 1 114 ? 7.861   10.758  -13.758 1.00 19.09 ? 115 LEU A C   1 
ATOM   866  O  O   . LEU A 1 114 ? 7.568   11.808  -13.170 1.00 18.91 ? 115 LEU A O   1 
ATOM   867  C  CB  . LEU A 1 114 ? 7.648   8.553   -12.562 1.00 19.30 ? 115 LEU A CB  1 
ATOM   868  C  CG  . LEU A 1 114 ? 7.075   7.138   -12.363 1.00 20.08 ? 115 LEU A CG  1 
ATOM   869  C  CD1 . LEU A 1 114 ? 7.885   6.362   -11.318 1.00 21.32 ? 115 LEU A CD1 1 
ATOM   870  C  CD2 . LEU A 1 114 ? 5.606   7.189   -11.959 1.00 20.93 ? 115 LEU A CD2 1 
ATOM   871  N  N   . LYS A 1 115 ? 8.914   10.648  -14.560 1.00 18.85 ? 116 LYS A N   1 
ATOM   872  C  CA  . LYS A 1 115 ? 9.840   11.759  -14.794 1.00 19.34 ? 116 LYS A CA  1 
ATOM   873  C  C   . LYS A 1 115 ? 9.180   12.965  -15.459 1.00 18.74 ? 116 LYS A C   1 
ATOM   874  O  O   . LYS A 1 115 ? 9.534   14.112  -15.171 1.00 19.12 ? 116 LYS A O   1 
ATOM   875  C  CB  . LYS A 1 115 ? 11.038  11.281  -15.610 1.00 19.57 ? 116 LYS A CB  1 
ATOM   876  C  CG  . LYS A 1 115 ? 11.868  10.257  -14.853 1.00 22.71 ? 116 LYS A CG  1 
ATOM   877  C  CD  . LYS A 1 115 ? 12.950  9.632   -15.708 1.00 25.76 ? 116 LYS A CD  1 
ATOM   878  C  CE  . LYS A 1 115 ? 13.579  8.466   -14.967 1.00 27.22 ? 116 LYS A CE  1 
ATOM   879  N  NZ  . LYS A 1 115 ? 14.691  7.851   -15.756 1.00 30.17 ? 116 LYS A NZ  1 
ATOM   880  N  N   . ALA A 1 116 ? 8.223   12.694  -16.345 1.00 18.19 ? 117 ALA A N   1 
ATOM   881  C  CA  . ALA A 1 116 ? 7.495   13.730  -17.091 1.00 17.36 ? 117 ALA A CA  1 
ATOM   882  C  C   . ALA A 1 116 ? 6.286   14.270  -16.329 1.00 17.36 ? 117 ALA A C   1 
ATOM   883  O  O   . ALA A 1 116 ? 5.960   15.457  -16.416 1.00 16.60 ? 117 ALA A O   1 
ATOM   884  C  CB  . ALA A 1 116 ? 7.030   13.166  -18.414 1.00 17.28 ? 117 ALA A CB  1 
ATOM   885  N  N   . ARG A 1 117 ? 5.610   13.392  -15.598 1.00 17.39 ? 118 ARG A N   1 
ATOM   886  C  CA  . ARG A 1 117 ? 4.261   13.692  -15.121 1.00 18.67 ? 118 ARG A CA  1 
ATOM   887  C  C   . ARG A 1 117 ? 4.120   13.856  -13.606 1.00 18.89 ? 118 ARG A C   1 
ATOM   888  O  O   . ARG A 1 117 ? 3.065   14.271  -13.117 1.00 19.01 ? 118 ARG A O   1 
ATOM   889  C  CB  . ARG A 1 117 ? 3.276   12.645  -15.666 1.00 18.32 ? 118 ARG A CB  1 
ATOM   890  C  CG  . ARG A 1 117 ? 3.171   12.699  -17.194 1.00 20.17 ? 118 ARG A CG  1 
ATOM   891  C  CD  . ARG A 1 117 ? 2.324   11.583  -17.759 1.00 22.60 ? 118 ARG A CD  1 
ATOM   892  N  NE  . ARG A 1 117 ? 0.915   11.770  -17.438 1.00 24.27 ? 118 ARG A NE  1 
ATOM   893  C  CZ  . ARG A 1 117 ? -0.043  10.898  -17.732 1.00 25.24 ? 118 ARG A CZ  1 
ATOM   894  N  NH1 . ARG A 1 117 ? 0.257   9.769   -18.362 1.00 24.81 ? 118 ARG A NH1 1 
ATOM   895  N  NH2 . ARG A 1 117 ? -1.303  11.156  -17.393 1.00 24.34 ? 118 ARG A NH2 1 
ATOM   896  N  N   . CYS A 1 118 ? 5.180   13.549  -12.869 1.00 19.28 ? 119 CYS A N   1 
ATOM   897  C  CA  . CYS A 1 118 ? 5.097   13.551  -11.410 1.00 20.26 ? 119 CYS A CA  1 
ATOM   898  C  C   . CYS A 1 118 ? 6.046   14.581  -10.780 1.00 22.16 ? 119 CYS A C   1 
ATOM   899  O  O   . CYS A 1 118 ? 6.647   14.340  -9.737  1.00 22.67 ? 119 CYS A O   1 
ATOM   900  C  CB  . CYS A 1 118 ? 5.306   12.134  -10.858 1.00 19.58 ? 119 CYS A CB  1 
ATOM   901  S  SG  . CYS A 1 118 ? 4.075   10.939  -11.489 1.00 15.57 ? 119 CYS A SG  1 
ATOM   902  N  N   . ASN A 1 119 ? 6.161   15.737  -11.430 1.00 24.47 ? 120 ASN A N   1 
ATOM   903  C  CA  . ASN A 1 119 ? 6.937   16.854  -10.884 1.00 26.60 ? 120 ASN A CA  1 
ATOM   904  C  C   . ASN A 1 119 ? 6.085   17.766  -10.021 1.00 26.97 ? 120 ASN A C   1 
ATOM   905  O  O   . ASN A 1 119 ? 6.462   18.067  -8.889  1.00 28.21 ? 120 ASN A O   1 
ATOM   906  C  CB  . ASN A 1 119 ? 7.595   17.657  -12.000 1.00 27.40 ? 120 ASN A CB  1 
ATOM   907  C  CG  . ASN A 1 119 ? 8.475   16.802  -12.888 1.00 29.64 ? 120 ASN A CG  1 
ATOM   908  O  OD1 . ASN A 1 119 ? 9.293   16.014  -12.404 1.00 32.93 ? 120 ASN A OD1 1 
ATOM   909  N  ND2 . ASN A 1 119 ? 8.307   16.947  -14.197 1.00 32.57 ? 120 ASN A ND2 1 
ATOM   910  N  N   . ASP B 2 1   ? 6.157   -15.655 -7.460  1.00 65.55 ? 1   ASP B N   1 
ATOM   911  C  CA  . ASP B 2 1   ? 5.397   -14.447 -7.892  1.00 65.58 ? 1   ASP B CA  1 
ATOM   912  C  C   . ASP B 2 1   ? 6.340   -13.326 -8.334  1.00 65.61 ? 1   ASP B C   1 
ATOM   913  O  O   . ASP B 2 1   ? 6.687   -13.241 -9.518  1.00 65.63 ? 1   ASP B O   1 
ATOM   914  C  CB  . ASP B 2 1   ? 4.455   -13.973 -6.776  1.00 65.66 ? 1   ASP B CB  1 
ATOM   915  C  CG  . ASP B 2 1   ? 3.339   -13.059 -7.284  1.00 65.57 ? 1   ASP B CG  1 
ATOM   916  O  OD1 . ASP B 2 1   ? 3.326   -12.709 -8.486  1.00 65.32 ? 1   ASP B OD1 1 
ATOM   917  O  OD2 . ASP B 2 1   ? 2.467   -12.691 -6.465  1.00 65.58 ? 1   ASP B OD2 1 
ATOM   918  N  N   . ALA B 2 2   ? 6.746   -12.426 -7.444  1.00 65.50 ? 2   ALA B N   1 
ATOM   919  C  CA  . ALA B 2 2   ? 7.722   -11.356 -7.681  1.00 65.47 ? 2   ALA B CA  1 
ATOM   920  C  C   . ALA B 2 2   ? 8.350   -10.810 -6.399  1.00 65.43 ? 2   ALA B C   1 
ATOM   921  O  O   . ALA B 2 2   ? 7.919   -11.132 -5.286  1.00 65.40 ? 2   ALA B O   1 
ATOM   922  C  CB  . ALA B 2 2   ? 7.086   -10.213 -8.490  1.00 65.45 ? 2   ALA B CB  1 
ATOM   923  N  N   . GLU B 2 3   ? 9.255   -9.890  -6.708  1.00 65.37 ? 3   GLU B N   1 
ATOM   924  C  CA  . GLU B 2 3   ? 9.975   -9.049  -5.780  1.00 65.23 ? 3   GLU B CA  1 
ATOM   925  C  C   . GLU B 2 3   ? 10.005  -7.616  -6.373  1.00 65.07 ? 3   GLU B C   1 
ATOM   926  O  O   . GLU B 2 3   ? 10.957  -6.863  -6.196  1.00 64.96 ? 3   GLU B O   1 
ATOM   927  C  CB  . GLU B 2 3   ? 11.349  -9.615  -5.454  1.00 65.24 ? 3   GLU B CB  1 
ATOM   928  C  CG  . GLU B 2 3   ? 11.336  -10.408 -4.153  1.00 65.38 ? 3   GLU B CG  1 
ATOM   929  C  CD  . GLU B 2 3   ? 12.703  -10.928 -3.770  1.00 65.26 ? 3   GLU B CD  1 
ATOM   930  O  OE1 . GLU B 2 3   ? 13.453  -11.337 -4.679  1.00 64.87 ? 3   GLU B OE1 1 
ATOM   931  O  OE2 . GLU B 2 3   ? 13.021  -10.939 -2.557  1.00 65.27 ? 3   GLU B OE2 1 
ATOM   932  N  N   . PHE B 2 4   ? 8.928   -7.327  -7.086  1.00 64.86 ? 4   PHE B N   1 
ATOM   933  C  CA  . PHE B 2 4   ? 8.684   -5.967  -7.670  1.00 64.58 ? 4   PHE B CA  1 
ATOM   934  C  C   . PHE B 2 4   ? 8.575   -4.948  -6.527  1.00 64.26 ? 4   PHE B C   1 
ATOM   935  O  O   . PHE B 2 4   ? 8.107   -5.321  -5.454  1.00 64.25 ? 4   PHE B O   1 
ATOM   936  C  CB  . PHE B 2 4   ? 7.366   -5.987  -8.453  1.00 64.68 ? 4   PHE B CB  1 
ATOM   937  C  CG  . PHE B 2 4   ? 7.180   -4.935  -9.525  1.00 64.83 ? 4   PHE B CG  1 
ATOM   938  C  CD1 . PHE B 2 4   ? 6.005   -4.913  -10.280 1.00 64.92 ? 4   PHE B CD1 1 
ATOM   939  C  CD2 . PHE B 2 4   ? 8.171   -3.989  -9.802  1.00 64.63 ? 4   PHE B CD2 1 
ATOM   940  C  CE1 . PHE B 2 4   ? 5.807   -3.955  -11.276 1.00 64.73 ? 4   PHE B CE1 1 
ATOM   941  C  CE2 . PHE B 2 4   ? 7.985   -3.029  -10.795 1.00 64.93 ? 4   PHE B CE2 1 
ATOM   942  C  CZ  . PHE B 2 4   ? 6.799   -3.011  -11.535 1.00 64.91 ? 4   PHE B CZ  1 
ATOM   943  N  N   . ARG B 2 5   ? 8.987   -3.705  -6.743  1.00 63.80 ? 5   ARG B N   1 
ATOM   944  C  CA  . ARG B 2 5   ? 9.034   -2.829  -5.575  1.00 63.19 ? 5   ARG B CA  1 
ATOM   945  C  C   . ARG B 2 5   ? 7.758   -2.008  -5.379  1.00 62.66 ? 5   ARG B C   1 
ATOM   946  O  O   . ARG B 2 5   ? 7.506   -1.020  -6.085  1.00 62.60 ? 5   ARG B O   1 
ATOM   947  C  CB  . ARG B 2 5   ? 10.287  -1.945  -5.575  1.00 63.28 ? 5   ARG B CB  1 
ATOM   948  C  CG  . ARG B 2 5   ? 10.893  -1.738  -4.183  1.00 63.29 ? 5   ARG B CG  1 
ATOM   949  C  CD  . ARG B 2 5   ? 11.763  -2.928  -3.747  1.00 63.46 ? 5   ARG B CD  1 
ATOM   950  N  NE  . ARG B 2 5   ? 10.968  -4.081  -3.301  1.00 63.87 ? 5   ARG B NE  1 
ATOM   951  C  CZ  . ARG B 2 5   ? 10.858  -4.488  -2.034  1.00 64.06 ? 5   ARG B CZ  1 
ATOM   952  N  NH1 . ARG B 2 5   ? 11.499  -3.855  -1.058  1.00 63.88 ? 5   ARG B NH1 1 
ATOM   953  N  NH2 . ARG B 2 5   ? 10.109  -5.548  -1.741  1.00 64.06 ? 5   ARG B NH2 1 
ATOM   954  N  N   . HIS B 2 6   ? 7.111   -2.631  -4.371  1.00 61.94 ? 6   HIS B N   1 
ATOM   955  C  CA  . HIS B 2 6   ? 5.935   -2.203  -3.711  1.00 61.21 ? 6   HIS B CA  1 
ATOM   956  C  C   . HIS B 2 6   ? 4.589   -2.597  -4.260  1.00 60.50 ? 6   HIS B C   1 
ATOM   957  O  O   . HIS B 2 6   ? 4.479   -3.418  -5.164  1.00 60.52 ? 6   HIS B O   1 
ATOM   958  C  CB  . HIS B 2 6   ? 6.011   -0.701  -3.753  1.00 61.39 ? 6   HIS B CB  1 
ATOM   959  C  CG  . HIS B 2 6   ? 5.496   -0.195  -2.409  1.00 61.61 ? 6   HIS B CG  1 
ATOM   960  N  ND1 . HIS B 2 6   ? 5.984   0.911   -1.779  1.00 62.00 ? 6   HIS B ND1 1 
ATOM   961  C  CD2 . HIS B 2 6   ? 4.515   -0.702  -1.625  1.00 61.93 ? 6   HIS B CD2 1 
ATOM   962  C  CE1 . HIS B 2 6   ? 5.310   1.079   -0.656  1.00 62.04 ? 6   HIS B CE1 1 
ATOM   963  N  NE2 . HIS B 2 6   ? 4.416   0.111   -0.558  1.00 61.80 ? 6   HIS B NE2 1 
ATOM   964  N  N   . ASP B 2 7   ? 3.581   -1.955  -3.670  1.00 59.43 ? 7   ASP B N   1 
ATOM   965  C  CA  . ASP B 2 7   ? 2.268   -1.806  -4.286  1.00 58.43 ? 7   ASP B CA  1 
ATOM   966  C  C   . ASP B 2 7   ? 1.649   -0.507  -3.751  1.00 57.74 ? 7   ASP B C   1 
ATOM   967  O  O   . ASP B 2 7   ? 0.437   -0.288  -3.836  1.00 57.40 ? 7   ASP B O   1 
ATOM   968  C  CB  . ASP B 2 7   ? 1.396   -3.012  -3.928  1.00 58.46 ? 7   ASP B CB  1 
ATOM   969  C  CG  . ASP B 2 7   ? 2.217   -4.252  -3.605  1.00 58.26 ? 7   ASP B CG  1 
ATOM   970  O  OD1 . ASP B 2 7   ? 2.823   -4.306  -2.509  1.00 58.27 ? 7   ASP B OD1 1 
ATOM   971  O  OD2 . ASP B 2 7   ? 2.260   -5.175  -4.442  1.00 59.02 ? 7   ASP B OD2 1 
ATOM   972  N  N   . SER B 2 8   ? 2.572   0.308   -3.237  1.00 56.93 ? 8   SER B N   1 
ATOM   973  C  CA  . SER B 2 8   ? 2.338   1.548   -2.472  1.00 56.34 ? 8   SER B CA  1 
ATOM   974  C  C   . SER B 2 8   ? 0.915   1.934   -2.064  1.00 56.15 ? 8   SER B C   1 
ATOM   975  O  O   . SER B 2 8   ? 0.741   2.954   -1.389  1.00 55.78 ? 8   SER B O   1 
ATOM   976  C  CB  . SER B 2 8   ? 3.013   2.733   -3.151  1.00 56.10 ? 8   SER B CB  1 
ATOM   977  O  OG  . SER B 2 8   ? 4.406   2.763   -2.855  1.00 54.87 ? 8   SER B OG  1 
HETATM 978  CA CA  . CA  C 3 .   ? 5.271   5.059   -3.408  1.00 37.64 ? 201 CA  A CA  1 
HETATM 979  O  O   . HOH D 4 .   ? 2.653   4.765   -12.856 1.00 22.03 ? 202 HOH A O   1 
HETATM 980  O  O   . HOH D 4 .   ? 4.340   -3.957  5.419   1.00 10.72 ? 203 HOH A O   1 
HETATM 981  O  O   . HOH D 4 .   ? 3.985   5.171   -9.182  1.00 19.61 ? 204 HOH A O   1 
HETATM 982  O  O   . HOH D 4 .   ? 5.903   4.104   -14.256 1.00 19.62 ? 205 HOH A O   1 
HETATM 983  O  O   . HOH D 4 .   ? 8.014   -7.974  16.798  1.00 39.82 ? 206 HOH A O   1 
HETATM 984  O  O   . HOH D 4 .   ? -12.134 -4.899  6.814   1.00 25.63 ? 207 HOH A O   1 
HETATM 985  O  O   . HOH D 4 .   ? 11.273  0.448   4.811   1.00 23.87 ? 208 HOH A O   1 
HETATM 986  O  O   . HOH D 4 .   ? 5.494   -7.123  17.077  1.00 27.73 ? 209 HOH A O   1 
HETATM 987  O  O   . HOH D 4 .   ? 11.522  -3.250  11.489  1.00 17.44 ? 210 HOH A O   1 
HETATM 988  O  O   . HOH D 4 .   ? 10.429  10.603  -19.794 1.00 21.95 ? 211 HOH A O   1 
HETATM 989  O  O   . HOH D 4 .   ? 10.028  -8.451  11.233  1.00 27.64 ? 212 HOH A O   1 
HETATM 990  O  O   . HOH D 4 .   ? -6.857  10.663  -13.964 1.00 42.66 ? 213 HOH A O   1 
HETATM 991  O  O   . HOH D 4 .   ? -0.631  -12.643 10.547  1.00 25.98 ? 214 HOH A O   1 
HETATM 992  O  O   . HOH D 4 .   ? -9.085  6.267   -8.964  1.00 23.64 ? 215 HOH A O   1 
HETATM 993  O  O   . HOH D 4 .   ? 7.197   5.698   1.498   1.00 38.51 ? 216 HOH A O   1 
HETATM 994  O  O   . HOH D 4 .   ? 11.819  -5.809  10.836  1.00 19.92 ? 217 HOH A O   1 
HETATM 995  O  O   . HOH D 4 .   ? -8.977  3.637   4.270   1.00 38.30 ? 218 HOH A O   1 
HETATM 996  O  O   . HOH D 4 .   ? 15.522  4.466   8.450   1.00 34.66 ? 219 HOH A O   1 
HETATM 997  O  O   . HOH D 4 .   ? 13.411  3.174   10.983  1.00 34.48 ? 220 HOH A O   1 
HETATM 998  O  O   . HOH D 4 .   ? 11.893  0.061   -8.224  1.00 48.32 ? 221 HOH A O   1 
HETATM 999  O  O   . HOH D 4 .   ? -3.044  5.820   6.783   1.00 32.26 ? 222 HOH A O   1 
HETATM 1000 O  O   . HOH D 4 .   ? -2.755  -1.752  14.338  1.00 22.40 ? 223 HOH A O   1 
HETATM 1001 O  O   . HOH D 4 .   ? 6.688   9.810   -8.222  1.00 21.47 ? 224 HOH A O   1 
HETATM 1002 O  O   . HOH D 4 .   ? 8.045   -9.338  2.138   1.00 29.01 ? 225 HOH A O   1 
HETATM 1003 O  O   . HOH D 4 .   ? 10.680  -7.397  17.030  1.00 46.15 ? 226 HOH A O   1 
HETATM 1004 O  O   . HOH D 4 .   ? 12.666  1.183   -11.090 1.00 76.38 ? 227 HOH A O   1 
HETATM 1005 O  O   . HOH D 4 .   ? -7.464  -3.535  12.844  1.00 24.37 ? 228 HOH A O   1 
HETATM 1006 O  O   . HOH D 4 .   ? -3.603  -10.478 -6.670  1.00 52.90 ? 229 HOH A O   1 
HETATM 1007 O  O   . HOH D 4 .   ? 10.476  -9.489  5.993   1.00 33.09 ? 230 HOH A O   1 
HETATM 1008 O  O   . HOH D 4 .   ? -2.038  -13.876 12.681  1.00 64.94 ? 231 HOH A O   1 
HETATM 1009 O  O   . HOH D 4 .   ? -9.282  -0.222  -7.009  1.00 24.23 ? 232 HOH A O   1 
HETATM 1010 O  O   . HOH D 4 .   ? 2.449   -0.711  -19.616 1.00 50.37 ? 233 HOH A O   1 
HETATM 1011 O  O   . HOH D 4 .   ? 10.263  10.128  -4.141  1.00 47.69 ? 234 HOH A O   1 
HETATM 1012 O  O   . HOH D 4 .   ? -2.258  4.059   4.580   1.00 16.30 ? 235 HOH A O   1 
HETATM 1013 O  O   . HOH D 4 .   ? -4.150  4.837   2.253   1.00 16.97 ? 236 HOH A O   1 
HETATM 1014 O  O   . HOH D 4 .   ? -10.824 -2.710  9.221   1.00 41.82 ? 238 HOH A O   1 
HETATM 1015 O  O   . HOH D 4 .   ? -6.091  -11.561 -6.504  1.00 63.85 ? 239 HOH A O   1 
HETATM 1016 O  O   . HOH D 4 .   ? 0.792   21.015  -9.261  1.00 41.03 ? 240 HOH A O   1 
HETATM 1017 O  O   . HOH D 4 .   ? -12.062 -12.101 3.691   1.00 45.83 ? 241 HOH A O   1 
HETATM 1018 O  O   . HOH D 4 .   ? 3.637   -9.027  15.619  1.00 39.88 ? 242 HOH A O   1 
HETATM 1019 O  O   . HOH D 4 .   ? 1.506   4.277   -19.730 1.00 31.67 ? 243 HOH A O   1 
HETATM 1020 O  O   . HOH D 4 .   ? 7.408   5.973   -3.067  1.00 49.14 ? 244 HOH A O   1 
HETATM 1021 O  O   . HOH D 4 .   ? 1.104   -1.452  20.101  1.00 41.72 ? 245 HOH A O   1 
HETATM 1022 O  O   . HOH D 4 .   ? 5.369   -8.384  19.442  1.00 58.80 ? 246 HOH A O   1 
HETATM 1023 O  O   . HOH D 4 .   ? 13.492  2.673   7.758   1.00 50.98 ? 247 HOH A O   1 
HETATM 1024 O  O   . HOH D 4 .   ? 11.092  8.367   5.462   1.00 56.14 ? 248 HOH A O   1 
HETATM 1025 O  O   . HOH D 4 .   ? -13.329 -11.943 10.818  1.00 45.86 ? 249 HOH A O   1 
HETATM 1026 O  O   . HOH D 4 .   ? -10.368 -10.261 10.681  1.00 36.63 ? 250 HOH A O   1 
HETATM 1027 O  O   . HOH D 4 .   ? 5.625   9.876   1.333   1.00 23.68 ? 251 HOH A O   1 
HETATM 1028 O  O   . HOH D 4 .   ? 2.563   5.669   10.809  1.00 28.56 ? 252 HOH A O   1 
HETATM 1029 O  O   . HOH D 4 .   ? -2.304  5.082   10.288  1.00 47.01 ? 253 HOH A O   1 
HETATM 1030 O  O   . HOH D 4 .   ? 17.254  6.981   -14.702 1.00 49.71 ? 254 HOH A O   1 
HETATM 1031 O  O   . HOH D 4 .   ? 5.555   16.608  -13.979 1.00 23.84 ? 255 HOH A O   1 
HETATM 1032 O  O   . HOH D 4 .   ? -13.206 -5.842  0.085   1.00 46.26 ? 256 HOH A O   1 
HETATM 1033 O  O   . HOH D 4 .   ? 14.135  5.402   13.334  1.00 40.15 ? 258 HOH A O   1 
HETATM 1034 O  O   . HOH D 4 .   ? 14.572  -0.388  18.403  1.00 28.24 ? 259 HOH A O   1 
HETATM 1035 O  O   . HOH D 4 .   ? 9.863   7.939   -16.065 1.00 52.43 ? 260 HOH A O   1 
HETATM 1036 O  O   . HOH D 4 .   ? 16.428  0.329   10.754  1.00 54.70 ? 261 HOH A O   1 
HETATM 1037 O  O   . HOH D 4 .   ? -7.482  -12.982 -3.984  1.00 45.38 ? 262 HOH A O   1 
HETATM 1038 O  O   . HOH D 4 .   ? -11.455 -5.462  11.948  1.00 50.18 ? 263 HOH A O   1 
HETATM 1039 O  O   . HOH D 4 .   ? 0.333   14.066  -11.764 1.00 29.37 ? 264 HOH A O   1 
HETATM 1040 O  O   . HOH D 4 .   ? -13.612 1.165   0.496   1.00 52.47 ? 265 HOH A O   1 
HETATM 1041 O  O   . HOH D 4 .   ? 7.588   4.559   -16.328 1.00 52.92 ? 266 HOH A O   1 
HETATM 1042 O  O   . HOH D 4 .   ? -2.298  -3.711  16.099  1.00 28.97 ? 267 HOH A O   1 
HETATM 1043 O  O   . HOH D 4 .   ? 10.495  19.091  -14.670 1.00 63.65 ? 268 HOH A O   1 
HETATM 1044 O  O   . HOH D 4 .   ? 7.719   0.526   -13.687 1.00 59.41 ? 269 HOH A O   1 
HETATM 1045 O  O   . HOH D 4 .   ? -13.211 -5.459  -3.788  1.00 40.21 ? 270 HOH A O   1 
HETATM 1046 O  O   . HOH D 4 .   ? 2.783   -12.617 11.876  1.00 38.61 ? 271 HOH A O   1 
HETATM 1047 O  O   . HOH D 4 .   ? 5.721   3.865   -10.537 1.00 47.73 ? 272 HOH A O   1 
HETATM 1048 O  O   . HOH D 4 .   ? -3.313  9.302   -17.713 1.00 34.14 ? 273 HOH A O   1 
HETATM 1049 O  O   . HOH D 4 .   ? 9.811   -7.690  3.026   1.00 45.86 ? 275 HOH A O   1 
HETATM 1050 O  O   . HOH D 4 .   ? 0.020   3.979   11.187  1.00 20.38 ? 276 HOH A O   1 
HETATM 1051 O  O   . HOH D 4 .   ? -9.487  -15.634 4.537   1.00 34.41 ? 277 HOH A O   1 
HETATM 1052 O  O   . HOH D 4 .   ? 10.939  9.315   7.893   1.00 32.22 ? 278 HOH A O   1 
HETATM 1053 O  O   . HOH D 4 .   ? 9.470   4.809   2.895   1.00 53.08 ? 279 HOH A O   1 
HETATM 1054 O  O   . HOH D 4 .   ? 5.628   -12.782 6.256   1.00 48.35 ? 280 HOH A O   1 
HETATM 1055 O  O   . HOH D 4 .   ? 2.212   -13.271 15.591  1.00 50.12 ? 281 HOH A O   1 
HETATM 1056 O  O   . HOH D 4 .   ? -6.156  -3.571  -15.900 1.00 58.09 ? 282 HOH A O   1 
HETATM 1057 O  O   . HOH D 4 .   ? -10.463 -2.368  -8.165  1.00 42.22 ? 283 HOH A O   1 
HETATM 1058 O  O   . HOH D 4 .   ? -0.761  -13.967 16.654  1.00 40.03 ? 284 HOH A O   1 
HETATM 1059 O  O   . HOH D 4 .   ? -11.450 -12.038 1.024   1.00 40.48 ? 285 HOH A O   1 
HETATM 1060 O  O   . HOH D 4 .   ? -5.770  -8.150  -5.276  1.00 45.53 ? 286 HOH A O   1 
HETATM 1061 O  O   . HOH D 4 .   ? 10.355  0.441   -12.833 1.00 46.70 ? 287 HOH A O   1 
HETATM 1062 O  O   . HOH D 4 .   ? 2.182   15.557  -2.630  1.00 56.72 ? 288 HOH A O   1 
HETATM 1063 O  O   . HOH D 4 .   ? -3.775  -1.692  -16.676 1.00 58.26 ? 289 HOH A O   1 
HETATM 1064 O  O   . HOH D 4 .   ? -12.692 0.042   -10.678 1.00 44.71 ? 290 HOH A O   1 
HETATM 1065 O  O   . HOH D 4 .   ? -4.186  12.795  -0.331  1.00 31.85 ? 291 HOH A O   1 
HETATM 1066 O  O   . HOH D 4 .   ? -12.823 -6.840  -5.949  1.00 55.80 ? 292 HOH A O   1 
HETATM 1067 O  O   . HOH D 4 .   ? 10.711  6.954   2.621   1.00 76.91 ? 294 HOH A O   1 
HETATM 1068 O  O   . HOH D 4 .   ? -1.278  2.668   -19.085 1.00 48.86 ? 295 HOH A O   1 
HETATM 1069 O  O   . HOH D 4 .   ? -0.816  -4.375  19.476  1.00 46.62 ? 296 HOH A O   1 
HETATM 1070 O  O   . HOH D 4 .   ? 6.809   12.625  12.514  1.00 53.60 ? 297 HOH A O   1 
HETATM 1071 O  O   . HOH D 4 .   ? 13.907  8.197   14.636  1.00 40.08 ? 298 HOH A O   1 
HETATM 1072 O  O   . HOH D 4 .   ? 15.832  7.925   10.675  1.00 45.54 ? 299 HOH A O   1 
HETATM 1073 O  O   . HOH D 4 .   ? -10.587 9.317   -9.135  1.00 47.68 ? 301 HOH A O   1 
HETATM 1074 O  O   . HOH D 4 .   ? -9.965  2.176   -17.009 1.00 70.38 ? 302 HOH A O   1 
HETATM 1075 O  O   . HOH D 4 .   ? 13.282  8.183   9.436   1.00 47.23 ? 303 HOH A O   1 
HETATM 1076 O  O   . HOH D 4 .   ? 2.771   16.327  -10.605 1.00 35.28 ? 304 HOH A O   1 
HETATM 1077 O  O   . HOH D 4 .   ? 10.309  2.194   3.353   1.00 60.35 ? 305 HOH A O   1 
# 
